data_3LTN
#
_entry.id   3LTN
#
_cell.length_a   122.507
_cell.length_b   122.507
_cell.length_c   178.303
_cell.angle_alpha   90.00
_cell.angle_beta   90.00
_cell.angle_gamma   120.00
#
_symmetry.space_group_name_H-M   'P 32'
#
loop_
_entity.id
_entity.type
_entity.pdbx_description
1 polymer 'DNA topoisomerase 4 subunit A'
2 polymer 'DNA topoisomerase 4 subunit B'
3 polymer "5'-D(*AP*CP*CP*AP*AP*GP*GP*T*CP*AP*TP*GP*AP*AP*T)-3'"
4 polymer "5'-D(P*AP*GP*TP*CP*AP*TP*TP*CP*AP*TP*GP*AP*CP*CP*TP*TP*GP*GP*T)-3'"
5 polymer "5'-D(*CP*TP*GP*TP*TP*TP*TP*A*CP*GP*TP*GP*CP*AP*T)-3'"
6 polymer "5'-D(P*GP*AP*CP*TP*AP*TP*GP*CP*AP*CP*GP*TP*AP*AP*AP*AP*CP*AP*G)-3'"
7 non-polymer 'MAGNESIUM ION'
8 non-polymer 3-amino-7-{(3R)-3-[(1S)-1-aminoethyl]pyrrolidin-1-yl}-1-cyclopropyl-6-fluoro-8-methylquinazoline-2,4(1H,3H)-dione
9 water water
#
loop_
_entity_poly.entity_id
_entity_poly.type
_entity_poly.pdbx_seq_one_letter_code
_entity_poly.pdbx_strand_id
1 'polypeptide(L)'
;MSNIQNMSLEDIMGERFGRYSKYIIQDRALPDIRDGLKPVQRRILYSMNKDSNTFDKSYRKSAKSVGNIMGNFHPHGDSS
IYDAMVRMSQNWKNREILVEMHGNNGSMDGDPPAAMRYTEARLSEIAGYLLQDIEKKTVPFAWNFDDTEKEPTVLPAAFP
NLLVNGSTGISAGYATDIPPHNLAEVIDAAVYMIDHPTAKIDKLMEFLPGPDFPTGAIIQGRDEIKKAYETGKGRVVVRS
KTEIEKLKGGKEQIVITEIPYEINKANLVKKIDDVRVNNKVAGIAEVRDESDRDGLRIAIELKKDANTELVLNYLFKYTD
LQINYNFNMVAIDNFTPRQVGIVPILSSYIAHRREVILARSRFDKEKAEKRLHIVEGLIRVISILDEVIALIRASENKAD
AKENLKVSYDFTEEQAEAIVTLQLYRLTNTDVVVLQEEEAELREKIAMLAAIIGDERTMYNLMKKELREVKKKFATPRLS
SLEDTAKALEHHHHHH
;
A,B
2 'polypeptide(L)'
;MGHHHHHHHHHHSSGHIDDDDKHMKNKKDKGLLSGKLTPAQSKNPAKNELYLVEGDSAGGSAKQGRDRKFQAILPLRGKV
INTAKAKMADILKNEEINTMIYTIGAGVGADFSIEDANYDKIIIMTDADTDGAHIQTLLLTFFYRYMRPLVEAGHVYIAL
PPLYKMSKGKGKKEEVAYAWTDGELEELRKQFGKGATLQRYKGLGEMNADQLWETTMNPETRTLIRVTIEDLARAERRVN
VLMGDKVEPRRKWIEDNVKFTLEEATVF
;
C,D
3 'polydeoxyribonucleotide' (DA)(DC)(DC)(DA)(DA)(DG)(DG)(DT)(DC)(DA)(DT)(DG)(DA)(DA)(DT) E
4 'polydeoxyribonucleotide' (DA)(DG)(DT)(DC)(DA)(DT)(DT)(DC)(DA)(DT)(DG)(DA)(DC)(DC)(DT)(DT)(DG)(DG)(DT) F
5 'polydeoxyribonucleotide' (DC)(DT)(DG)(DT)(DT)(DT)(DT)(DA)(DC)(DG)(DT)(DG)(DC)(DA)(DT) G
6 'polydeoxyribonucleotide' (DG)(DA)(DC)(DT)(DA)(DT)(DG)(DC)(DA)(DC)(DG)(DT)(DA)(DA)(DA)(DA)(DC)(DA)(DG) H
#
# COMPACT_ATOMS: atom_id res chain seq x y z
N ASN A 3 1.63 -33.00 -24.19
CA ASN A 3 1.69 -31.57 -23.93
C ASN A 3 1.81 -30.75 -25.22
N ILE A 4 0.70 -30.64 -25.95
CA ILE A 4 0.60 -29.68 -27.04
C ILE A 4 -0.83 -29.59 -27.51
N GLN A 5 -1.29 -28.38 -27.78
CA GLN A 5 -2.64 -28.18 -28.24
C GLN A 5 -2.58 -27.45 -29.56
N ASN A 6 -3.61 -27.61 -30.37
CA ASN A 6 -3.71 -26.84 -31.59
C ASN A 6 -5.01 -26.05 -31.55
N MET A 7 -4.92 -24.76 -31.85
CA MET A 7 -6.07 -23.88 -31.91
C MET A 7 -5.86 -22.97 -33.11
N SER A 8 -6.92 -22.53 -33.78
CA SER A 8 -6.66 -21.66 -34.92
C SER A 8 -6.41 -20.24 -34.45
N LEU A 9 -6.01 -19.39 -35.38
CA LEU A 9 -5.69 -18.01 -35.08
C LEU A 9 -7.03 -17.31 -35.01
N GLU A 10 -7.92 -17.77 -35.87
CA GLU A 10 -9.28 -17.25 -35.94
C GLU A 10 -10.03 -17.49 -34.63
N ASP A 11 -9.99 -18.72 -34.13
CA ASP A 11 -10.66 -19.09 -32.86
C ASP A 11 -10.02 -18.57 -31.57
N ILE A 12 -8.71 -18.36 -31.58
CA ILE A 12 -8.03 -17.70 -30.47
C ILE A 12 -8.41 -16.24 -30.32
N MET A 13 -8.20 -15.45 -31.38
CA MET A 13 -8.47 -14.02 -31.32
C MET A 13 -9.90 -13.72 -30.87
N GLY A 14 -10.88 -14.33 -31.51
CA GLY A 14 -12.26 -14.07 -31.16
C GLY A 14 -12.53 -14.23 -29.67
N GLU A 15 -12.12 -15.37 -29.11
CA GLU A 15 -12.29 -15.64 -27.67
C GLU A 15 -11.51 -14.72 -26.74
N ARG A 16 -10.21 -14.55 -27.01
CA ARG A 16 -9.41 -13.66 -26.22
C ARG A 16 -10.01 -12.26 -26.26
N PHE A 17 -10.25 -11.75 -27.47
CA PHE A 17 -10.74 -10.38 -27.55
C PHE A 17 -12.06 -10.30 -26.85
N GLY A 18 -12.81 -11.39 -26.91
CA GLY A 18 -14.12 -11.45 -26.30
C GLY A 18 -13.98 -11.21 -24.82
N ARG A 19 -13.09 -11.98 -24.20
CA ARG A 19 -12.81 -11.83 -22.79
C ARG A 19 -12.50 -10.37 -22.46
N TYR A 20 -11.46 -9.83 -23.10
CA TYR A 20 -11.02 -8.48 -22.81
C TYR A 20 -12.14 -7.46 -23.03
N SER A 21 -12.74 -7.50 -24.21
CA SER A 21 -13.76 -6.53 -24.50
C SER A 21 -14.79 -6.56 -23.39
N LYS A 22 -15.25 -7.76 -23.05
CA LYS A 22 -16.30 -7.91 -22.04
C LYS A 22 -15.98 -7.23 -20.69
N TYR A 23 -14.86 -7.62 -20.11
CA TYR A 23 -14.40 -7.11 -18.82
C TYR A 23 -14.17 -5.60 -18.86
N ILE A 24 -13.58 -5.12 -19.96
CA ILE A 24 -13.35 -3.70 -20.19
C ILE A 24 -14.66 -2.90 -20.34
N ILE A 25 -15.63 -3.48 -21.03
CA ILE A 25 -16.94 -2.86 -21.23
C ILE A 25 -17.74 -2.78 -19.93
N GLN A 26 -17.85 -3.91 -19.24
CA GLN A 26 -18.53 -3.98 -17.96
C GLN A 26 -17.68 -3.47 -16.77
N ASP A 27 -16.78 -4.33 -16.34
CA ASP A 27 -16.00 -4.18 -15.12
C ASP A 27 -14.79 -3.25 -15.07
N ARG A 28 -14.51 -2.47 -16.11
CA ARG A 28 -13.45 -1.44 -15.99
C ARG A 28 -13.90 0.00 -16.26
N ALA A 29 -14.27 0.25 -17.51
CA ALA A 29 -14.37 1.61 -18.01
C ALA A 29 -15.76 2.21 -17.91
N LEU A 30 -16.78 1.39 -17.86
CA LEU A 30 -18.11 1.96 -17.92
C LEU A 30 -18.83 2.01 -16.57
N PRO A 31 -19.55 3.11 -16.33
CA PRO A 31 -20.35 3.42 -15.14
C PRO A 31 -21.58 2.54 -15.11
N ASP A 32 -22.01 2.20 -13.91
CA ASP A 32 -23.32 1.60 -13.74
C ASP A 32 -24.31 2.76 -13.82
N ILE A 33 -25.39 2.57 -14.57
CA ILE A 33 -26.37 3.63 -14.77
C ILE A 33 -27.05 3.99 -13.46
N ARG A 34 -26.92 3.13 -12.45
CA ARG A 34 -27.63 3.29 -11.17
C ARG A 34 -26.88 4.12 -10.14
N ASP A 35 -25.71 3.65 -9.71
CA ASP A 35 -24.94 4.39 -8.73
C ASP A 35 -23.89 5.26 -9.42
N GLY A 36 -23.80 5.10 -10.74
CA GLY A 36 -22.95 5.94 -11.57
C GLY A 36 -21.49 5.75 -11.26
N LEU A 37 -21.19 4.58 -10.71
CA LEU A 37 -19.84 4.23 -10.32
C LEU A 37 -19.17 3.27 -11.33
N LYS A 38 -17.84 3.34 -11.42
CA LYS A 38 -17.06 2.27 -12.03
C LYS A 38 -16.48 1.46 -10.89
N PRO A 39 -16.20 0.18 -11.15
CA PRO A 39 -15.86 -0.80 -10.12
C PRO A 39 -14.71 -0.34 -9.23
N VAL A 40 -13.69 0.32 -9.78
CA VAL A 40 -12.60 0.80 -8.94
C VAL A 40 -13.15 1.78 -7.93
N GLN A 41 -13.89 2.75 -8.43
CA GLN A 41 -14.48 3.75 -7.56
C GLN A 41 -15.29 3.06 -6.49
N ARG A 42 -16.15 2.12 -6.91
CA ARG A 42 -17.06 1.50 -5.96
C ARG A 42 -16.30 0.71 -4.93
N ARG A 43 -15.24 0.06 -5.37
CA ARG A 43 -14.43 -0.72 -4.44
C ARG A 43 -13.74 0.21 -3.45
N ILE A 44 -13.24 1.33 -3.95
CA ILE A 44 -12.66 2.35 -3.08
C ILE A 44 -13.65 2.81 -2.00
N LEU A 45 -14.82 3.28 -2.41
CA LEU A 45 -15.84 3.69 -1.48
C LEU A 45 -16.13 2.56 -0.52
N TYR A 46 -16.36 1.39 -1.06
CA TYR A 46 -16.80 0.31 -0.20
C TYR A 46 -15.76 -0.07 0.80
N SER A 47 -14.50 -0.10 0.38
CA SER A 47 -13.43 -0.53 1.27
C SER A 47 -13.20 0.53 2.32
N MET A 48 -12.92 1.75 1.89
CA MET A 48 -12.66 2.82 2.84
C MET A 48 -13.79 2.84 3.87
N ASN A 49 -15.02 2.74 3.40
CA ASN A 49 -16.17 2.72 4.31
C ASN A 49 -16.19 1.54 5.28
N LYS A 50 -16.05 0.34 4.75
CA LYS A 50 -16.01 -0.85 5.60
C LYS A 50 -14.91 -0.72 6.65
N ASP A 51 -13.75 -0.24 6.23
CA ASP A 51 -12.58 0.03 7.07
C ASP A 51 -12.69 1.21 8.03
N SER A 52 -13.87 1.49 8.54
CA SER A 52 -14.24 2.79 9.09
C SER A 52 -13.37 4.05 8.79
N ASN A 53 -13.15 4.32 7.51
CA ASN A 53 -12.47 5.54 7.05
C ASN A 53 -13.46 6.59 6.61
N THR A 54 -14.45 6.85 7.46
CA THR A 54 -15.48 7.86 7.18
C THR A 54 -14.95 9.28 7.39
N PHE A 55 -15.72 10.25 6.90
CA PHE A 55 -15.38 11.68 6.95
C PHE A 55 -15.33 12.24 8.35
N ASP A 56 -16.03 11.60 9.28
CA ASP A 56 -16.15 12.09 10.65
C ASP A 56 -15.00 11.63 11.54
N LYS A 57 -14.11 10.80 11.01
CA LYS A 57 -13.01 10.29 11.80
C LYS A 57 -11.71 10.73 11.16
N SER A 58 -10.58 10.41 11.79
CA SER A 58 -9.29 10.92 11.35
C SER A 58 -8.95 10.49 9.91
N TYR A 59 -8.19 11.34 9.21
CA TYR A 59 -7.73 11.01 7.86
C TYR A 59 -6.74 9.87 8.02
N ARG A 60 -6.62 9.03 6.98
CA ARG A 60 -5.68 7.91 7.00
C ARG A 60 -4.83 7.68 5.75
N LYS A 61 -3.53 7.72 5.98
CA LYS A 61 -2.46 7.32 5.05
C LYS A 61 -2.84 6.60 3.77
N SER A 62 -3.10 7.34 2.70
CA SER A 62 -3.53 6.74 1.42
C SER A 62 -2.95 5.35 1.09
N ALA A 63 -1.64 5.17 1.26
CA ALA A 63 -1.04 3.88 0.93
C ALA A 63 -1.75 2.70 1.61
N LYS A 64 -2.16 2.91 2.85
CA LYS A 64 -2.92 1.93 3.61
C LYS A 64 -4.27 1.61 2.98
N SER A 65 -5.02 2.66 2.63
CA SER A 65 -6.30 2.51 1.92
C SER A 65 -6.14 1.62 0.70
N VAL A 66 -5.14 1.93 -0.12
CA VAL A 66 -4.91 1.25 -1.38
C VAL A 66 -4.42 -0.18 -1.19
N GLY A 67 -3.44 -0.37 -0.33
CA GLY A 67 -2.98 -1.72 -0.07
C GLY A 67 -4.19 -2.57 0.25
N ASN A 68 -5.08 -2.02 1.07
CA ASN A 68 -6.27 -2.75 1.49
C ASN A 68 -7.25 -3.03 0.36
N ILE A 69 -7.47 -2.03 -0.50
CA ILE A 69 -8.34 -2.19 -1.66
C ILE A 69 -7.76 -3.24 -2.58
N MET A 70 -6.46 -3.15 -2.78
CA MET A 70 -5.76 -3.98 -3.74
C MET A 70 -5.69 -5.45 -3.32
N GLY A 71 -5.48 -5.68 -2.03
CA GLY A 71 -5.34 -7.02 -1.49
C GLY A 71 -6.66 -7.72 -1.25
N ASN A 72 -7.66 -6.93 -0.88
CA ASN A 72 -9.03 -7.42 -0.69
C ASN A 72 -10.00 -7.38 -1.87
N PHE A 73 -10.07 -6.28 -2.61
CA PHE A 73 -11.05 -6.18 -3.69
C PHE A 73 -10.61 -6.08 -5.17
N HIS A 74 -9.66 -5.20 -5.47
CA HIS A 74 -9.38 -4.80 -6.83
C HIS A 74 -8.09 -5.41 -7.33
N PRO A 75 -8.18 -6.41 -8.21
CA PRO A 75 -6.99 -7.17 -8.58
C PRO A 75 -6.01 -6.46 -9.50
N HIS A 76 -5.88 -5.13 -9.41
CA HIS A 76 -5.05 -4.41 -10.37
C HIS A 76 -4.01 -3.47 -9.77
N GLY A 77 -3.41 -2.67 -10.62
CA GLY A 77 -2.31 -1.80 -10.23
C GLY A 77 -2.70 -0.76 -9.20
N ASP A 78 -1.82 -0.57 -8.23
CA ASP A 78 -2.03 0.45 -7.22
C ASP A 78 -2.12 1.85 -7.85
N SER A 79 -1.33 2.10 -8.88
CA SER A 79 -1.36 3.38 -9.56
C SER A 79 -2.78 3.67 -10.05
N SER A 80 -3.44 2.66 -10.59
CA SER A 80 -4.78 2.82 -11.12
C SER A 80 -5.77 3.12 -10.00
N ILE A 81 -5.69 2.33 -8.95
CA ILE A 81 -6.51 2.52 -7.76
C ILE A 81 -6.30 3.91 -7.14
N TYR A 82 -5.04 4.26 -6.90
CA TYR A 82 -4.70 5.56 -6.34
C TYR A 82 -5.10 6.77 -7.18
N ASP A 83 -4.76 6.77 -8.46
CA ASP A 83 -5.13 7.89 -9.29
C ASP A 83 -6.64 8.10 -9.24
N ALA A 84 -7.39 7.02 -9.40
CA ALA A 84 -8.85 7.10 -9.34
C ALA A 84 -9.33 7.64 -8.00
N MET A 85 -8.64 7.24 -6.93
CA MET A 85 -8.90 7.81 -5.61
C MET A 85 -8.70 9.32 -5.65
N VAL A 86 -7.53 9.74 -6.11
CA VAL A 86 -7.19 11.15 -6.20
C VAL A 86 -8.23 11.96 -6.94
N ARG A 87 -8.72 11.41 -8.05
CA ARG A 87 -9.67 12.14 -8.88
C ARG A 87 -10.91 12.47 -8.07
N MET A 88 -11.39 11.47 -7.34
CA MET A 88 -12.57 11.61 -6.49
C MET A 88 -12.39 12.71 -5.43
N SER A 89 -11.14 13.05 -5.14
CA SER A 89 -10.78 14.16 -4.25
C SER A 89 -10.69 15.54 -4.91
N GLN A 90 -11.13 15.65 -6.15
CA GLN A 90 -10.87 16.86 -6.95
C GLN A 90 -12.07 17.78 -7.26
N ASN A 91 -12.33 18.75 -6.38
CA ASN A 91 -13.43 19.71 -6.58
C ASN A 91 -13.64 20.29 -8.00
N TRP A 92 -12.57 20.49 -8.77
CA TRP A 92 -12.73 20.92 -10.16
C TRP A 92 -13.25 19.86 -11.16
N LYS A 93 -12.75 18.62 -11.08
CA LYS A 93 -13.26 17.50 -11.90
C LYS A 93 -14.67 16.98 -11.52
N ASN A 94 -14.87 16.61 -10.25
CA ASN A 94 -16.22 16.24 -9.74
C ASN A 94 -17.01 17.43 -9.18
N ARG A 95 -18.34 17.40 -9.29
CA ARG A 95 -19.17 18.47 -8.71
C ARG A 95 -19.43 18.20 -7.25
N GLU A 96 -19.51 16.92 -6.90
CA GLU A 96 -19.53 16.55 -5.49
C GLU A 96 -18.48 15.50 -5.12
N ILE A 97 -17.29 16.00 -4.84
CA ILE A 97 -16.14 15.21 -4.44
C ILE A 97 -16.55 14.08 -3.49
N LEU A 98 -16.00 12.88 -3.68
CA LEU A 98 -16.37 11.78 -2.81
C LEU A 98 -15.19 11.28 -2.00
N VAL A 99 -14.09 12.00 -2.06
CA VAL A 99 -12.92 11.63 -1.29
C VAL A 99 -12.25 12.90 -0.83
N GLU A 100 -11.88 12.95 0.42
CA GLU A 100 -11.16 14.09 0.92
C GLU A 100 -9.71 13.67 1.05
N MET A 101 -8.82 14.40 0.40
CA MET A 101 -7.40 14.10 0.46
C MET A 101 -6.55 15.26 0.98
N HIS A 102 -5.63 14.94 1.89
CA HIS A 102 -4.78 15.93 2.55
C HIS A 102 -3.42 15.87 1.90
N GLY A 103 -2.95 17.00 1.41
CA GLY A 103 -1.70 17.05 0.70
C GLY A 103 -1.90 17.45 -0.74
N ASN A 104 -0.85 17.26 -1.52
CA ASN A 104 -0.88 17.63 -2.91
C ASN A 104 -1.66 16.61 -3.73
N ASN A 105 -2.91 16.95 -4.05
CA ASN A 105 -3.74 16.11 -4.89
C ASN A 105 -3.94 16.70 -6.27
N GLY A 106 -2.94 17.45 -6.74
CA GLY A 106 -3.04 18.08 -8.04
C GLY A 106 -3.71 19.46 -8.00
N SER A 107 -3.93 20.01 -9.18
CA SER A 107 -4.54 21.32 -9.33
C SER A 107 -5.07 21.45 -10.73
N MET A 108 -5.61 22.63 -11.03
CA MET A 108 -6.04 22.90 -12.39
C MET A 108 -4.84 23.17 -13.29
N ASP A 109 -3.80 23.82 -12.76
CA ASP A 109 -2.60 24.10 -13.56
C ASP A 109 -1.91 22.78 -13.92
N GLY A 110 -2.64 21.68 -13.73
CA GLY A 110 -2.27 20.39 -14.26
C GLY A 110 -1.17 19.60 -13.56
N ASP A 111 -0.68 20.10 -12.44
CA ASP A 111 0.44 19.45 -11.77
C ASP A 111 0.13 18.07 -11.17
N PRO A 112 1.20 17.28 -10.95
CA PRO A 112 1.24 15.88 -10.52
C PRO A 112 0.93 15.71 -9.04
N PRO A 113 -0.19 15.05 -8.75
CA PRO A 113 -0.56 14.76 -7.37
C PRO A 113 0.60 14.07 -6.67
N ALA A 114 0.76 14.31 -5.38
CA ALA A 114 1.80 13.66 -4.61
C ALA A 114 1.50 12.18 -4.50
N ALA A 115 2.53 11.39 -4.27
CA ALA A 115 2.40 9.94 -4.20
C ALA A 115 1.51 9.49 -3.05
N MET A 116 0.99 8.27 -3.15
CA MET A 116 0.12 7.75 -2.10
C MET A 116 0.88 7.64 -0.80
N ARG A 117 2.21 7.71 -0.88
CA ARG A 117 3.04 7.62 0.31
C ARG A 117 3.18 8.95 1.05
N TYR A 118 2.66 10.02 0.47
CA TYR A 118 2.69 11.32 1.12
C TYR A 118 1.30 11.73 1.62
N THR A 119 0.27 11.34 0.88
CA THR A 119 -1.07 11.85 1.14
C THR A 119 -1.78 11.11 2.25
N GLU A 120 -2.97 11.61 2.60
CA GLU A 120 -3.84 11.01 3.60
C GLU A 120 -5.23 11.24 3.10
N ALA A 121 -6.13 10.30 3.35
CA ALA A 121 -7.47 10.48 2.83
C ALA A 121 -8.53 9.88 3.72
N ARG A 122 -9.74 10.41 3.60
CA ARG A 122 -10.92 9.76 4.12
C ARG A 122 -12.02 9.91 3.09
N LEU A 123 -13.17 9.28 3.30
CA LEU A 123 -14.22 9.42 2.32
C LEU A 123 -14.82 10.76 2.62
N SER A 124 -15.69 11.27 1.77
CA SER A 124 -16.34 12.51 2.11
C SER A 124 -17.60 12.20 2.91
N GLU A 125 -18.43 13.22 3.11
CA GLU A 125 -19.64 13.08 3.89
C GLU A 125 -20.73 12.50 2.99
N ILE A 126 -20.88 13.14 1.84
CA ILE A 126 -21.91 12.78 0.88
C ILE A 126 -21.75 11.34 0.37
N ALA A 127 -20.52 10.85 0.33
CA ALA A 127 -20.24 9.46 -0.09
C ALA A 127 -20.93 8.41 0.80
N GLY A 128 -20.99 8.68 2.10
CA GLY A 128 -21.71 7.81 3.00
C GLY A 128 -23.12 7.61 2.49
N TYR A 129 -23.70 8.68 1.97
CA TYR A 129 -25.00 8.58 1.33
C TYR A 129 -25.11 7.50 0.23
N LEU A 130 -24.13 7.41 -0.67
CA LEU A 130 -24.14 6.31 -1.65
C LEU A 130 -24.19 4.94 -0.96
N LEU A 131 -23.38 4.79 0.09
CA LEU A 131 -23.31 3.55 0.86
C LEU A 131 -24.47 3.33 1.83
N GLN A 132 -25.30 4.35 2.02
CA GLN A 132 -26.38 4.31 3.01
C GLN A 132 -27.26 3.06 2.97
N ASP A 133 -27.37 2.36 4.09
CA ASP A 133 -28.22 1.17 4.18
C ASP A 133 -27.57 -0.10 3.64
N ILE A 134 -26.32 -0.01 3.20
CA ILE A 134 -25.65 -1.16 2.61
C ILE A 134 -25.62 -2.32 3.58
N GLU A 135 -25.63 -2.01 4.86
CA GLU A 135 -25.53 -3.01 5.93
C GLU A 135 -26.86 -3.68 6.19
N LYS A 136 -27.89 -3.26 5.47
CA LYS A 136 -29.20 -3.85 5.68
C LYS A 136 -29.66 -4.57 4.41
N LYS A 137 -28.80 -5.44 3.91
CA LYS A 137 -29.14 -6.33 2.80
C LYS A 137 -30.07 -5.70 1.77
N THR A 138 -29.58 -4.61 1.16
CA THR A 138 -30.39 -3.75 0.31
C THR A 138 -29.97 -3.92 -1.12
N VAL A 139 -29.01 -4.81 -1.34
CA VAL A 139 -28.25 -4.77 -2.58
C VAL A 139 -27.42 -6.04 -2.78
N PRO A 140 -27.24 -6.41 -4.05
CA PRO A 140 -26.62 -7.66 -4.50
C PRO A 140 -25.12 -7.73 -4.20
N PHE A 141 -24.68 -8.81 -3.54
CA PHE A 141 -23.27 -9.01 -3.20
C PHE A 141 -22.64 -10.16 -3.97
N ALA A 142 -21.34 -10.05 -4.22
CA ALA A 142 -20.58 -11.08 -4.92
C ALA A 142 -19.36 -11.43 -4.09
N TRP A 143 -18.64 -12.46 -4.52
CA TRP A 143 -17.42 -12.81 -3.81
C TRP A 143 -16.25 -12.09 -4.43
N ASN A 144 -15.29 -11.70 -3.59
CA ASN A 144 -14.06 -11.13 -4.06
C ASN A 144 -13.27 -12.22 -4.75
N PHE A 145 -12.22 -11.86 -5.47
CA PHE A 145 -11.41 -12.84 -6.18
C PHE A 145 -10.83 -13.94 -5.27
N ASP A 146 -10.44 -13.58 -4.06
CA ASP A 146 -9.95 -14.55 -3.09
C ASP A 146 -11.00 -15.59 -2.71
N ASP A 147 -12.27 -15.20 -2.89
CA ASP A 147 -13.41 -15.94 -2.34
C ASP A 147 -13.30 -15.98 -0.83
N THR A 148 -13.14 -14.80 -0.24
CA THR A 148 -12.90 -14.71 1.20
C THR A 148 -13.76 -13.62 1.82
N GLU A 149 -14.50 -12.91 0.97
CA GLU A 149 -15.15 -11.69 1.39
C GLU A 149 -16.11 -11.27 0.30
N LYS A 150 -17.19 -10.61 0.67
CA LYS A 150 -18.18 -10.24 -0.33
C LYS A 150 -18.15 -8.74 -0.63
N GLU A 151 -18.66 -8.39 -1.80
CA GLU A 151 -18.43 -7.11 -2.41
C GLU A 151 -19.77 -6.63 -2.97
N PRO A 152 -20.11 -5.35 -2.76
CA PRO A 152 -21.34 -4.91 -3.42
C PRO A 152 -21.11 -4.79 -4.94
N THR A 153 -22.05 -5.25 -5.75
CA THR A 153 -21.98 -5.00 -7.20
C THR A 153 -22.50 -3.62 -7.53
N VAL A 154 -23.24 -3.04 -6.59
CA VAL A 154 -23.86 -1.73 -6.75
C VAL A 154 -24.12 -1.11 -5.37
N LEU A 155 -24.01 0.20 -5.26
CA LEU A 155 -24.32 0.84 -3.98
C LEU A 155 -25.77 1.31 -3.91
N PRO A 156 -26.32 1.38 -2.69
CA PRO A 156 -27.68 1.84 -2.41
C PRO A 156 -27.98 3.19 -3.04
N ALA A 157 -26.95 3.99 -3.26
CA ALA A 157 -27.04 5.23 -4.02
C ALA A 157 -28.17 6.19 -3.60
N ALA A 158 -28.01 6.79 -2.42
CA ALA A 158 -29.06 7.64 -1.85
C ALA A 158 -29.32 8.93 -2.64
N PHE A 159 -28.48 9.22 -3.62
CA PHE A 159 -28.77 10.25 -4.63
C PHE A 159 -28.34 9.73 -6.01
N PRO A 160 -28.63 10.48 -7.09
CA PRO A 160 -28.30 10.11 -8.48
C PRO A 160 -26.88 10.51 -8.91
N ASN A 161 -25.88 9.87 -8.31
CA ASN A 161 -24.49 10.18 -8.61
C ASN A 161 -24.17 10.15 -10.09
N LEU A 162 -24.81 9.25 -10.85
CA LEU A 162 -24.52 9.14 -12.27
C LEU A 162 -24.61 10.49 -12.96
N LEU A 163 -25.77 11.15 -12.81
CA LEU A 163 -25.98 12.47 -13.39
C LEU A 163 -25.19 13.57 -12.69
N VAL A 164 -25.13 13.50 -11.36
CA VAL A 164 -24.46 14.55 -10.60
C VAL A 164 -22.97 14.65 -10.92
N ASN A 165 -22.22 13.59 -10.65
CA ASN A 165 -20.77 13.62 -10.91
C ASN A 165 -20.33 13.32 -12.34
N GLY A 166 -21.14 12.57 -13.09
CA GLY A 166 -20.83 12.30 -14.48
C GLY A 166 -19.85 11.16 -14.66
N SER A 167 -19.16 11.12 -15.81
CA SER A 167 -18.26 10.01 -16.11
C SER A 167 -17.53 10.10 -17.45
N THR A 168 -16.25 9.75 -17.48
CA THR A 168 -15.56 9.40 -18.73
C THR A 168 -14.37 8.47 -18.46
N GLY A 169 -14.14 7.47 -19.32
CA GLY A 169 -15.06 7.03 -20.34
C GLY A 169 -14.51 6.38 -21.60
N ILE A 170 -13.50 5.50 -21.50
CA ILE A 170 -13.00 4.81 -22.72
C ILE A 170 -12.82 3.29 -22.63
N SER A 171 -13.67 2.54 -23.32
CA SER A 171 -13.61 1.08 -23.23
C SER A 171 -13.43 0.45 -24.60
N ALA A 172 -13.94 -0.77 -24.79
CA ALA A 172 -13.83 -1.45 -26.07
C ALA A 172 -15.15 -1.44 -26.84
N GLY A 173 -15.19 -0.69 -27.94
CA GLY A 173 -16.40 -0.62 -28.73
C GLY A 173 -17.34 0.48 -28.29
N TYR A 174 -17.17 0.94 -27.06
CA TYR A 174 -17.95 2.07 -26.58
C TYR A 174 -17.06 3.06 -25.86
N ALA A 175 -17.49 4.32 -25.84
CA ALA A 175 -16.97 5.30 -24.90
C ALA A 175 -18.12 5.90 -24.10
N THR A 176 -17.81 6.63 -23.03
CA THR A 176 -18.85 7.35 -22.33
C THR A 176 -18.32 8.70 -21.86
N ASP A 177 -19.06 9.76 -22.19
CA ASP A 177 -18.82 11.07 -21.63
C ASP A 177 -20.15 11.61 -21.11
N ILE A 178 -20.17 11.93 -19.82
CA ILE A 178 -21.33 12.51 -19.16
C ILE A 178 -20.82 13.64 -18.27
N PRO A 179 -21.47 14.82 -18.37
CA PRO A 179 -21.06 16.02 -17.65
C PRO A 179 -21.75 16.11 -16.29
N PRO A 180 -21.17 16.87 -15.35
CA PRO A 180 -21.77 17.01 -14.02
C PRO A 180 -23.10 17.77 -14.04
N HIS A 181 -23.91 17.55 -13.02
CA HIS A 181 -25.19 18.23 -12.88
C HIS A 181 -25.46 18.58 -11.41
N ASN A 182 -26.15 19.70 -11.21
CA ASN A 182 -26.56 20.17 -9.89
C ASN A 182 -27.38 19.18 -9.05
N LEU A 183 -26.78 18.58 -8.02
CA LEU A 183 -27.55 17.63 -7.19
C LEU A 183 -29.00 18.08 -7.03
N ALA A 184 -29.19 19.33 -6.62
CA ALA A 184 -30.52 19.81 -6.34
C ALA A 184 -31.43 19.63 -7.55
N GLU A 185 -31.02 20.23 -8.67
CA GLU A 185 -31.79 20.16 -9.91
C GLU A 185 -32.14 18.71 -10.28
N VAL A 186 -31.15 17.82 -10.24
CA VAL A 186 -31.37 16.44 -10.65
C VAL A 186 -32.41 15.75 -9.80
N ILE A 187 -32.36 16.02 -8.50
CA ILE A 187 -33.29 15.40 -7.59
C ILE A 187 -34.70 15.88 -7.89
N ASP A 188 -34.83 17.16 -8.24
CA ASP A 188 -36.14 17.71 -8.63
C ASP A 188 -36.72 16.99 -9.84
N ALA A 189 -35.87 16.68 -10.81
CA ALA A 189 -36.28 15.91 -11.97
C ALA A 189 -36.66 14.50 -11.54
N ALA A 190 -35.76 13.86 -10.82
CA ALA A 190 -36.01 12.51 -10.35
C ALA A 190 -37.39 12.48 -9.73
N VAL A 191 -37.62 13.40 -8.79
CA VAL A 191 -38.86 13.43 -8.02
C VAL A 191 -40.09 13.53 -8.91
N TYR A 192 -40.03 14.46 -9.85
CA TYR A 192 -41.17 14.63 -10.74
C TYR A 192 -41.48 13.29 -11.39
N MET A 193 -40.45 12.65 -11.93
CA MET A 193 -40.63 11.41 -12.67
C MET A 193 -41.26 10.32 -11.79
N ILE A 194 -41.02 10.40 -10.50
CA ILE A 194 -41.62 9.46 -9.56
C ILE A 194 -43.14 9.62 -9.56
N ASP A 195 -43.60 10.87 -9.47
CA ASP A 195 -45.02 11.18 -9.51
C ASP A 195 -45.62 10.92 -10.89
N HIS A 196 -45.21 11.73 -11.87
CA HIS A 196 -45.55 11.50 -13.27
C HIS A 196 -44.49 10.68 -14.03
N PRO A 197 -44.63 9.35 -14.04
CA PRO A 197 -43.66 8.43 -14.67
C PRO A 197 -43.45 8.71 -16.15
N THR A 198 -44.54 8.90 -16.87
CA THR A 198 -44.50 9.12 -18.31
C THR A 198 -44.03 10.55 -18.64
N ALA A 199 -43.13 11.08 -17.82
CA ALA A 199 -42.66 12.45 -17.97
C ALA A 199 -42.03 12.68 -19.34
N LYS A 200 -42.49 13.70 -20.05
CA LYS A 200 -41.90 14.10 -21.32
C LYS A 200 -40.63 14.92 -21.07
N ILE A 201 -39.65 14.81 -21.98
CA ILE A 201 -38.37 15.48 -21.77
C ILE A 201 -38.49 16.99 -21.60
N ASP A 202 -39.33 17.62 -22.39
CA ASP A 202 -39.52 19.06 -22.32
C ASP A 202 -39.80 19.55 -20.89
N LYS A 203 -40.75 18.90 -20.20
CA LYS A 203 -41.04 19.22 -18.80
C LYS A 203 -39.88 18.92 -17.85
N LEU A 204 -39.22 17.79 -18.06
CA LEU A 204 -38.08 17.40 -17.21
C LEU A 204 -36.97 18.46 -17.33
N MET A 205 -36.77 18.97 -18.55
CA MET A 205 -35.80 20.01 -18.84
C MET A 205 -36.04 21.26 -18.00
N GLU A 206 -37.30 21.55 -17.70
CA GLU A 206 -37.67 22.68 -16.85
C GLU A 206 -36.97 22.63 -15.48
N PHE A 207 -36.98 21.47 -14.83
CA PHE A 207 -36.22 21.24 -13.61
C PHE A 207 -34.72 21.07 -13.86
N LEU A 208 -34.34 19.97 -14.50
CA LEU A 208 -32.97 19.75 -14.98
C LEU A 208 -32.74 20.34 -16.38
N PRO A 209 -32.23 21.57 -16.47
CA PRO A 209 -31.99 22.16 -17.78
C PRO A 209 -30.51 22.38 -18.01
N GLY A 210 -29.87 21.54 -18.80
CA GLY A 210 -28.42 21.65 -18.99
C GLY A 210 -27.66 21.19 -17.76
N PRO A 211 -26.35 20.99 -17.91
CA PRO A 211 -25.52 20.46 -16.84
C PRO A 211 -25.12 21.52 -15.81
N ASP A 212 -23.96 21.31 -15.19
CA ASP A 212 -23.39 22.22 -14.20
C ASP A 212 -21.96 21.78 -13.97
N PHE A 213 -21.02 22.39 -14.70
CA PHE A 213 -19.61 22.07 -14.53
C PHE A 213 -19.06 22.71 -13.27
N PRO A 214 -18.22 21.98 -12.54
CA PRO A 214 -17.66 22.49 -11.28
C PRO A 214 -16.83 23.73 -11.52
N THR A 215 -16.30 23.87 -12.73
CA THR A 215 -15.53 25.06 -13.11
C THR A 215 -16.44 26.19 -13.57
N GLY A 216 -17.75 25.99 -13.42
CA GLY A 216 -18.71 27.01 -13.79
C GLY A 216 -18.64 27.32 -15.27
N ALA A 217 -18.73 28.61 -15.59
CA ALA A 217 -18.61 29.10 -16.97
C ALA A 217 -19.94 29.25 -17.71
N ILE A 218 -19.87 29.54 -19.01
CA ILE A 218 -21.07 29.79 -19.81
C ILE A 218 -21.34 28.64 -20.79
N ILE A 219 -22.58 28.16 -20.78
CA ILE A 219 -23.01 27.04 -21.61
C ILE A 219 -24.15 27.47 -22.54
N GLN A 220 -23.96 27.29 -23.84
CA GLN A 220 -24.97 27.67 -24.81
C GLN A 220 -25.25 26.50 -25.73
N GLY A 221 -26.53 26.18 -25.88
CA GLY A 221 -26.92 25.09 -26.73
C GLY A 221 -28.22 24.45 -26.26
N ARG A 222 -29.13 25.25 -25.73
CA ARG A 222 -30.43 24.74 -25.31
C ARG A 222 -30.93 23.76 -26.35
N ASP A 223 -30.98 24.19 -27.61
CA ASP A 223 -31.44 23.33 -28.68
C ASP A 223 -30.66 22.01 -28.62
N GLU A 224 -29.35 22.10 -28.49
CA GLU A 224 -28.47 20.94 -28.38
C GLU A 224 -28.65 20.11 -27.09
N ILE A 225 -28.75 20.77 -25.94
CA ILE A 225 -28.92 20.04 -24.69
C ILE A 225 -30.18 19.18 -24.79
N LYS A 226 -31.21 19.69 -25.44
CA LYS A 226 -32.42 18.90 -25.65
C LYS A 226 -32.10 17.57 -26.33
N LYS A 227 -31.47 17.64 -27.51
CA LYS A 227 -31.10 16.45 -28.27
C LYS A 227 -30.23 15.49 -27.46
N ALA A 228 -29.28 16.02 -26.70
CA ALA A 228 -28.49 15.17 -25.81
C ALA A 228 -29.39 14.41 -24.82
N TYR A 229 -30.11 15.17 -23.99
CA TYR A 229 -31.02 14.60 -22.99
C TYR A 229 -32.01 13.62 -23.61
N GLU A 230 -32.34 13.85 -24.88
CA GLU A 230 -33.20 12.94 -25.63
C GLU A 230 -32.47 11.67 -26.10
N THR A 231 -31.64 11.81 -27.13
CA THR A 231 -30.95 10.66 -27.72
C THR A 231 -29.80 10.16 -26.88
N GLY A 232 -28.98 11.07 -26.36
CA GLY A 232 -27.79 10.69 -25.64
C GLY A 232 -26.58 11.44 -26.14
N LYS A 233 -26.57 11.77 -27.43
CA LYS A 233 -25.46 12.50 -28.03
C LYS A 233 -25.80 13.98 -28.25
N GLY A 234 -24.81 14.85 -28.07
CA GLY A 234 -25.03 16.28 -28.22
C GLY A 234 -23.78 17.13 -28.23
N ARG A 235 -23.82 18.26 -28.94
CA ARG A 235 -22.70 19.20 -28.92
C ARG A 235 -23.18 20.52 -28.36
N VAL A 236 -22.51 20.98 -27.32
CA VAL A 236 -22.90 22.18 -26.62
C VAL A 236 -21.66 23.06 -26.53
N VAL A 237 -21.84 24.36 -26.36
CA VAL A 237 -20.71 25.29 -26.40
C VAL A 237 -20.37 25.83 -25.03
N VAL A 238 -19.09 25.81 -24.70
CA VAL A 238 -18.65 26.22 -23.37
C VAL A 238 -17.64 27.36 -23.43
N ARG A 239 -17.99 28.47 -22.82
CA ARG A 239 -17.17 29.67 -22.90
C ARG A 239 -16.77 30.16 -21.52
N SER A 240 -15.46 30.38 -21.33
CA SER A 240 -14.96 30.94 -20.08
C SER A 240 -15.65 32.27 -19.80
N LYS A 241 -15.58 32.74 -18.56
CA LYS A 241 -16.35 33.90 -18.15
C LYS A 241 -15.46 35.14 -18.14
N THR A 242 -15.92 36.18 -18.85
CA THR A 242 -15.08 37.32 -19.19
C THR A 242 -15.57 38.65 -18.60
N GLU A 243 -14.62 39.43 -18.12
CA GLU A 243 -14.87 40.76 -17.57
C GLU A 243 -13.89 41.75 -18.17
N ILE A 244 -14.26 43.03 -18.15
CA ILE A 244 -13.37 44.07 -18.63
C ILE A 244 -12.90 44.94 -17.47
N GLU A 245 -11.60 45.17 -17.41
CA GLU A 245 -10.98 46.01 -16.39
C GLU A 245 -10.23 47.16 -17.06
N LYS A 246 -10.32 48.37 -16.53
CA LYS A 246 -9.70 49.53 -17.19
C LYS A 246 -8.44 49.95 -16.46
N LEU A 247 -7.39 50.22 -17.21
CA LEU A 247 -6.06 50.44 -16.63
C LEU A 247 -5.51 51.84 -16.88
N LYS A 248 -5.15 52.53 -15.80
CA LYS A 248 -4.62 53.89 -15.85
C LYS A 248 -3.55 54.06 -16.93
N GLY A 249 -3.96 54.59 -18.08
CA GLY A 249 -3.03 54.84 -19.16
C GLY A 249 -3.59 54.61 -20.55
N GLY A 250 -4.91 54.67 -20.68
CA GLY A 250 -5.56 54.40 -21.95
C GLY A 250 -5.39 52.94 -22.31
N LYS A 251 -5.35 52.10 -21.29
CA LYS A 251 -5.13 50.66 -21.44
C LYS A 251 -6.34 49.85 -20.97
N GLU A 252 -6.55 48.70 -21.60
CA GLU A 252 -7.68 47.82 -21.25
C GLU A 252 -7.22 46.39 -20.92
N GLN A 253 -7.78 45.82 -19.86
CA GLN A 253 -7.47 44.44 -19.45
C GLN A 253 -8.68 43.54 -19.60
N ILE A 254 -8.43 42.31 -20.03
CA ILE A 254 -9.46 41.30 -20.19
C ILE A 254 -9.22 40.27 -19.10
N VAL A 255 -10.19 40.09 -18.22
CA VAL A 255 -10.03 39.23 -17.06
C VAL A 255 -10.95 38.03 -17.15
N ILE A 256 -10.41 36.85 -16.83
CA ILE A 256 -11.13 35.59 -16.98
C ILE A 256 -11.18 34.90 -15.64
N THR A 257 -12.40 34.54 -15.22
CA THR A 257 -12.55 33.97 -13.88
C THR A 257 -13.29 32.63 -13.87
N GLU A 258 -13.31 31.93 -15.00
CA GLU A 258 -13.87 30.59 -15.10
C GLU A 258 -13.54 30.04 -16.48
N ILE A 259 -12.97 28.84 -16.54
CA ILE A 259 -12.69 28.23 -17.84
C ILE A 259 -13.49 26.95 -17.99
N PRO A 260 -13.59 26.44 -19.22
CA PRO A 260 -14.50 25.32 -19.49
C PRO A 260 -14.01 24.04 -18.86
N TYR A 261 -14.97 23.21 -18.44
CA TYR A 261 -14.68 21.92 -17.83
C TYR A 261 -13.47 21.26 -18.46
N GLU A 262 -12.62 20.65 -17.63
CA GLU A 262 -11.60 19.72 -18.11
C GLU A 262 -10.48 20.33 -18.98
N ILE A 263 -10.19 21.61 -18.82
CA ILE A 263 -9.09 22.22 -19.55
C ILE A 263 -7.96 22.69 -18.62
N ASN A 264 -6.73 22.53 -19.09
CA ASN A 264 -5.51 22.76 -18.32
C ASN A 264 -5.11 24.23 -18.17
N LYS A 265 -5.65 24.95 -17.18
CA LYS A 265 -5.32 26.38 -16.99
C LYS A 265 -3.86 26.78 -17.25
N ALA A 266 -2.91 25.94 -16.83
CA ALA A 266 -1.50 26.23 -17.06
C ALA A 266 -1.19 26.33 -18.54
N ASN A 267 -1.53 25.28 -19.29
CA ASN A 267 -1.42 25.24 -20.74
C ASN A 267 -2.29 26.23 -21.52
N LEU A 268 -3.53 26.45 -21.09
CA LEU A 268 -4.41 27.42 -21.74
C LEU A 268 -3.73 28.77 -21.75
N VAL A 269 -3.18 29.13 -20.60
CA VAL A 269 -2.43 30.37 -20.45
C VAL A 269 -1.28 30.43 -21.44
N LYS A 270 -0.46 29.37 -21.50
CA LYS A 270 0.65 29.32 -22.46
C LYS A 270 0.20 29.53 -23.90
N LYS A 271 -0.88 28.86 -24.30
CA LYS A 271 -1.45 29.03 -25.63
C LYS A 271 -1.89 30.48 -25.92
N ILE A 272 -2.46 31.14 -24.92
CA ILE A 272 -2.80 32.56 -25.06
C ILE A 272 -1.58 33.46 -25.22
N ASP A 273 -0.57 33.30 -24.36
CA ASP A 273 0.68 34.03 -24.50
C ASP A 273 1.32 33.73 -25.85
N ASP A 274 1.14 32.50 -26.33
CA ASP A 274 1.62 32.07 -27.64
C ASP A 274 0.94 32.80 -28.81
N VAL A 275 -0.35 33.07 -28.68
CA VAL A 275 -1.03 33.89 -29.69
C VAL A 275 -0.34 35.25 -29.74
N ARG A 276 0.04 35.77 -28.58
CA ARG A 276 0.72 37.06 -28.50
C ARG A 276 2.12 37.09 -29.12
N VAL A 277 2.99 36.16 -28.72
CA VAL A 277 4.36 36.12 -29.25
C VAL A 277 4.41 35.83 -30.75
N ASN A 278 3.78 34.75 -31.17
CA ASN A 278 3.60 34.47 -32.60
C ASN A 278 2.72 35.54 -33.27
N ASN A 279 2.39 36.59 -32.51
CA ASN A 279 1.59 37.72 -32.97
C ASN A 279 0.50 37.35 -33.96
N LYS A 280 -0.44 36.52 -33.53
CA LYS A 280 -1.53 36.05 -34.39
C LYS A 280 -2.77 36.93 -34.29
N VAL A 281 -2.75 37.91 -33.38
CA VAL A 281 -3.82 38.90 -33.28
C VAL A 281 -3.25 40.24 -32.84
N ALA A 282 -4.08 41.27 -32.86
CA ALA A 282 -3.63 42.65 -32.69
C ALA A 282 -3.48 43.10 -31.24
N GLY A 283 -4.50 42.86 -30.42
CA GLY A 283 -4.50 43.33 -29.04
C GLY A 283 -3.47 42.69 -28.12
N ILE A 284 -2.51 41.97 -28.69
CA ILE A 284 -1.49 41.29 -27.91
C ILE A 284 -0.62 42.27 -27.12
N ALA A 285 -0.59 42.05 -25.80
CA ALA A 285 0.10 42.93 -24.86
C ALA A 285 0.88 42.04 -23.90
N GLU A 286 0.46 42.01 -22.65
CA GLU A 286 0.95 41.02 -21.69
C GLU A 286 -0.13 39.98 -21.30
N VAL A 287 0.29 38.73 -21.08
CA VAL A 287 -0.61 37.71 -20.56
C VAL A 287 -0.10 37.25 -19.20
N ARG A 288 -0.95 37.38 -18.19
CA ARG A 288 -0.57 37.02 -16.83
C ARG A 288 -1.60 36.13 -16.13
N ASP A 289 -1.13 35.05 -15.53
CA ASP A 289 -2.00 34.20 -14.76
C ASP A 289 -1.78 34.60 -13.32
N GLU A 290 -2.75 35.32 -12.75
CA GLU A 290 -2.66 35.67 -11.34
C GLU A 290 -3.78 34.99 -10.58
N SER A 291 -3.50 33.74 -10.22
CA SER A 291 -4.43 32.92 -9.48
C SER A 291 -3.64 32.48 -8.27
N ASP A 292 -4.27 32.53 -7.10
CA ASP A 292 -3.67 31.99 -5.89
C ASP A 292 -4.75 31.12 -5.30
N ARG A 293 -4.45 30.44 -4.20
CA ARG A 293 -5.50 29.70 -3.50
C ARG A 293 -6.76 30.58 -3.45
N ASP A 294 -7.92 29.96 -3.27
CA ASP A 294 -9.21 30.67 -3.14
C ASP A 294 -9.58 31.68 -4.25
N GLY A 295 -9.15 31.45 -5.49
CA GLY A 295 -9.52 32.34 -6.58
C GLY A 295 -8.82 32.13 -7.91
N LEU A 296 -9.60 32.14 -8.99
CA LEU A 296 -9.06 31.99 -10.34
C LEU A 296 -9.13 33.32 -11.09
N ARG A 297 -7.98 33.83 -11.48
CA ARG A 297 -7.91 35.11 -12.18
C ARG A 297 -6.87 35.10 -13.31
N ILE A 298 -7.32 35.30 -14.53
CA ILE A 298 -6.41 35.36 -15.66
C ILE A 298 -6.54 36.71 -16.30
N ALA A 299 -5.47 37.51 -16.23
CA ALA A 299 -5.52 38.87 -16.76
C ALA A 299 -4.69 38.96 -18.04
N ILE A 300 -5.38 39.26 -19.14
CA ILE A 300 -4.72 39.49 -20.41
C ILE A 300 -4.91 40.95 -20.69
N GLU A 301 -3.82 41.70 -20.65
CA GLU A 301 -3.88 43.14 -20.75
C GLU A 301 -3.45 43.57 -22.16
N LEU A 302 -3.94 44.70 -22.62
CA LEU A 302 -3.80 45.12 -24.00
C LEU A 302 -2.91 46.35 -24.12
N LYS A 303 -2.72 46.83 -25.34
CA LYS A 303 -1.63 47.76 -25.61
C LYS A 303 -2.05 49.25 -25.62
N LYS A 304 -2.72 49.68 -26.67
CA LYS A 304 -3.20 51.06 -26.77
C LYS A 304 -4.38 51.11 -27.72
N ASP A 305 -4.17 50.57 -28.93
CA ASP A 305 -5.27 50.32 -29.83
C ASP A 305 -6.09 49.17 -29.25
N ALA A 306 -6.91 49.48 -28.26
CA ALA A 306 -7.67 48.47 -27.52
C ALA A 306 -8.73 47.78 -28.37
N ASN A 307 -8.28 46.92 -29.27
CA ASN A 307 -9.15 46.08 -30.09
C ASN A 307 -9.88 45.01 -29.28
N THR A 308 -10.23 45.33 -28.04
CA THR A 308 -10.75 44.35 -27.07
C THR A 308 -11.77 43.33 -27.61
N GLU A 309 -12.92 43.80 -28.11
CA GLU A 309 -13.95 42.89 -28.60
C GLU A 309 -13.43 41.98 -29.71
N LEU A 310 -12.64 42.55 -30.63
CA LEU A 310 -12.01 41.78 -31.69
C LEU A 310 -11.10 40.69 -31.13
N VAL A 311 -10.24 41.07 -30.19
CA VAL A 311 -9.29 40.13 -29.60
C VAL A 311 -9.93 38.98 -28.82
N LEU A 312 -10.79 39.30 -27.86
CA LEU A 312 -11.44 38.24 -27.08
C LEU A 312 -12.09 37.29 -28.06
N ASN A 313 -12.86 37.83 -28.99
CA ASN A 313 -13.58 37.03 -29.98
C ASN A 313 -12.65 36.12 -30.76
N TYR A 314 -11.46 36.63 -31.09
CA TYR A 314 -10.45 35.83 -31.78
C TYR A 314 -10.03 34.66 -30.90
N LEU A 315 -9.65 34.98 -29.67
CA LEU A 315 -9.23 33.97 -28.73
C LEU A 315 -10.30 32.89 -28.60
N PHE A 316 -11.57 33.32 -28.55
CA PHE A 316 -12.70 32.39 -28.38
C PHE A 316 -12.67 31.25 -29.39
N LYS A 317 -12.37 31.57 -30.64
CA LYS A 317 -12.19 30.53 -31.63
C LYS A 317 -10.86 29.81 -31.43
N TYR A 318 -9.78 30.58 -31.53
CA TYR A 318 -8.44 30.01 -31.70
C TYR A 318 -7.70 29.44 -30.48
N THR A 319 -8.12 29.79 -29.27
CA THR A 319 -7.66 29.06 -28.08
C THR A 319 -8.80 28.25 -27.49
N ASP A 320 -8.57 27.60 -26.35
CA ASP A 320 -9.61 26.79 -25.74
C ASP A 320 -10.43 27.57 -24.72
N LEU A 321 -10.18 28.87 -24.61
CA LEU A 321 -11.00 29.73 -23.77
C LEU A 321 -12.47 29.45 -24.07
N GLN A 322 -12.73 29.09 -25.32
CA GLN A 322 -14.02 28.52 -25.73
C GLN A 322 -13.78 27.12 -26.29
N ILE A 323 -14.52 26.16 -25.74
CA ILE A 323 -14.39 24.74 -26.07
C ILE A 323 -15.76 24.27 -26.52
N ASN A 324 -15.82 23.08 -27.09
CA ASN A 324 -17.09 22.41 -27.31
C ASN A 324 -17.11 21.10 -26.51
N TYR A 325 -18.25 20.81 -25.87
CA TYR A 325 -18.36 19.61 -25.04
C TYR A 325 -19.33 18.60 -25.65
N ASN A 326 -19.04 17.32 -25.49
CA ASN A 326 -19.84 16.27 -26.11
C ASN A 326 -20.54 15.36 -25.14
N PHE A 327 -21.79 15.06 -25.46
CA PHE A 327 -22.58 14.15 -24.67
C PHE A 327 -22.52 12.81 -25.36
N ASN A 328 -21.96 11.83 -24.69
CA ASN A 328 -22.04 10.46 -25.16
C ASN A 328 -22.40 9.64 -23.94
N MET A 329 -23.70 9.50 -23.69
CA MET A 329 -24.11 9.00 -22.40
C MET A 329 -24.35 7.51 -22.47
N VAL A 330 -23.34 6.80 -21.99
CA VAL A 330 -23.28 5.37 -22.13
C VAL A 330 -22.98 4.84 -20.74
N ALA A 331 -23.91 4.05 -20.24
CA ALA A 331 -23.80 3.45 -18.93
C ALA A 331 -24.12 1.97 -19.06
N ILE A 332 -23.96 1.23 -17.99
CA ILE A 332 -24.29 -0.17 -18.07
C ILE A 332 -25.65 -0.39 -17.46
N ASP A 333 -26.61 -0.80 -18.30
CA ASP A 333 -27.92 -1.24 -17.82
C ASP A 333 -28.08 -2.69 -18.22
N ASN A 334 -28.74 -3.45 -17.37
CA ASN A 334 -28.78 -4.91 -17.49
C ASN A 334 -27.47 -5.47 -18.04
N PHE A 335 -26.39 -5.24 -17.31
CA PHE A 335 -25.09 -5.84 -17.60
C PHE A 335 -24.49 -5.48 -18.96
N THR A 336 -25.16 -4.59 -19.68
CA THR A 336 -24.75 -4.27 -21.04
C THR A 336 -24.71 -2.78 -21.28
N PRO A 337 -23.89 -2.35 -22.25
CA PRO A 337 -23.73 -0.94 -22.60
C PRO A 337 -24.99 -0.38 -23.22
N ARG A 338 -25.47 0.78 -22.78
CA ARG A 338 -26.59 1.42 -23.47
C ARG A 338 -26.37 2.93 -23.61
N GLN A 339 -26.83 3.49 -24.72
CA GLN A 339 -26.73 4.93 -24.89
C GLN A 339 -28.07 5.44 -24.44
N VAL A 340 -28.06 6.58 -23.75
CA VAL A 340 -29.19 6.96 -22.92
C VAL A 340 -29.31 8.47 -22.71
N GLY A 341 -30.50 8.92 -22.34
CA GLY A 341 -30.77 10.31 -22.08
C GLY A 341 -31.44 10.51 -20.74
N ILE A 342 -31.58 11.76 -20.32
CA ILE A 342 -32.12 12.08 -18.99
C ILE A 342 -33.14 11.05 -18.51
N VAL A 343 -33.99 10.59 -19.41
CA VAL A 343 -35.09 9.69 -19.04
C VAL A 343 -34.71 8.30 -18.51
N PRO A 344 -34.12 7.45 -19.35
CA PRO A 344 -33.59 6.19 -18.83
C PRO A 344 -32.62 6.33 -17.63
N ILE A 345 -31.67 7.24 -17.68
CA ILE A 345 -30.75 7.42 -16.55
C ILE A 345 -31.51 7.77 -15.28
N LEU A 346 -32.64 8.48 -15.41
CA LEU A 346 -33.53 8.75 -14.29
C LEU A 346 -34.33 7.53 -13.82
N SER A 347 -35.07 6.93 -14.74
CA SER A 347 -35.97 5.82 -14.42
C SER A 347 -35.21 4.67 -13.77
N SER A 348 -34.07 4.32 -14.35
CA SER A 348 -33.30 3.18 -13.86
C SER A 348 -32.95 3.45 -12.41
N TYR A 349 -32.58 4.71 -12.13
CA TYR A 349 -32.28 5.15 -10.78
C TYR A 349 -33.45 4.92 -9.85
N ILE A 350 -34.58 5.51 -10.21
CA ILE A 350 -35.80 5.35 -9.44
C ILE A 350 -36.04 3.89 -9.10
N ALA A 351 -36.11 3.04 -10.11
CA ALA A 351 -36.42 1.64 -9.89
C ALA A 351 -35.41 1.03 -8.95
N HIS A 352 -34.18 1.49 -9.05
CA HIS A 352 -33.11 0.99 -8.19
C HIS A 352 -33.37 1.36 -6.74
N ARG A 353 -33.67 2.62 -6.50
CA ARG A 353 -34.04 3.07 -5.17
C ARG A 353 -35.23 2.28 -4.67
N ARG A 354 -36.16 1.98 -5.57
CA ARG A 354 -37.31 1.16 -5.22
C ARG A 354 -36.85 -0.18 -4.67
N GLU A 355 -36.10 -0.93 -5.47
CA GLU A 355 -35.65 -2.24 -5.03
C GLU A 355 -34.84 -2.12 -3.75
N VAL A 356 -34.01 -1.09 -3.66
CA VAL A 356 -33.23 -0.84 -2.45
C VAL A 356 -34.13 -0.66 -1.25
N ILE A 357 -35.07 0.27 -1.38
CA ILE A 357 -35.99 0.61 -0.29
C ILE A 357 -36.82 -0.58 0.17
N LEU A 358 -37.45 -1.28 -0.78
CA LEU A 358 -38.16 -2.51 -0.46
C LEU A 358 -37.23 -3.49 0.25
N ALA A 359 -36.11 -3.79 -0.36
CA ALA A 359 -35.22 -4.77 0.23
C ALA A 359 -34.86 -4.35 1.65
N ARG A 360 -34.62 -3.06 1.82
CA ARG A 360 -34.26 -2.51 3.11
C ARG A 360 -35.38 -2.78 4.10
N SER A 361 -36.60 -2.48 3.67
CA SER A 361 -37.74 -2.65 4.53
C SER A 361 -37.93 -4.12 4.91
N ARG A 362 -37.88 -5.00 3.92
CA ARG A 362 -37.96 -6.43 4.17
C ARG A 362 -36.96 -6.81 5.25
N PHE A 363 -35.76 -6.22 5.17
CA PHE A 363 -34.72 -6.52 6.14
C PHE A 363 -35.11 -6.05 7.52
N ASP A 364 -35.59 -4.82 7.59
CA ASP A 364 -35.97 -4.21 8.85
C ASP A 364 -37.16 -4.89 9.53
N LYS A 365 -38.15 -5.26 8.74
CA LYS A 365 -39.31 -6.00 9.24
C LYS A 365 -38.90 -7.33 9.86
N GLU A 366 -38.13 -8.15 9.14
CA GLU A 366 -37.69 -9.43 9.69
C GLU A 366 -37.03 -9.21 11.05
N LYS A 367 -36.06 -8.30 11.10
CA LYS A 367 -35.34 -8.02 12.34
C LYS A 367 -36.29 -7.75 13.49
N ALA A 368 -37.31 -6.97 13.20
CA ALA A 368 -38.36 -6.65 14.16
C ALA A 368 -39.17 -7.89 14.58
N GLU A 369 -39.76 -8.60 13.63
CA GLU A 369 -40.59 -9.77 13.94
C GLU A 369 -39.82 -10.82 14.76
N LYS A 370 -38.51 -10.93 14.53
CA LYS A 370 -37.66 -11.82 15.31
C LYS A 370 -37.56 -11.37 16.78
N ARG A 371 -37.33 -10.08 17.03
CA ARG A 371 -37.36 -9.50 18.39
C ARG A 371 -38.72 -9.55 19.05
N LEU A 372 -39.77 -9.35 18.26
CA LEU A 372 -41.15 -9.47 18.74
C LEU A 372 -41.37 -10.89 19.24
N HIS A 373 -40.96 -11.86 18.43
CA HIS A 373 -41.13 -13.26 18.80
C HIS A 373 -40.46 -13.59 20.13
N ILE A 374 -39.23 -13.11 20.30
CA ILE A 374 -38.49 -13.34 21.53
C ILE A 374 -39.16 -12.66 22.69
N VAL A 375 -39.59 -11.43 22.45
CA VAL A 375 -40.25 -10.63 23.46
C VAL A 375 -41.51 -11.32 23.96
N GLU A 376 -42.36 -11.78 23.04
CA GLU A 376 -43.59 -12.47 23.43
C GLU A 376 -43.29 -13.61 24.39
N GLY A 377 -42.26 -14.39 24.06
CA GLY A 377 -41.81 -15.44 24.94
C GLY A 377 -41.30 -14.94 26.28
N LEU A 378 -40.46 -13.92 26.26
CA LEU A 378 -39.93 -13.35 27.49
C LEU A 378 -41.08 -13.01 28.42
N ILE A 379 -42.16 -12.52 27.83
CA ILE A 379 -43.37 -12.18 28.57
C ILE A 379 -43.97 -13.40 29.27
N ARG A 380 -44.21 -14.48 28.52
CA ARG A 380 -44.75 -15.72 29.11
C ARG A 380 -43.84 -16.26 30.21
N VAL A 381 -42.55 -16.30 29.91
CA VAL A 381 -41.57 -16.85 30.83
C VAL A 381 -41.66 -16.19 32.21
N ILE A 382 -42.02 -14.92 32.23
CA ILE A 382 -42.12 -14.16 33.47
C ILE A 382 -43.24 -14.70 34.37
N SER A 383 -44.37 -15.01 33.75
CA SER A 383 -45.50 -15.61 34.45
C SER A 383 -45.20 -16.99 35.04
N ILE A 384 -44.16 -17.66 34.55
CA ILE A 384 -43.78 -18.98 35.07
C ILE A 384 -42.32 -19.05 35.51
N LEU A 385 -41.71 -17.88 35.65
CA LEU A 385 -40.28 -17.77 35.95
C LEU A 385 -39.79 -18.87 36.88
N ASP A 386 -40.46 -19.02 38.03
CA ASP A 386 -40.07 -19.98 39.05
C ASP A 386 -40.01 -21.42 38.52
N GLU A 387 -41.07 -21.85 37.84
CA GLU A 387 -41.10 -23.18 37.24
C GLU A 387 -39.95 -23.32 36.23
N VAL A 388 -39.80 -22.33 35.34
CA VAL A 388 -38.80 -22.40 34.28
C VAL A 388 -37.39 -22.53 34.84
N ILE A 389 -37.05 -21.70 35.81
CA ILE A 389 -35.73 -21.75 36.41
C ILE A 389 -35.46 -23.13 37.01
N ALA A 390 -36.41 -23.64 37.78
CA ALA A 390 -36.23 -24.96 38.34
C ALA A 390 -35.99 -26.00 37.24
N LEU A 391 -36.74 -25.88 36.14
CA LEU A 391 -36.56 -26.82 35.04
C LEU A 391 -35.18 -26.71 34.36
N ILE A 392 -34.70 -25.50 34.12
CA ILE A 392 -33.32 -25.36 33.60
C ILE A 392 -32.34 -26.06 34.57
N ARG A 393 -32.49 -25.83 35.88
CA ARG A 393 -31.65 -26.53 36.87
C ARG A 393 -31.74 -28.06 36.76
N ALA A 394 -32.95 -28.58 36.55
CA ALA A 394 -33.14 -30.01 36.43
C ALA A 394 -32.33 -30.59 35.27
N SER A 395 -32.36 -29.92 34.12
CA SER A 395 -31.73 -30.46 32.90
C SER A 395 -30.28 -30.87 33.10
N GLU A 396 -29.65 -31.26 31.99
CA GLU A 396 -28.31 -31.85 32.06
C GLU A 396 -27.29 -31.05 31.24
N ASN A 397 -27.75 -30.42 30.16
CA ASN A 397 -26.91 -29.53 29.37
C ASN A 397 -27.71 -28.36 28.80
N LYS A 398 -27.10 -27.51 27.99
CA LYS A 398 -27.84 -26.37 27.44
C LYS A 398 -28.94 -26.83 26.49
N ALA A 399 -28.55 -27.63 25.52
CA ALA A 399 -29.50 -28.16 24.56
C ALA A 399 -30.66 -28.91 25.23
N ASP A 400 -30.38 -29.65 26.30
CA ASP A 400 -31.41 -30.41 27.00
C ASP A 400 -32.47 -29.49 27.60
N ALA A 401 -32.03 -28.42 28.24
CA ALA A 401 -32.96 -27.45 28.79
C ALA A 401 -33.84 -26.90 27.68
N LYS A 402 -33.22 -26.52 26.56
CA LYS A 402 -33.95 -25.98 25.43
C LYS A 402 -35.04 -26.95 24.94
N GLU A 403 -34.73 -28.24 24.94
CA GLU A 403 -35.71 -29.23 24.54
C GLU A 403 -36.84 -29.22 25.57
N ASN A 404 -36.48 -29.30 26.85
CA ASN A 404 -37.48 -29.35 27.90
C ASN A 404 -38.45 -28.18 27.90
N LEU A 405 -37.93 -26.98 27.70
CA LEU A 405 -38.77 -25.81 27.60
C LEU A 405 -39.74 -25.97 26.43
N LYS A 406 -39.22 -26.43 25.31
CA LYS A 406 -40.01 -26.65 24.08
C LYS A 406 -41.10 -27.75 24.20
N VAL A 407 -40.75 -28.91 24.74
CA VAL A 407 -41.73 -29.99 24.95
C VAL A 407 -42.76 -29.65 26.04
N SER A 408 -42.26 -29.12 27.16
CA SER A 408 -43.11 -28.76 28.31
C SER A 408 -44.02 -27.56 28.09
N TYR A 409 -43.40 -26.39 27.92
CA TYR A 409 -44.13 -25.14 27.77
C TYR A 409 -44.40 -24.65 26.33
N ASP A 410 -43.99 -25.44 25.34
CA ASP A 410 -44.30 -25.14 23.93
C ASP A 410 -43.66 -23.85 23.40
N PHE A 411 -42.62 -23.35 24.07
CA PHE A 411 -41.78 -22.30 23.52
C PHE A 411 -41.23 -22.74 22.16
N THR A 412 -40.49 -21.88 21.47
CA THR A 412 -39.90 -22.33 20.23
C THR A 412 -38.43 -22.58 20.42
N GLU A 413 -37.70 -22.68 19.31
CA GLU A 413 -36.26 -22.86 19.37
C GLU A 413 -35.67 -21.52 19.74
N GLU A 414 -35.88 -20.57 18.86
CA GLU A 414 -35.39 -19.21 19.05
C GLU A 414 -35.83 -18.64 20.40
N GLN A 415 -37.03 -19.00 20.83
CA GLN A 415 -37.53 -18.59 22.14
C GLN A 415 -36.75 -19.27 23.26
N ALA A 416 -36.58 -20.57 23.16
CA ALA A 416 -35.82 -21.31 24.17
C ALA A 416 -34.41 -20.76 24.30
N GLU A 417 -33.76 -20.59 23.16
CA GLU A 417 -32.39 -20.10 23.13
C GLU A 417 -32.22 -18.74 23.81
N ALA A 418 -33.08 -17.78 23.50
CA ALA A 418 -32.99 -16.46 24.14
C ALA A 418 -33.17 -16.57 25.63
N ILE A 419 -34.09 -17.44 26.03
CA ILE A 419 -34.39 -17.65 27.43
C ILE A 419 -33.18 -18.19 28.17
N VAL A 420 -32.65 -19.32 27.70
CA VAL A 420 -31.55 -20.03 28.36
C VAL A 420 -30.22 -19.28 28.46
N THR A 421 -29.90 -18.46 27.45
CA THR A 421 -28.73 -17.58 27.50
C THR A 421 -28.87 -16.36 28.43
N LEU A 422 -30.09 -16.07 28.87
CA LEU A 422 -30.31 -14.98 29.81
C LEU A 422 -29.31 -15.08 30.96
N GLN A 423 -28.58 -13.99 31.23
CA GLN A 423 -27.66 -14.04 32.37
C GLN A 423 -28.45 -13.88 33.65
N LEU A 424 -27.76 -13.88 34.78
CA LEU A 424 -28.46 -13.94 36.06
C LEU A 424 -29.04 -12.60 36.44
N TYR A 425 -28.27 -11.54 36.24
CA TYR A 425 -28.75 -10.22 36.58
C TYR A 425 -30.03 -9.88 35.85
N ARG A 426 -30.22 -10.40 34.64
CA ARG A 426 -31.48 -10.14 33.99
C ARG A 426 -32.67 -10.54 34.90
N LEU A 427 -32.46 -11.51 35.77
CA LEU A 427 -33.49 -11.96 36.71
C LEU A 427 -33.87 -10.86 37.70
N THR A 428 -33.01 -9.86 37.76
CA THR A 428 -33.18 -8.70 38.62
C THR A 428 -34.44 -7.88 38.31
N ASN A 429 -34.86 -7.91 37.04
CA ASN A 429 -36.04 -7.15 36.61
C ASN A 429 -37.03 -8.00 35.81
N THR A 430 -38.16 -8.36 36.42
CA THR A 430 -39.16 -9.22 35.79
C THR A 430 -40.45 -8.49 35.47
N ASP A 431 -40.34 -7.33 34.83
CA ASP A 431 -41.46 -6.43 34.60
C ASP A 431 -42.25 -6.61 33.29
N VAL A 432 -43.25 -7.46 33.31
CA VAL A 432 -44.19 -7.52 32.20
C VAL A 432 -44.44 -6.17 31.46
N VAL A 433 -44.48 -5.04 32.19
CA VAL A 433 -44.80 -3.72 31.58
C VAL A 433 -43.79 -3.18 30.55
N VAL A 434 -42.54 -3.00 30.96
CA VAL A 434 -41.51 -2.49 30.05
C VAL A 434 -41.47 -3.33 28.77
N LEU A 435 -41.55 -4.65 28.93
CA LEU A 435 -41.58 -5.58 27.81
C LEU A 435 -42.72 -5.28 26.85
N GLN A 436 -43.90 -5.11 27.42
CA GLN A 436 -45.10 -4.88 26.63
C GLN A 436 -45.01 -3.59 25.82
N GLU A 437 -44.32 -2.60 26.37
CA GLU A 437 -44.11 -1.35 25.66
C GLU A 437 -43.26 -1.58 24.41
N GLU A 438 -42.16 -2.31 24.55
CA GLU A 438 -41.33 -2.65 23.40
C GLU A 438 -42.16 -3.42 22.38
N GLU A 439 -42.88 -4.44 22.85
CA GLU A 439 -43.71 -5.20 21.95
C GLU A 439 -44.56 -4.25 21.14
N ALA A 440 -45.14 -3.25 21.80
CA ALA A 440 -46.00 -2.28 21.14
C ALA A 440 -45.29 -1.53 20.03
N GLU A 441 -44.09 -1.06 20.33
CA GLU A 441 -43.30 -0.36 19.33
C GLU A 441 -42.99 -1.27 18.15
N LEU A 442 -42.56 -2.50 18.43
CA LEU A 442 -42.17 -3.42 17.38
C LEU A 442 -43.33 -3.59 16.41
N ARG A 443 -44.52 -3.74 16.97
CA ARG A 443 -45.69 -4.02 16.16
C ARG A 443 -46.08 -2.84 15.27
N GLU A 444 -45.96 -1.61 15.79
CA GLU A 444 -46.18 -0.43 14.95
C GLU A 444 -45.11 -0.35 13.85
N LYS A 445 -43.86 -0.70 14.18
CA LYS A 445 -42.79 -0.72 13.18
C LYS A 445 -43.13 -1.66 12.04
N ILE A 446 -43.55 -2.87 12.40
CA ILE A 446 -43.87 -3.88 11.41
C ILE A 446 -45.03 -3.49 10.51
N ALA A 447 -46.09 -2.94 11.10
CA ALA A 447 -47.22 -2.43 10.32
C ALA A 447 -46.73 -1.44 9.27
N MET A 448 -45.92 -0.48 9.73
CA MET A 448 -45.38 0.57 8.90
C MET A 448 -44.55 -0.02 7.76
N LEU A 449 -43.64 -0.91 8.09
CA LEU A 449 -42.81 -1.54 7.08
C LEU A 449 -43.71 -2.25 6.07
N ALA A 450 -44.58 -3.11 6.58
CA ALA A 450 -45.45 -3.90 5.72
C ALA A 450 -46.25 -3.01 4.79
N ALA A 451 -46.51 -1.78 5.22
CA ALA A 451 -47.10 -0.77 4.35
C ALA A 451 -46.18 -0.39 3.17
N ILE A 452 -44.97 0.07 3.47
CA ILE A 452 -44.03 0.43 2.41
C ILE A 452 -43.79 -0.76 1.44
N ILE A 453 -43.73 -1.98 1.97
CA ILE A 453 -43.53 -3.16 1.13
C ILE A 453 -44.67 -3.39 0.10
N GLY A 454 -45.90 -3.55 0.58
CA GLY A 454 -47.02 -3.88 -0.28
C GLY A 454 -48.00 -2.77 -0.69
N ASP A 455 -47.48 -1.56 -0.87
CA ASP A 455 -48.31 -0.38 -1.10
C ASP A 455 -47.61 0.65 -1.98
N GLU A 456 -47.22 0.25 -3.19
CA GLU A 456 -46.39 1.07 -4.07
C GLU A 456 -46.45 2.60 -3.85
N ARG A 457 -47.65 3.16 -3.69
CA ARG A 457 -47.76 4.60 -3.51
C ARG A 457 -46.98 5.14 -2.29
N THR A 458 -47.27 4.62 -1.10
CA THR A 458 -46.50 5.00 0.09
C THR A 458 -44.99 4.78 -0.11
N MET A 459 -44.63 3.69 -0.79
CA MET A 459 -43.22 3.40 -1.06
C MET A 459 -42.62 4.56 -1.83
N TYR A 460 -43.21 4.86 -2.98
CA TYR A 460 -42.77 5.99 -3.80
C TYR A 460 -42.75 7.29 -3.00
N ASN A 461 -43.65 7.41 -2.03
CA ASN A 461 -43.68 8.54 -1.11
C ASN A 461 -42.42 8.66 -0.27
N LEU A 462 -42.08 7.56 0.40
CA LEU A 462 -40.85 7.52 1.20
C LEU A 462 -39.65 7.88 0.33
N MET A 463 -39.58 7.30 -0.86
CA MET A 463 -38.55 7.60 -1.85
C MET A 463 -38.35 9.10 -2.04
N LYS A 464 -39.47 9.80 -2.27
CA LYS A 464 -39.42 11.25 -2.46
C LYS A 464 -38.99 11.98 -1.19
N LYS A 465 -39.52 11.58 -0.03
CA LYS A 465 -39.13 12.24 1.22
C LYS A 465 -37.62 12.23 1.33
N GLU A 466 -37.05 11.04 1.29
CA GLU A 466 -35.61 10.88 1.44
C GLU A 466 -34.85 11.73 0.43
N LEU A 467 -35.28 11.67 -0.83
CA LEU A 467 -34.62 12.44 -1.88
C LEU A 467 -34.59 13.93 -1.53
N ARG A 468 -35.72 14.44 -1.07
CA ARG A 468 -35.78 15.85 -0.67
C ARG A 468 -34.83 16.16 0.48
N GLU A 469 -34.77 15.26 1.46
CA GLU A 469 -33.90 15.46 2.62
C GLU A 469 -32.45 15.60 2.16
N VAL A 470 -32.04 14.69 1.27
CA VAL A 470 -30.71 14.73 0.70
C VAL A 470 -30.46 16.04 -0.01
N LYS A 471 -31.48 16.50 -0.74
CA LYS A 471 -31.43 17.79 -1.43
C LYS A 471 -31.08 18.96 -0.51
N LYS A 472 -31.86 19.17 0.54
CA LYS A 472 -31.58 20.24 1.48
C LYS A 472 -30.16 20.15 2.04
N LYS A 473 -29.78 18.98 2.57
CA LYS A 473 -28.47 18.82 3.18
C LYS A 473 -27.39 19.27 2.20
N PHE A 474 -27.38 18.63 1.04
CA PHE A 474 -26.28 18.77 0.10
C PHE A 474 -26.38 19.80 -1.01
N ALA A 475 -27.51 20.47 -1.16
CA ALA A 475 -27.68 21.36 -2.31
C ALA A 475 -26.71 22.55 -2.34
N THR A 476 -26.38 23.02 -3.54
CA THR A 476 -25.64 24.28 -3.68
C THR A 476 -26.03 24.99 -4.98
N PRO A 477 -25.77 26.30 -5.06
CA PRO A 477 -26.25 27.07 -6.20
C PRO A 477 -25.47 26.69 -7.45
N ARG A 478 -26.03 26.99 -8.63
CA ARG A 478 -25.35 26.71 -9.89
C ARG A 478 -24.04 27.46 -10.05
N LEU A 479 -23.14 26.86 -10.83
CA LEU A 479 -21.85 27.47 -11.12
C LEU A 479 -21.77 27.75 -12.63
N SER A 480 -22.53 26.98 -13.39
CA SER A 480 -22.62 27.19 -14.83
C SER A 480 -23.87 27.97 -15.17
N SER A 481 -23.76 28.87 -16.16
CA SER A 481 -24.86 29.73 -16.55
C SER A 481 -25.29 29.36 -17.95
N LEU A 482 -26.59 29.48 -18.23
CA LEU A 482 -27.13 28.98 -19.50
C LEU A 482 -27.65 30.10 -20.39
N GLU A 483 -27.24 30.07 -21.67
CA GLU A 483 -27.61 31.11 -22.62
C GLU A 483 -28.07 30.51 -23.94
N ASN B 3 6.47 37.73 14.48
CA ASN B 3 6.85 36.56 13.70
C ASN B 3 8.27 36.63 13.15
N ILE B 4 9.26 36.47 14.02
CA ILE B 4 10.63 36.26 13.60
C ILE B 4 11.47 35.82 14.78
N GLN B 5 12.34 34.86 14.55
CA GLN B 5 13.19 34.35 15.60
C GLN B 5 14.62 34.50 15.14
N ASN B 6 15.55 34.61 16.07
CA ASN B 6 16.96 34.60 15.73
C ASN B 6 17.61 33.43 16.46
N MET B 7 18.40 32.65 15.71
CA MET B 7 19.14 31.53 16.27
C MET B 7 20.50 31.53 15.58
N SER B 8 21.57 31.10 16.25
CA SER B 8 22.84 31.13 15.54
C SER B 8 22.96 29.93 14.64
N LEU B 9 24.02 29.93 13.83
CA LEU B 9 24.24 28.88 12.86
C LEU B 9 24.85 27.76 13.66
N GLU B 10 25.66 28.15 14.65
CA GLU B 10 26.31 27.22 15.56
C GLU B 10 25.28 26.42 16.36
N ASP B 11 24.32 27.11 16.97
CA ASP B 11 23.26 26.48 17.77
C ASP B 11 22.17 25.71 16.99
N ILE B 12 21.91 26.11 15.76
CA ILE B 12 21.04 25.34 14.87
C ILE B 12 21.64 23.99 14.47
N MET B 13 22.82 24.03 13.86
CA MET B 13 23.47 22.80 13.37
C MET B 13 23.60 21.74 14.46
N GLY B 14 24.17 22.10 15.59
CA GLY B 14 24.36 21.15 16.67
C GLY B 14 23.08 20.41 17.04
N GLU B 15 22.00 21.15 17.28
CA GLU B 15 20.70 20.56 17.61
C GLU B 15 20.05 19.72 16.49
N ARG B 16 20.00 20.28 15.29
CA ARG B 16 19.47 19.55 14.15
C ARG B 16 20.26 18.27 13.97
N PHE B 17 21.59 18.39 13.88
CA PHE B 17 22.38 17.20 13.60
C PHE B 17 22.18 16.22 14.72
N GLY B 18 21.99 16.75 15.93
CA GLY B 18 21.79 15.95 17.11
C GLY B 18 20.57 15.08 16.92
N ARG B 19 19.47 15.72 16.56
CA ARG B 19 18.23 15.01 16.27
C ARG B 19 18.48 13.88 15.29
N TYR B 20 18.96 14.23 14.11
CA TYR B 20 19.16 13.24 13.04
C TYR B 20 20.10 12.13 13.49
N SER B 21 21.27 12.49 13.97
CA SER B 21 22.22 11.47 14.35
C SER B 21 21.53 10.49 15.30
N LYS B 22 20.84 11.03 16.31
CA LYS B 22 20.22 10.20 17.33
C LYS B 22 19.25 9.15 16.75
N TYR B 23 18.27 9.62 16.01
CA TYR B 23 17.25 8.77 15.40
C TYR B 23 17.84 7.76 14.42
N ILE B 24 18.83 8.20 13.65
CA ILE B 24 19.58 7.33 12.73
C ILE B 24 20.42 6.28 13.44
N ILE B 25 21.03 6.64 14.56
CA ILE B 25 21.83 5.72 15.37
C ILE B 25 20.96 4.67 16.07
N GLN B 26 19.92 5.13 16.77
CA GLN B 26 18.98 4.24 17.42
C GLN B 26 17.94 3.62 16.46
N ASP B 27 16.94 4.44 16.14
CA ASP B 27 15.75 4.02 15.42
C ASP B 27 15.75 3.81 13.90
N ARG B 28 16.91 3.87 13.23
CA ARG B 28 16.95 3.49 11.81
C ARG B 28 17.90 2.34 11.46
N ALA B 29 19.18 2.64 11.61
CA ALA B 29 20.22 1.82 11.01
C ALA B 29 20.77 0.73 11.90
N LEU B 30 20.65 0.88 13.21
CA LEU B 30 21.34 -0.08 14.06
C LEU B 30 20.39 -1.08 14.69
N PRO B 31 20.85 -2.35 14.75
CA PRO B 31 20.19 -3.51 15.35
C PRO B 31 20.13 -3.40 16.85
N ASP B 32 19.07 -3.92 17.43
CA ASP B 32 19.03 -4.12 18.86
C ASP B 32 19.87 -5.37 19.12
N ILE B 33 20.74 -5.29 20.12
CA ILE B 33 21.63 -6.40 20.43
C ILE B 33 20.85 -7.63 20.87
N ARG B 34 19.59 -7.44 21.24
CA ARG B 34 18.75 -8.50 21.81
C ARG B 34 17.98 -9.34 20.78
N ASP B 35 17.10 -8.69 20.02
CA ASP B 35 16.34 -9.42 19.02
C ASP B 35 17.01 -9.28 17.66
N GLY B 36 18.06 -8.45 17.61
CA GLY B 36 18.89 -8.32 16.42
C GLY B 36 18.12 -7.71 15.26
N LEU B 37 17.08 -6.97 15.61
CA LEU B 37 16.21 -6.35 14.64
C LEU B 37 16.48 -4.84 14.53
N LYS B 38 16.25 -4.29 13.33
CA LYS B 38 16.09 -2.84 13.17
C LYS B 38 14.61 -2.55 13.12
N PRO B 39 14.23 -1.35 13.53
CA PRO B 39 12.82 -0.98 13.75
C PRO B 39 11.92 -1.30 12.57
N VAL B 40 12.38 -1.10 11.34
CA VAL B 40 11.55 -1.42 10.19
C VAL B 40 11.25 -2.89 10.19
N GLN B 41 12.31 -3.69 10.31
CA GLN B 41 12.14 -5.12 10.34
C GLN B 41 11.15 -5.47 11.43
N ARG B 42 11.36 -4.93 12.62
CA ARG B 42 10.54 -5.34 13.76
C ARG B 42 9.10 -4.94 13.54
N ARG B 43 8.90 -3.77 12.93
CA ARG B 43 7.55 -3.31 12.67
C ARG B 43 6.89 -4.20 11.63
N ILE B 44 7.67 -4.59 10.62
CA ILE B 44 7.18 -5.56 9.63
C ILE B 44 6.72 -6.88 10.28
N LEU B 45 7.60 -7.51 11.06
CA LEU B 45 7.26 -8.72 11.75
C LEU B 45 6.03 -8.47 12.61
N TYR B 46 6.06 -7.40 13.38
CA TYR B 46 5.01 -7.23 14.33
C TYR B 46 3.67 -7.01 13.65
N SER B 47 3.68 -6.22 12.58
CA SER B 47 2.43 -5.91 11.91
C SER B 47 1.91 -7.14 11.19
N MET B 48 2.73 -7.73 10.32
CA MET B 48 2.28 -8.91 9.59
C MET B 48 1.71 -9.91 10.59
N ASN B 49 2.42 -10.12 11.69
CA ASN B 49 1.95 -11.05 12.71
C ASN B 49 0.61 -10.65 13.35
N LYS B 50 0.52 -9.42 13.82
CA LYS B 50 -0.72 -8.94 14.42
C LYS B 50 -1.87 -9.12 13.43
N ASP B 51 -1.62 -8.78 12.17
CA ASP B 51 -2.57 -8.90 11.06
C ASP B 51 -2.88 -10.32 10.59
N SER B 52 -2.86 -11.28 11.50
CA SER B 52 -2.68 -12.71 11.17
C SER B 52 -2.15 -13.14 9.78
N ASN B 53 -0.98 -12.60 9.41
CA ASN B 53 -0.27 -13.00 8.18
C ASN B 53 0.84 -13.98 8.50
N THR B 54 0.50 -15.03 9.23
CA THR B 54 1.43 -16.08 9.61
C THR B 54 1.71 -17.04 8.45
N PHE B 55 2.76 -17.85 8.60
CA PHE B 55 3.23 -18.80 7.60
C PHE B 55 2.25 -19.91 7.31
N ASP B 56 1.37 -20.19 8.27
CA ASP B 56 0.42 -21.30 8.17
C ASP B 56 -0.86 -20.92 7.44
N LYS B 57 -1.00 -19.64 7.08
CA LYS B 57 -2.20 -19.19 6.41
C LYS B 57 -1.83 -18.65 5.04
N SER B 58 -2.83 -18.26 4.25
CA SER B 58 -2.59 -17.86 2.87
C SER B 58 -1.62 -16.66 2.75
N TYR B 59 -0.88 -16.63 1.65
CA TYR B 59 0.02 -15.53 1.36
C TYR B 59 -0.88 -14.34 1.11
N ARG B 60 -0.37 -13.13 1.38
CA ARG B 60 -1.13 -11.89 1.14
C ARG B 60 -0.37 -10.73 0.47
N LYS B 61 -0.91 -10.33 -0.67
CA LYS B 61 -0.57 -9.12 -1.43
C LYS B 61 0.34 -8.08 -0.77
N SER B 62 1.65 -8.20 -0.95
CA SER B 62 2.60 -7.30 -0.31
C SER B 62 2.14 -5.84 -0.13
N ALA B 63 1.54 -5.23 -1.16
CA ALA B 63 1.10 -3.84 -1.03
C ALA B 63 0.22 -3.59 0.19
N LYS B 64 -0.65 -4.54 0.48
CA LYS B 64 -1.51 -4.52 1.67
C LYS B 64 -0.70 -4.53 2.97
N SER B 65 0.25 -5.45 3.07
CA SER B 65 1.16 -5.53 4.23
C SER B 65 1.80 -4.17 4.50
N VAL B 66 2.34 -3.56 3.46
CA VAL B 66 3.08 -2.32 3.57
C VAL B 66 2.16 -1.14 3.87
N GLY B 67 1.06 -1.03 3.16
CA GLY B 67 0.16 0.07 3.44
C GLY B 67 -0.14 0.03 4.93
N ASN B 68 -0.37 -1.16 5.44
CA ASN B 68 -0.71 -1.32 6.85
C ASN B 68 0.43 -0.96 7.80
N ILE B 69 1.64 -1.37 7.46
CA ILE B 69 2.83 -1.05 8.24
C ILE B 69 3.04 0.45 8.26
N MET B 70 2.88 1.05 7.09
CA MET B 70 3.17 2.44 6.87
C MET B 70 2.15 3.36 7.57
N GLY B 71 0.88 2.99 7.53
CA GLY B 71 -0.18 3.79 8.11
C GLY B 71 -0.30 3.63 9.61
N ASN B 72 -0.02 2.43 10.08
CA ASN B 72 0.00 2.12 11.50
C ASN B 72 1.30 2.27 12.28
N PHE B 73 2.42 1.79 11.76
CA PHE B 73 3.67 1.85 12.52
C PHE B 73 4.86 2.70 12.05
N HIS B 74 5.22 2.59 10.79
CA HIS B 74 6.49 3.11 10.30
C HIS B 74 6.29 4.37 9.47
N PRO B 75 6.66 5.52 10.02
CA PRO B 75 6.30 6.79 9.37
C PRO B 75 7.13 7.10 8.13
N HIS B 76 7.58 6.12 7.35
CA HIS B 76 8.49 6.42 6.25
C HIS B 76 8.07 5.85 4.90
N GLY B 77 8.99 5.93 3.94
CA GLY B 77 8.71 5.54 2.58
C GLY B 77 8.36 4.08 2.42
N ASP B 78 7.36 3.82 1.58
CA ASP B 78 6.98 2.45 1.29
C ASP B 78 8.13 1.67 0.64
N SER B 79 8.90 2.34 -0.20
CA SER B 79 10.05 1.71 -0.84
C SER B 79 10.99 1.14 0.21
N SER B 80 11.22 1.90 1.27
CA SER B 80 12.13 1.47 2.34
C SER B 80 11.55 0.26 3.08
N ILE B 81 10.28 0.36 3.44
CA ILE B 81 9.57 -0.74 4.09
C ILE B 81 9.56 -2.00 3.23
N TYR B 82 9.16 -1.86 1.97
CA TYR B 82 9.12 -2.98 1.04
C TYR B 82 10.48 -3.63 0.75
N ASP B 83 11.48 -2.83 0.43
CA ASP B 83 12.77 -3.41 0.14
C ASP B 83 13.23 -4.23 1.32
N ALA B 84 13.16 -3.66 2.51
CA ALA B 84 13.54 -4.36 3.74
C ALA B 84 12.72 -5.64 3.94
N MET B 85 11.44 -5.60 3.58
CA MET B 85 10.62 -6.79 3.56
C MET B 85 11.24 -7.83 2.62
N VAL B 86 11.48 -7.42 1.39
CA VAL B 86 12.06 -8.30 0.38
C VAL B 86 13.33 -8.97 0.84
N ARG B 87 14.19 -8.20 1.50
CA ARG B 87 15.47 -8.73 1.93
C ARG B 87 15.26 -9.92 2.85
N MET B 88 14.36 -9.73 3.81
CA MET B 88 14.01 -10.77 4.77
C MET B 88 13.51 -12.05 4.09
N SER B 89 13.05 -11.93 2.85
CA SER B 89 12.64 -13.06 2.01
C SER B 89 13.77 -13.73 1.21
N GLN B 90 15.01 -13.37 1.49
CA GLN B 90 16.14 -13.78 0.64
C GLN B 90 17.12 -14.82 1.21
N ASN B 91 16.85 -16.10 0.96
CA ASN B 91 17.74 -17.19 1.42
C ASN B 91 19.26 -16.99 1.25
N TRP B 92 19.70 -16.32 0.20
CA TRP B 92 21.14 -15.99 0.09
C TRP B 92 21.69 -14.91 1.05
N LYS B 93 20.96 -13.81 1.23
CA LYS B 93 21.35 -12.76 2.20
C LYS B 93 21.19 -13.15 3.70
N ASN B 94 19.99 -13.60 4.11
CA ASN B 94 19.78 -14.16 5.47
C ASN B 94 20.00 -15.67 5.57
N ARG B 95 20.47 -16.16 6.73
CA ARG B 95 20.66 -17.61 6.93
C ARG B 95 19.35 -18.24 7.33
N GLU B 96 18.53 -17.49 8.06
CA GLU B 96 17.17 -17.94 8.32
C GLU B 96 16.10 -16.90 7.96
N ILE B 97 15.74 -16.91 6.69
CA ILE B 97 14.77 -16.02 6.09
C ILE B 97 13.58 -15.83 7.05
N LEU B 98 13.08 -14.60 7.17
CA LEU B 98 11.97 -14.36 8.08
C LEU B 98 10.73 -13.90 7.35
N VAL B 99 10.77 -13.95 6.03
CA VAL B 99 9.63 -13.57 5.23
C VAL B 99 9.59 -14.48 4.03
N GLU B 100 8.41 -14.99 3.72
CA GLU B 100 8.26 -15.80 2.55
C GLU B 100 7.56 -14.93 1.51
N MET B 101 8.18 -14.79 0.34
CA MET B 101 7.60 -13.98 -0.72
C MET B 101 7.41 -14.76 -2.03
N HIS B 102 6.24 -14.59 -2.64
CA HIS B 102 5.86 -15.32 -3.84
C HIS B 102 6.02 -14.34 -5.00
N GLY B 103 6.77 -14.77 -6.01
CA GLY B 103 7.06 -13.90 -7.12
C GLY B 103 8.53 -13.57 -7.19
N ASN B 104 8.83 -12.59 -8.03
CA ASN B 104 10.20 -12.18 -8.23
C ASN B 104 10.70 -11.34 -7.08
N ASN B 105 11.46 -11.95 -6.18
CA ASN B 105 12.07 -11.23 -5.07
C ASN B 105 13.56 -11.07 -5.26
N GLY B 106 13.99 -10.98 -6.51
CA GLY B 106 15.41 -10.85 -6.80
C GLY B 106 16.14 -12.18 -6.90
N SER B 107 17.46 -12.09 -7.03
CA SER B 107 18.31 -13.26 -7.15
C SER B 107 19.73 -12.88 -6.81
N MET B 108 20.63 -13.83 -6.94
CA MET B 108 22.04 -13.55 -6.76
C MET B 108 22.59 -12.78 -7.96
N ASP B 109 22.12 -13.11 -9.17
CA ASP B 109 22.59 -12.41 -10.36
C ASP B 109 22.16 -10.94 -10.30
N GLY B 110 21.73 -10.52 -9.12
CA GLY B 110 21.53 -9.12 -8.79
C GLY B 110 20.30 -8.41 -9.32
N ASP B 111 19.40 -9.15 -9.96
CA ASP B 111 18.24 -8.52 -10.58
C ASP B 111 17.21 -7.92 -9.60
N PRO B 112 16.40 -6.99 -10.12
CA PRO B 112 15.43 -6.13 -9.43
C PRO B 112 14.17 -6.87 -9.03
N PRO B 113 13.95 -6.99 -7.73
CA PRO B 113 12.74 -7.63 -7.21
C PRO B 113 11.52 -6.97 -7.84
N ALA B 114 10.47 -7.74 -8.04
CA ALA B 114 9.22 -7.20 -8.58
C ALA B 114 8.59 -6.28 -7.57
N ALA B 115 7.76 -5.37 -8.07
CA ALA B 115 7.14 -4.37 -7.22
C ALA B 115 6.21 -4.98 -6.18
N MET B 116 5.92 -4.23 -5.12
CA MET B 116 5.04 -4.72 -4.08
C MET B 116 3.66 -4.98 -4.64
N ARG B 117 3.39 -4.44 -5.82
CA ARG B 117 2.10 -4.62 -6.46
C ARG B 117 1.99 -5.93 -7.22
N TYR B 118 3.09 -6.68 -7.34
CA TYR B 118 3.06 -7.96 -8.00
C TYR B 118 3.19 -9.10 -6.99
N THR B 119 3.95 -8.87 -5.93
CA THR B 119 4.32 -9.95 -5.02
C THR B 119 3.25 -10.26 -4.00
N GLU B 120 3.49 -11.31 -3.22
CA GLU B 120 2.61 -11.73 -2.13
C GLU B 120 3.53 -12.22 -1.05
N ALA B 121 3.18 -12.01 0.19
CA ALA B 121 4.07 -12.46 1.24
C ALA B 121 3.33 -12.92 2.48
N ARG B 122 4.00 -13.76 3.26
CA ARG B 122 3.61 -14.04 4.63
C ARG B 122 4.87 -14.10 5.46
N LEU B 123 4.75 -14.20 6.78
CA LEU B 123 5.95 -14.26 7.59
C LEU B 123 6.41 -15.68 7.43
N SER B 124 7.61 -16.00 7.90
CA SER B 124 8.02 -17.38 7.85
C SER B 124 7.55 -18.09 9.11
N GLU B 125 8.04 -19.30 9.32
CA GLU B 125 7.64 -20.10 10.47
C GLU B 125 8.48 -19.68 11.66
N ILE B 126 9.79 -19.63 11.44
CA ILE B 126 10.75 -19.31 12.49
C ILE B 126 10.54 -17.92 13.05
N ALA B 127 10.03 -16.99 12.23
CA ALA B 127 9.73 -15.63 12.68
C ALA B 127 8.70 -15.57 13.82
N GLY B 128 7.71 -16.45 13.78
CA GLY B 128 6.76 -16.56 14.88
C GLY B 128 7.50 -16.76 16.19
N TYR B 129 8.57 -17.54 16.13
CA TYR B 129 9.45 -17.70 17.28
C TYR B 129 9.96 -16.36 17.88
N LEU B 130 10.41 -15.42 17.04
CA LEU B 130 10.81 -14.11 17.59
C LEU B 130 9.66 -13.43 18.33
N LEU B 131 8.46 -13.55 17.76
CA LEU B 131 7.25 -12.96 18.34
C LEU B 131 6.65 -13.77 19.48
N GLN B 132 7.15 -14.99 19.68
CA GLN B 132 6.58 -15.91 20.68
C GLN B 132 6.33 -15.31 22.07
N ASP B 133 5.10 -15.39 22.55
CA ASP B 133 4.77 -14.90 23.89
C ASP B 133 4.52 -13.40 23.95
N ILE B 134 4.59 -12.72 22.81
CA ILE B 134 4.42 -11.27 22.79
C ILE B 134 3.08 -10.86 23.39
N GLU B 135 2.11 -11.76 23.26
CA GLU B 135 0.75 -11.50 23.72
C GLU B 135 0.60 -11.71 25.22
N LYS B 136 1.69 -12.08 25.88
CA LYS B 136 1.64 -12.29 27.32
C LYS B 136 2.56 -11.30 28.03
N LYS B 137 2.39 -10.02 27.71
CA LYS B 137 3.05 -8.93 28.42
C LYS B 137 4.48 -9.27 28.86
N THR B 138 5.32 -9.58 27.88
CA THR B 138 6.64 -10.15 28.12
C THR B 138 7.69 -9.13 27.78
N VAL B 139 7.23 -7.95 27.41
CA VAL B 139 8.10 -7.03 26.69
C VAL B 139 7.51 -5.62 26.61
N PRO B 140 8.40 -4.63 26.60
CA PRO B 140 8.08 -3.19 26.68
C PRO B 140 7.38 -2.64 25.43
N PHE B 141 6.22 -2.01 25.63
CA PHE B 141 5.45 -1.43 24.51
C PHE B 141 5.46 0.10 24.53
N ALA B 142 5.36 0.69 23.34
CA ALA B 142 5.30 2.13 23.19
C ALA B 142 4.10 2.50 22.34
N TRP B 143 3.82 3.79 22.22
CA TRP B 143 2.73 4.20 21.36
C TRP B 143 3.24 4.48 19.96
N ASN B 144 2.42 4.17 18.97
CA ASN B 144 2.73 4.49 17.60
C ASN B 144 2.64 6.00 17.46
N PHE B 145 3.13 6.53 16.35
CA PHE B 145 3.10 7.97 16.13
C PHE B 145 1.69 8.59 16.19
N ASP B 146 0.69 7.87 15.73
CA ASP B 146 -0.70 8.31 15.84
C ASP B 146 -1.15 8.46 17.28
N ASP B 147 -0.49 7.72 18.18
CA ASP B 147 -0.96 7.52 19.54
C ASP B 147 -2.31 6.84 19.51
N THR B 148 -2.38 5.72 18.80
CA THR B 148 -3.63 5.02 18.59
C THR B 148 -3.48 3.52 18.81
N GLU B 149 -2.24 3.10 19.05
CA GLU B 149 -1.90 1.70 19.02
C GLU B 149 -0.53 1.54 19.60
N LYS B 150 -0.28 0.39 20.22
CA LYS B 150 1.02 0.20 20.83
C LYS B 150 1.93 -0.76 20.03
N GLU B 151 3.23 -0.65 20.27
CA GLU B 151 4.22 -1.22 19.40
C GLU B 151 5.28 -1.86 20.31
N PRO B 152 5.73 -3.07 19.96
CA PRO B 152 6.84 -3.58 20.78
C PRO B 152 8.12 -2.80 20.47
N THR B 153 8.91 -2.45 21.48
CA THR B 153 10.23 -1.86 21.24
C THR B 153 11.25 -2.97 20.99
N VAL B 154 10.89 -4.19 21.38
CA VAL B 154 11.76 -5.35 21.25
C VAL B 154 10.90 -6.63 21.21
N LEU B 155 11.32 -7.63 20.45
CA LEU B 155 10.57 -8.88 20.43
C LEU B 155 11.11 -9.88 21.44
N PRO B 156 10.25 -10.77 21.92
CA PRO B 156 10.59 -11.83 22.88
C PRO B 156 11.79 -12.65 22.44
N ALA B 157 12.03 -12.70 21.13
CA ALA B 157 13.23 -13.31 20.56
C ALA B 157 13.58 -14.72 21.06
N ALA B 158 12.78 -15.71 20.66
CA ALA B 158 12.94 -17.08 21.15
C ALA B 158 14.24 -17.77 20.71
N PHE B 159 14.98 -17.14 19.80
CA PHE B 159 16.36 -17.53 19.49
C PHE B 159 17.21 -16.25 19.33
N PRO B 160 18.54 -16.39 19.18
CA PRO B 160 19.49 -15.27 19.04
C PRO B 160 19.63 -14.73 17.60
N ASN B 161 18.57 -14.15 17.08
CA ASN B 161 18.56 -13.66 15.71
C ASN B 161 19.75 -12.74 15.40
N LEU B 162 20.19 -11.95 16.37
CA LEU B 162 21.29 -11.02 16.13
C LEU B 162 22.48 -11.74 15.52
N LEU B 163 22.95 -12.78 16.19
CA LEU B 163 24.06 -13.59 15.68
C LEU B 163 23.69 -14.43 14.46
N VAL B 164 22.51 -15.04 14.50
CA VAL B 164 22.10 -15.93 13.42
C VAL B 164 22.01 -15.22 12.07
N ASN B 165 21.13 -14.24 11.96
CA ASN B 165 20.96 -13.52 10.70
C ASN B 165 21.96 -12.38 10.42
N GLY B 166 22.50 -11.78 11.47
CA GLY B 166 23.50 -10.74 11.29
C GLY B 166 22.89 -9.37 11.00
N SER B 167 23.67 -8.48 10.38
CA SER B 167 23.22 -7.10 10.17
C SER B 167 24.21 -6.19 9.46
N THR B 168 23.72 -5.36 8.54
CA THR B 168 24.46 -4.18 8.07
C THR B 168 23.51 -3.11 7.52
N GLY B 169 23.76 -1.82 7.79
CA GLY B 169 24.73 -1.37 8.77
C GLY B 169 25.39 -0.01 8.59
N ILE B 170 24.66 1.03 8.16
CA ILE B 170 25.27 2.37 8.04
C ILE B 170 24.50 3.54 8.66
N SER B 171 25.01 4.09 9.75
CA SER B 171 24.30 5.17 10.44
C SER B 171 25.16 6.42 10.55
N ALA B 172 24.95 7.21 11.61
CA ALA B 172 25.74 8.42 11.82
C ALA B 172 26.77 8.25 12.93
N GLY B 173 28.04 8.22 12.55
CA GLY B 173 29.10 8.06 13.52
C GLY B 173 29.45 6.60 13.78
N TYR B 174 28.53 5.71 13.47
CA TYR B 174 28.82 4.29 13.57
C TYR B 174 28.36 3.55 12.32
N ALA B 175 28.99 2.41 12.07
CA ALA B 175 28.44 1.43 11.14
C ALA B 175 28.33 0.08 11.86
N THR B 176 27.63 -0.87 11.27
CA THR B 176 27.62 -2.21 11.82
C THR B 176 27.64 -3.26 10.70
N ASP B 177 28.57 -4.18 10.79
CA ASP B 177 28.58 -5.36 9.95
C ASP B 177 28.72 -6.58 10.84
N ILE B 178 27.75 -7.48 10.74
CA ILE B 178 27.75 -8.74 11.45
C ILE B 178 27.32 -9.84 10.49
N PRO B 179 28.09 -10.95 10.45
CA PRO B 179 27.86 -12.04 9.50
C PRO B 179 26.91 -13.07 10.10
N PRO B 180 26.27 -13.88 9.25
CA PRO B 180 25.34 -14.91 9.74
C PRO B 180 26.05 -16.03 10.49
N HIS B 181 25.30 -16.72 11.34
CA HIS B 181 25.82 -17.86 12.11
C HIS B 181 24.79 -18.96 12.21
N ASN B 182 25.29 -20.20 12.25
CA ASN B 182 24.47 -21.40 12.42
C ASN B 182 23.55 -21.42 13.64
N LEU B 183 22.24 -21.24 13.47
CA LEU B 183 21.33 -21.27 14.63
C LEU B 183 21.80 -22.30 15.66
N ALA B 184 22.02 -23.53 15.20
CA ALA B 184 22.35 -24.60 16.11
C ALA B 184 23.58 -24.23 16.94
N GLU B 185 24.68 -23.94 16.25
CA GLU B 185 25.93 -23.57 16.92
C GLU B 185 25.74 -22.46 17.94
N VAL B 186 25.04 -21.39 17.54
CA VAL B 186 24.87 -20.23 18.41
C VAL B 186 24.13 -20.58 19.69
N ILE B 187 23.12 -21.42 19.55
CA ILE B 187 22.34 -21.82 20.70
C ILE B 187 23.20 -22.62 21.66
N ASP B 188 24.07 -23.46 21.12
CA ASP B 188 24.99 -24.23 21.95
C ASP B 188 25.90 -23.31 22.78
N ALA B 189 26.38 -22.24 22.17
CA ALA B 189 27.17 -21.24 22.88
C ALA B 189 26.31 -20.56 23.94
N ALA B 190 25.16 -20.08 23.50
CA ALA B 190 24.25 -19.40 24.39
C ALA B 190 24.09 -20.26 25.63
N VAL B 191 23.74 -21.53 25.40
CA VAL B 191 23.44 -22.45 26.48
C VAL B 191 24.58 -22.60 27.45
N TYR B 192 25.78 -22.80 26.90
CA TYR B 192 26.93 -22.96 27.77
C TYR B 192 27.02 -21.76 28.70
N MET B 193 26.92 -20.57 28.11
CA MET B 193 27.08 -19.34 28.88
C MET B 193 26.05 -19.22 29.99
N ILE B 194 24.89 -19.84 29.79
CA ILE B 194 23.86 -19.85 30.82
C ILE B 194 24.36 -20.62 32.04
N ASP B 195 24.94 -21.80 31.81
CA ASP B 195 25.50 -22.61 32.89
C ASP B 195 26.76 -21.98 33.48
N HIS B 196 27.82 -21.92 32.69
CA HIS B 196 29.02 -21.18 33.06
C HIS B 196 29.02 -19.73 32.53
N PRO B 197 28.52 -18.78 33.33
CA PRO B 197 28.41 -17.37 32.94
C PRO B 197 29.73 -16.72 32.56
N THR B 198 30.74 -16.97 33.37
CA THR B 198 32.06 -16.40 33.18
C THR B 198 32.83 -17.09 32.05
N ALA B 199 32.09 -17.55 31.04
CA ALA B 199 32.68 -18.30 29.93
C ALA B 199 33.78 -17.51 29.23
N LYS B 200 34.94 -18.13 29.07
CA LYS B 200 36.04 -17.54 28.32
C LYS B 200 35.82 -17.74 26.83
N ILE B 201 36.28 -16.79 26.01
CA ILE B 201 36.02 -16.85 24.57
C ILE B 201 36.54 -18.12 23.92
N ASP B 202 37.73 -18.55 24.31
CA ASP B 202 38.33 -19.75 23.74
C ASP B 202 37.38 -20.95 23.79
N LYS B 203 36.77 -21.22 24.95
CA LYS B 203 35.79 -22.30 25.08
C LYS B 203 34.51 -22.06 24.27
N LEU B 204 34.02 -20.82 24.26
CA LEU B 204 32.82 -20.48 23.50
C LEU B 204 33.06 -20.74 22.01
N MET B 205 34.28 -20.43 21.55
CA MET B 205 34.71 -20.67 20.16
C MET B 205 34.55 -22.13 19.77
N GLU B 206 34.77 -23.02 20.72
CA GLU B 206 34.61 -24.46 20.50
C GLU B 206 33.23 -24.81 19.96
N PHE B 207 32.19 -24.26 20.59
CA PHE B 207 30.82 -24.40 20.08
C PHE B 207 30.55 -23.51 18.86
N LEU B 208 30.54 -22.19 19.07
CA LEU B 208 30.47 -21.21 17.98
C LEU B 208 31.86 -20.85 17.45
N PRO B 209 32.31 -21.53 16.39
CA PRO B 209 33.62 -21.20 15.82
C PRO B 209 33.50 -20.63 14.43
N GLY B 210 33.64 -19.32 14.28
CA GLY B 210 33.45 -18.71 12.97
C GLY B 210 31.99 -18.67 12.58
N PRO B 211 31.67 -17.89 11.53
CA PRO B 211 30.28 -17.67 11.13
C PRO B 211 29.73 -18.82 10.29
N ASP B 212 28.79 -18.49 9.42
CA ASP B 212 28.16 -19.43 8.49
C ASP B 212 27.37 -18.62 7.48
N PHE B 213 27.99 -18.30 6.36
CA PHE B 213 27.32 -17.55 5.31
C PHE B 213 26.34 -18.45 4.54
N PRO B 214 25.17 -17.90 4.21
CA PRO B 214 24.14 -18.68 3.51
C PRO B 214 24.65 -19.16 2.17
N THR B 215 25.60 -18.43 1.59
CA THR B 215 26.21 -18.82 0.33
C THR B 215 27.33 -19.82 0.52
N GLY B 216 27.49 -20.30 1.74
CA GLY B 216 28.51 -21.28 2.06
C GLY B 216 29.90 -20.74 1.80
N ALA B 217 30.75 -21.58 1.22
CA ALA B 217 32.11 -21.20 0.82
C ALA B 217 33.18 -21.50 1.86
N ILE B 218 34.40 -21.04 1.62
CA ILE B 218 35.53 -21.31 2.50
C ILE B 218 35.97 -20.07 3.28
N ILE B 219 36.10 -20.23 4.59
CA ILE B 219 36.47 -19.16 5.49
C ILE B 219 37.77 -19.49 6.23
N GLN B 220 38.77 -18.62 6.11
CA GLN B 220 40.05 -18.83 6.76
C GLN B 220 40.42 -17.61 7.56
N GLY B 221 40.77 -17.83 8.82
CA GLY B 221 41.15 -16.74 9.70
C GLY B 221 40.84 -17.05 11.15
N ARG B 222 40.99 -18.31 11.55
CA ARG B 222 40.77 -18.69 12.93
C ARG B 222 41.39 -17.63 13.83
N ASP B 223 42.67 -17.35 13.62
CA ASP B 223 43.36 -16.34 14.41
C ASP B 223 42.54 -15.06 14.41
N GLU B 224 42.10 -14.65 13.22
CA GLU B 224 41.26 -13.45 13.07
C GLU B 224 39.85 -13.55 13.68
N ILE B 225 39.17 -14.67 13.46
CA ILE B 225 37.82 -14.82 14.02
C ILE B 225 37.89 -14.65 15.54
N LYS B 226 38.96 -15.14 16.15
CA LYS B 226 39.15 -14.97 17.58
C LYS B 226 39.09 -13.48 17.97
N LYS B 227 39.94 -12.67 17.34
CA LYS B 227 40.00 -11.23 17.60
C LYS B 227 38.67 -10.55 17.37
N ALA B 228 37.96 -10.93 16.30
CA ALA B 228 36.62 -10.40 16.08
C ALA B 228 35.70 -10.72 17.27
N TYR B 229 35.51 -12.01 17.54
CA TYR B 229 34.66 -12.46 18.64
C TYR B 229 35.05 -11.83 19.97
N GLU B 230 36.33 -11.50 20.10
CA GLU B 230 36.84 -10.80 21.27
C GLU B 230 36.51 -9.32 21.28
N THR B 231 37.21 -8.55 20.44
CA THR B 231 37.05 -7.09 20.41
C THR B 231 35.78 -6.63 19.71
N GLY B 232 35.50 -7.24 18.56
CA GLY B 232 34.38 -6.83 17.74
C GLY B 232 34.79 -6.63 16.30
N LYS B 233 36.04 -6.22 16.09
CA LYS B 233 36.56 -6.00 14.74
C LYS B 233 37.48 -7.13 14.28
N GLY B 234 37.41 -7.46 12.99
CA GLY B 234 38.20 -8.57 12.45
C GLY B 234 38.21 -8.67 10.93
N ARG B 235 39.30 -9.18 10.37
CA ARG B 235 39.38 -9.43 8.95
C ARG B 235 39.59 -10.92 8.73
N VAL B 236 38.70 -11.50 7.94
CA VAL B 236 38.71 -12.93 7.70
C VAL B 236 38.66 -13.10 6.18
N VAL B 237 39.11 -14.25 5.69
CA VAL B 237 39.21 -14.45 4.24
C VAL B 237 38.17 -15.40 3.72
N VAL B 238 37.52 -15.01 2.63
CA VAL B 238 36.43 -15.80 2.09
C VAL B 238 36.69 -16.20 0.64
N ARG B 239 36.73 -17.51 0.39
CA ARG B 239 37.07 -18.02 -0.92
C ARG B 239 35.97 -18.92 -1.46
N SER B 240 35.55 -18.63 -2.69
CA SER B 240 34.55 -19.46 -3.36
C SER B 240 35.06 -20.91 -3.43
N LYS B 241 34.17 -21.85 -3.69
CA LYS B 241 34.52 -23.26 -3.60
C LYS B 241 34.80 -23.82 -4.99
N THR B 242 35.96 -24.44 -5.14
CA THR B 242 36.51 -24.77 -6.45
C THR B 242 36.69 -26.28 -6.69
N GLU B 243 36.35 -26.71 -7.88
CA GLU B 243 36.50 -28.09 -8.30
C GLU B 243 37.17 -28.13 -9.68
N ILE B 244 37.79 -29.26 -10.01
CA ILE B 244 38.40 -29.42 -11.32
C ILE B 244 37.63 -30.46 -12.12
N GLU B 245 37.31 -30.11 -13.36
CA GLU B 245 36.61 -31.00 -14.29
C GLU B 245 37.48 -31.21 -15.54
N LYS B 246 37.54 -32.43 -16.06
CA LYS B 246 38.43 -32.71 -17.20
C LYS B 246 37.62 -32.86 -18.47
N LEU B 247 38.09 -32.25 -19.54
CA LEU B 247 37.31 -32.15 -20.78
C LEU B 247 37.97 -32.85 -21.97
N LYS B 248 37.22 -33.75 -22.59
CA LYS B 248 37.70 -34.53 -23.73
C LYS B 248 38.40 -33.67 -24.78
N GLY B 249 39.73 -33.66 -24.74
CA GLY B 249 40.51 -32.90 -25.70
C GLY B 249 41.77 -32.25 -25.14
N GLY B 250 42.28 -32.80 -24.04
CA GLY B 250 43.44 -32.23 -23.38
C GLY B 250 43.08 -30.88 -22.80
N LYS B 251 41.83 -30.74 -22.38
CA LYS B 251 41.30 -29.49 -21.85
C LYS B 251 40.90 -29.63 -20.38
N GLU B 252 41.02 -28.53 -19.63
CA GLU B 252 40.65 -28.52 -18.21
C GLU B 252 39.64 -27.42 -17.88
N GLN B 253 38.64 -27.76 -17.07
CA GLN B 253 37.62 -26.80 -16.63
C GLN B 253 37.70 -26.56 -15.13
N ILE B 254 37.49 -25.30 -14.75
CA ILE B 254 37.48 -24.90 -13.34
C ILE B 254 36.03 -24.57 -13.00
N VAL B 255 35.47 -25.29 -12.04
CA VAL B 255 34.06 -25.17 -11.71
C VAL B 255 33.89 -24.59 -10.31
N ILE B 256 32.96 -23.64 -10.17
CA ILE B 256 32.78 -22.92 -8.93
C ILE B 256 31.35 -23.10 -8.47
N THR B 257 31.15 -23.56 -7.24
CA THR B 257 29.81 -23.85 -6.77
C THR B 257 29.44 -23.18 -5.46
N GLU B 258 30.14 -22.09 -5.13
CA GLU B 258 29.82 -21.27 -3.97
C GLU B 258 30.67 -20.01 -4.02
N ILE B 259 30.06 -18.84 -3.90
CA ILE B 259 30.83 -17.60 -3.89
C ILE B 259 30.65 -16.90 -2.56
N PRO B 260 31.54 -15.95 -2.25
CA PRO B 260 31.55 -15.34 -0.92
C PRO B 260 30.33 -14.49 -0.66
N TYR B 261 29.87 -14.48 0.58
CA TYR B 261 28.73 -13.69 1.01
C TYR B 261 28.66 -12.36 0.27
N GLU B 262 27.46 -11.97 -0.11
CA GLU B 262 27.19 -10.59 -0.54
C GLU B 262 27.87 -10.14 -1.84
N ILE B 263 28.20 -11.07 -2.72
CA ILE B 263 28.78 -10.69 -4.02
C ILE B 263 27.85 -11.04 -5.19
N ASN B 264 27.85 -10.16 -6.18
CA ASN B 264 26.95 -10.22 -7.33
C ASN B 264 27.32 -11.23 -8.42
N LYS B 265 26.93 -12.49 -8.29
CA LYS B 265 27.28 -13.53 -9.28
C LYS B 265 27.26 -13.08 -10.76
N ALA B 266 26.27 -12.28 -11.13
CA ALA B 266 26.20 -11.78 -12.50
C ALA B 266 27.43 -10.98 -12.87
N ASN B 267 27.72 -9.95 -12.07
CA ASN B 267 28.94 -9.13 -12.18
C ASN B 267 30.28 -9.85 -11.97
N LEU B 268 30.34 -10.75 -10.99
CA LEU B 268 31.56 -11.52 -10.73
C LEU B 268 31.94 -12.26 -12.01
N VAL B 269 30.94 -12.88 -12.62
CA VAL B 269 31.13 -13.56 -13.89
C VAL B 269 31.69 -12.62 -14.95
N LYS B 270 31.06 -11.45 -15.12
CA LYS B 270 31.56 -10.47 -16.09
C LYS B 270 33.02 -10.09 -15.85
N LYS B 271 33.38 -9.85 -14.60
CA LYS B 271 34.77 -9.54 -14.24
C LYS B 271 35.74 -10.66 -14.60
N ILE B 272 35.32 -11.90 -14.42
CA ILE B 272 36.13 -13.05 -14.83
C ILE B 272 36.32 -13.13 -16.36
N ASP B 273 35.22 -13.03 -17.11
CA ASP B 273 35.31 -12.98 -18.57
C ASP B 273 36.16 -11.79 -19.00
N ASP B 274 36.11 -10.71 -18.24
CA ASP B 274 36.91 -9.51 -18.49
C ASP B 274 38.42 -9.74 -18.30
N VAL B 275 38.79 -10.56 -17.32
CA VAL B 275 40.18 -10.97 -17.18
C VAL B 275 40.61 -11.67 -18.45
N ARG B 276 39.73 -12.49 -19.02
CA ARG B 276 40.01 -13.21 -20.25
C ARG B 276 40.17 -12.34 -21.51
N VAL B 277 39.18 -11.47 -21.77
CA VAL B 277 39.25 -10.59 -22.94
C VAL B 277 40.40 -9.60 -22.89
N ASN B 278 40.48 -8.83 -21.81
CA ASN B 278 41.65 -7.98 -21.56
C ASN B 278 42.94 -8.82 -21.37
N ASN B 279 42.80 -10.13 -21.59
CA ASN B 279 43.91 -11.08 -21.48
C ASN B 279 44.91 -10.75 -20.38
N LYS B 280 44.45 -10.76 -19.14
CA LYS B 280 45.30 -10.42 -17.99
C LYS B 280 45.93 -11.67 -17.36
N VAL B 281 45.55 -12.84 -17.84
CA VAL B 281 46.18 -14.10 -17.42
C VAL B 281 46.20 -15.09 -18.57
N ALA B 282 46.89 -16.21 -18.38
CA ALA B 282 47.20 -17.14 -19.46
C ALA B 282 46.09 -18.16 -19.78
N GLY B 283 45.58 -18.81 -18.75
CA GLY B 283 44.58 -19.86 -18.94
C GLY B 283 43.23 -19.41 -19.47
N ILE B 284 43.16 -18.18 -19.96
CA ILE B 284 41.91 -17.62 -20.47
C ILE B 284 41.39 -18.40 -21.68
N ALA B 285 40.17 -18.90 -21.55
CA ALA B 285 39.53 -19.72 -22.56
C ALA B 285 38.11 -19.21 -22.76
N GLU B 286 37.14 -20.01 -22.33
CA GLU B 286 35.75 -19.53 -22.23
C GLU B 286 35.28 -19.40 -20.77
N VAL B 287 34.44 -18.40 -20.49
CA VAL B 287 33.81 -18.27 -19.18
C VAL B 287 32.31 -18.40 -19.34
N ARG B 288 31.73 -19.36 -18.65
CA ARG B 288 30.29 -19.62 -18.75
C ARG B 288 29.61 -19.74 -17.38
N ASP B 289 28.51 -19.02 -17.22
CA ASP B 289 27.73 -19.15 -16.01
C ASP B 289 26.58 -20.09 -16.36
N GLU B 290 26.66 -21.32 -15.87
CA GLU B 290 25.58 -22.26 -16.08
C GLU B 290 24.95 -22.60 -14.75
N SER B 291 24.02 -21.74 -14.34
CA SER B 291 23.30 -21.88 -13.10
C SER B 291 21.86 -21.82 -13.52
N ASP B 292 21.05 -22.72 -12.97
CA ASP B 292 19.61 -22.67 -13.17
C ASP B 292 19.03 -22.77 -11.78
N ARG B 293 17.71 -22.68 -11.66
CA ARG B 293 17.09 -22.92 -10.36
C ARG B 293 17.77 -24.13 -9.71
N ASP B 294 17.68 -24.25 -8.39
CA ASP B 294 18.22 -25.40 -7.65
C ASP B 294 19.71 -25.75 -7.87
N GLY B 295 20.55 -24.77 -8.16
CA GLY B 295 21.96 -25.04 -8.34
C GLY B 295 22.83 -23.90 -8.87
N LEU B 296 23.99 -23.72 -8.24
CA LEU B 296 24.94 -22.69 -8.67
C LEU B 296 26.18 -23.35 -9.31
N ARG B 297 26.40 -23.05 -10.57
CA ARG B 297 27.53 -23.63 -11.30
C ARG B 297 28.20 -22.61 -12.23
N ILE B 298 29.48 -22.33 -11.98
CA ILE B 298 30.22 -21.42 -12.84
C ILE B 298 31.38 -22.18 -13.42
N ALA B 299 31.37 -22.35 -14.74
CA ALA B 299 32.40 -23.13 -15.40
C ALA B 299 33.30 -22.20 -16.20
N ILE B 300 34.57 -22.17 -15.80
CA ILE B 300 35.59 -21.42 -16.52
C ILE B 300 36.50 -22.46 -17.10
N GLU B 301 36.47 -22.58 -18.43
CA GLU B 301 37.20 -23.65 -19.11
C GLU B 301 38.46 -23.07 -19.75
N LEU B 302 39.47 -23.91 -19.90
CA LEU B 302 40.79 -23.46 -20.28
C LEU B 302 41.16 -23.96 -21.68
N LYS B 303 42.37 -23.63 -22.12
CA LYS B 303 42.69 -23.73 -23.55
C LYS B 303 43.44 -25.01 -23.94
N LYS B 304 44.73 -25.09 -23.61
CA LYS B 304 45.53 -26.28 -23.89
C LYS B 304 46.70 -26.34 -22.94
N ASP B 305 47.44 -25.23 -22.87
CA ASP B 305 48.44 -25.05 -21.83
C ASP B 305 47.69 -24.82 -20.52
N ALA B 306 47.18 -25.91 -19.93
CA ALA B 306 46.34 -25.83 -18.75
C ALA B 306 47.07 -25.33 -17.50
N ASN B 307 47.36 -24.04 -17.49
CA ASN B 307 47.95 -23.36 -16.34
C ASN B 307 47.00 -23.27 -15.14
N THR B 308 46.16 -24.30 -14.97
CA THR B 308 45.07 -24.26 -14.00
C THR B 308 45.39 -23.65 -12.62
N GLU B 309 46.33 -24.24 -11.89
CA GLU B 309 46.67 -23.74 -10.55
C GLU B 309 47.09 -22.27 -10.58
N LEU B 310 47.91 -21.91 -11.56
CA LEU B 310 48.32 -20.52 -11.76
C LEU B 310 47.12 -19.60 -11.97
N VAL B 311 46.23 -20.01 -12.87
CA VAL B 311 45.05 -19.20 -13.21
C VAL B 311 44.08 -19.00 -12.04
N LEU B 312 43.62 -20.09 -11.44
CA LEU B 312 42.70 -19.95 -10.33
C LEU B 312 43.31 -19.00 -9.31
N ASN B 313 44.56 -19.28 -8.94
CA ASN B 313 45.26 -18.48 -7.95
C ASN B 313 45.30 -17.00 -8.32
N TYR B 314 45.46 -16.72 -9.61
CA TYR B 314 45.45 -15.34 -10.10
C TYR B 314 44.08 -14.73 -9.85
N LEU B 315 43.05 -15.43 -10.31
CA LEU B 315 41.69 -14.96 -10.12
C LEU B 315 41.43 -14.67 -8.65
N PHE B 316 41.91 -15.55 -7.77
CA PHE B 316 41.70 -15.42 -6.32
C PHE B 316 42.07 -14.04 -5.80
N LYS B 317 43.21 -13.53 -6.27
CA LYS B 317 43.57 -12.17 -5.92
C LYS B 317 42.71 -11.17 -6.71
N TYR B 318 42.82 -11.23 -8.03
CA TYR B 318 42.35 -10.15 -8.89
C TYR B 318 40.86 -10.02 -9.20
N THR B 319 40.07 -11.08 -8.98
CA THR B 319 38.61 -10.94 -8.98
C THR B 319 38.08 -11.11 -7.56
N ASP B 320 36.76 -11.09 -7.40
CA ASP B 320 36.19 -11.22 -6.06
C ASP B 320 35.86 -12.68 -5.73
N LEU B 321 36.26 -13.60 -6.60
CA LEU B 321 36.11 -15.02 -6.29
C LEU B 321 36.68 -15.29 -4.91
N GLN B 322 37.67 -14.49 -4.52
CA GLN B 322 38.13 -14.41 -3.15
C GLN B 322 37.96 -12.98 -2.65
N ILE B 323 37.28 -12.84 -1.51
CA ILE B 323 36.95 -11.54 -0.92
C ILE B 323 37.51 -11.53 0.49
N ASN B 324 37.51 -10.36 1.11
CA ASN B 324 37.78 -10.29 2.54
C ASN B 324 36.54 -9.72 3.25
N TYR B 325 36.19 -10.30 4.40
CA TYR B 325 35.00 -9.85 5.13
C TYR B 325 35.37 -9.21 6.46
N ASN B 326 34.60 -8.20 6.86
CA ASN B 326 34.92 -7.43 8.05
C ASN B 326 33.90 -7.54 9.15
N PHE B 327 34.39 -7.69 10.37
CA PHE B 327 33.54 -7.72 11.53
C PHE B 327 33.57 -6.35 12.13
N ASN B 328 32.42 -5.71 12.17
CA ASN B 328 32.27 -4.47 12.92
C ASN B 328 30.97 -4.63 13.69
N MET B 329 31.05 -5.19 14.88
CA MET B 329 29.85 -5.64 15.53
C MET B 329 29.35 -4.58 16.48
N VAL B 330 28.35 -3.85 15.98
CA VAL B 330 27.83 -2.69 16.64
C VAL B 330 26.33 -2.86 16.70
N ALA B 331 25.83 -2.91 17.92
CA ALA B 331 24.42 -3.09 18.19
C ALA B 331 24.01 -2.04 19.19
N ILE B 332 22.72 -1.97 19.48
CA ILE B 332 22.30 -1.00 20.45
C ILE B 332 22.06 -1.72 21.77
N ASP B 333 22.87 -1.39 22.77
CA ASP B 333 22.65 -1.85 24.13
C ASP B 333 22.42 -0.62 24.99
N ASN B 334 21.53 -0.75 25.98
CA ASN B 334 21.03 0.39 26.74
C ASN B 334 20.92 1.65 25.87
N PHE B 335 20.08 1.55 24.85
CA PHE B 335 19.72 2.71 24.03
C PHE B 335 20.88 3.36 23.30
N THR B 336 22.06 2.78 23.40
CA THR B 336 23.26 3.40 22.84
C THR B 336 24.08 2.42 22.02
N PRO B 337 24.86 2.92 21.07
CA PRO B 337 25.73 2.10 20.21
C PRO B 337 26.85 1.48 21.00
N ARG B 338 27.08 0.18 20.84
CA ARG B 338 28.26 -0.44 21.46
C ARG B 338 28.96 -1.41 20.51
N GLN B 339 30.29 -1.46 20.58
CA GLN B 339 31.02 -2.41 19.78
C GLN B 339 31.24 -3.60 20.69
N VAL B 340 31.12 -4.80 20.12
CA VAL B 340 30.86 -5.98 20.93
C VAL B 340 31.34 -7.27 20.27
N GLY B 341 31.55 -8.29 21.10
CA GLY B 341 31.99 -9.59 20.63
C GLY B 341 31.11 -10.71 21.15
N ILE B 342 31.30 -11.92 20.65
CA ILE B 342 30.44 -13.05 20.99
C ILE B 342 29.87 -12.96 22.41
N VAL B 343 30.71 -12.53 23.35
CA VAL B 343 30.31 -12.50 24.76
C VAL B 343 29.16 -11.55 25.15
N PRO B 344 29.37 -10.24 25.03
CA PRO B 344 28.24 -9.31 25.24
C PRO B 344 26.99 -9.62 24.38
N ILE B 345 27.15 -9.89 23.09
CA ILE B 345 25.99 -10.20 22.24
C ILE B 345 25.25 -11.44 22.78
N LEU B 346 25.99 -12.37 23.37
CA LEU B 346 25.37 -13.53 24.04
C LEU B 346 24.68 -13.17 25.35
N SER B 347 25.44 -12.59 26.28
CA SER B 347 24.93 -12.29 27.62
C SER B 347 23.69 -11.42 27.56
N SER B 348 23.72 -10.38 26.73
CA SER B 348 22.60 -9.44 26.66
C SER B 348 21.37 -10.23 26.28
N TYR B 349 21.55 -11.16 25.35
CA TYR B 349 20.49 -12.05 24.90
C TYR B 349 19.92 -12.85 26.05
N ILE B 350 20.79 -13.59 26.72
CA ILE B 350 20.39 -14.37 27.87
C ILE B 350 19.54 -13.54 28.84
N ALA B 351 20.09 -12.43 29.28
CA ALA B 351 19.39 -11.60 30.27
C ALA B 351 18.04 -11.19 29.73
N HIS B 352 17.98 -10.96 28.43
CA HIS B 352 16.73 -10.58 27.79
C HIS B 352 15.70 -11.70 27.89
N ARG B 353 16.12 -12.91 27.51
CA ARG B 353 15.26 -14.08 27.64
C ARG B 353 14.82 -14.22 29.08
N ARG B 354 15.74 -13.93 30.00
CA ARG B 354 15.42 -13.98 31.43
C ARG B 354 14.25 -13.05 31.73
N GLU B 355 14.41 -11.78 31.42
CA GLU B 355 13.35 -10.82 31.71
C GLU B 355 12.07 -11.22 31.01
N VAL B 356 12.20 -11.69 29.77
CA VAL B 356 11.05 -12.16 29.02
C VAL B 356 10.33 -13.29 29.72
N ILE B 357 11.10 -14.31 30.07
CA ILE B 357 10.56 -15.49 30.73
C ILE B 357 9.89 -15.18 32.05
N LEU B 358 10.59 -14.44 32.91
CA LEU B 358 9.99 -13.99 34.17
C LEU B 358 8.71 -13.21 33.89
N ALA B 359 8.78 -12.21 33.04
CA ALA B 359 7.62 -11.39 32.79
C ALA B 359 6.48 -12.29 32.35
N ARG B 360 6.80 -13.24 31.48
CA ARG B 360 5.83 -14.14 30.93
C ARG B 360 5.18 -14.93 32.05
N SER B 361 6.01 -15.46 32.93
CA SER B 361 5.51 -16.23 34.04
C SER B 361 4.63 -15.39 34.95
N ARG B 362 5.09 -14.20 35.32
CA ARG B 362 4.30 -13.27 36.12
C ARG B 362 2.92 -13.11 35.48
N PHE B 363 2.90 -13.00 34.16
CA PHE B 363 1.65 -12.84 33.43
C PHE B 363 0.76 -14.05 33.59
N ASP B 364 1.36 -15.22 33.38
CA ASP B 364 0.63 -16.48 33.43
C ASP B 364 0.08 -16.81 34.82
N LYS B 365 0.89 -16.54 35.85
CA LYS B 365 0.47 -16.74 37.23
C LYS B 365 -0.75 -15.88 37.59
N GLU B 366 -0.67 -14.58 37.33
CA GLU B 366 -1.80 -13.69 37.58
C GLU B 366 -3.07 -14.27 36.95
N LYS B 367 -3.01 -14.56 35.65
CA LYS B 367 -4.17 -15.09 34.94
C LYS B 367 -4.77 -16.28 35.65
N ALA B 368 -3.90 -17.17 36.12
CA ALA B 368 -4.30 -18.33 36.90
C ALA B 368 -4.97 -17.94 38.23
N GLU B 369 -4.28 -17.19 39.08
CA GLU B 369 -4.80 -16.80 40.40
C GLU B 369 -6.17 -16.11 40.29
N LYS B 370 -6.39 -15.37 39.21
CA LYS B 370 -7.67 -14.73 38.95
C LYS B 370 -8.78 -15.78 38.69
N ARG B 371 -8.51 -16.78 37.84
CA ARG B 371 -9.44 -17.91 37.62
C ARG B 371 -9.65 -18.78 38.85
N LEU B 372 -8.58 -18.99 39.61
CA LEU B 372 -8.66 -19.69 40.89
C LEU B 372 -9.63 -18.98 41.80
N HIS B 373 -9.47 -17.66 41.91
CA HIS B 373 -10.32 -16.85 42.78
C HIS B 373 -11.79 -17.00 42.41
N ILE B 374 -12.08 -16.94 41.11
CA ILE B 374 -13.46 -17.07 40.64
C ILE B 374 -13.97 -18.46 40.92
N VAL B 375 -13.12 -19.43 40.67
CA VAL B 375 -13.48 -20.83 40.84
C VAL B 375 -13.85 -21.09 42.29
N GLU B 376 -13.02 -20.65 43.22
CA GLU B 376 -13.29 -20.84 44.64
C GLU B 376 -14.68 -20.33 45.00
N GLY B 377 -15.02 -19.16 44.49
CA GLY B 377 -16.35 -18.61 44.66
C GLY B 377 -17.44 -19.45 44.01
N LEU B 378 -17.22 -19.86 42.77
CA LEU B 378 -18.19 -20.68 42.07
C LEU B 378 -18.53 -21.89 42.93
N ILE B 379 -17.51 -22.41 43.60
CA ILE B 379 -17.66 -23.55 44.49
C ILE B 379 -18.61 -23.24 45.65
N ARG B 380 -18.35 -22.16 46.38
CA ARG B 380 -19.24 -21.75 47.48
C ARG B 380 -20.66 -21.51 47.00
N VAL B 381 -20.79 -20.79 45.90
CA VAL B 381 -22.09 -20.43 45.36
C VAL B 381 -22.98 -21.66 45.16
N ILE B 382 -22.35 -22.78 44.82
CA ILE B 382 -23.08 -24.02 44.57
C ILE B 382 -23.77 -24.52 45.83
N SER B 383 -23.05 -24.47 46.94
CA SER B 383 -23.59 -24.84 48.25
C SER B 383 -24.77 -23.98 48.72
N ILE B 384 -24.93 -22.78 48.14
CA ILE B 384 -26.04 -21.89 48.49
C ILE B 384 -26.85 -21.44 47.28
N LEU B 385 -26.65 -22.13 46.16
CA LEU B 385 -27.25 -21.77 44.88
C LEU B 385 -28.66 -21.20 45.04
N ASP B 386 -29.52 -21.96 45.73
CA ASP B 386 -30.92 -21.59 45.91
C ASP B 386 -31.08 -20.21 46.58
N GLU B 387 -30.38 -19.99 47.69
CA GLU B 387 -30.42 -18.70 48.35
C GLU B 387 -29.93 -17.60 47.41
N VAL B 388 -28.80 -17.83 46.74
CA VAL B 388 -28.19 -16.82 45.88
C VAL B 388 -29.11 -16.41 44.75
N ILE B 389 -29.69 -17.39 44.06
CA ILE B 389 -30.61 -17.09 42.97
C ILE B 389 -31.78 -16.24 43.46
N ALA B 390 -32.38 -16.63 44.55
CA ALA B 390 -33.48 -15.86 45.10
C ALA B 390 -33.03 -14.42 45.38
N LEU B 391 -31.84 -14.26 45.93
CA LEU B 391 -31.32 -12.92 46.21
C LEU B 391 -31.07 -12.09 44.94
N ILE B 392 -30.50 -12.68 43.90
CA ILE B 392 -30.38 -11.95 42.63
C ILE B 392 -31.79 -11.49 42.18
N ARG B 393 -32.78 -12.38 42.25
CA ARG B 393 -34.15 -12.00 41.90
C ARG B 393 -34.67 -10.83 42.73
N ALA B 394 -34.37 -10.85 44.04
CA ALA B 394 -34.82 -9.79 44.92
C ALA B 394 -34.30 -8.42 44.48
N SER B 395 -33.01 -8.36 44.12
CA SER B 395 -32.37 -7.08 43.83
C SER B 395 -33.12 -6.25 42.79
N GLU B 396 -32.51 -5.14 42.40
CA GLU B 396 -33.18 -4.17 41.54
C GLU B 396 -32.43 -3.93 40.24
N ASN B 397 -31.10 -4.06 40.28
CA ASN B 397 -30.28 -3.95 39.07
C ASN B 397 -29.07 -4.89 39.17
N LYS B 398 -28.19 -4.88 38.17
CA LYS B 398 -27.02 -5.76 38.22
C LYS B 398 -26.10 -5.41 39.36
N ALA B 399 -25.69 -4.14 39.40
CA ALA B 399 -24.82 -3.66 40.46
C ALA B 399 -25.40 -3.91 41.86
N ASP B 400 -26.71 -3.77 42.01
CA ASP B 400 -27.35 -3.99 43.32
C ASP B 400 -27.17 -5.43 43.79
N ALA B 401 -27.40 -6.38 42.89
CA ALA B 401 -27.20 -7.78 43.22
C ALA B 401 -25.76 -8.00 43.68
N LYS B 402 -24.82 -7.48 42.90
CA LYS B 402 -23.41 -7.62 43.23
C LYS B 402 -23.10 -7.10 44.64
N GLU B 403 -23.73 -6.00 45.03
CA GLU B 403 -23.53 -5.46 46.36
C GLU B 403 -24.10 -6.45 47.37
N ASN B 404 -25.33 -6.89 47.14
CA ASN B 404 -25.98 -7.81 48.07
C ASN B 404 -25.21 -9.10 48.30
N LEU B 405 -24.69 -9.68 47.23
CA LEU B 405 -23.86 -10.87 47.37
C LEU B 405 -22.65 -10.57 48.24
N LYS B 406 -22.02 -9.43 48.00
CA LYS B 406 -20.84 -8.99 48.75
C LYS B 406 -21.10 -8.68 50.24
N VAL B 407 -22.16 -7.93 50.56
CA VAL B 407 -22.51 -7.64 51.95
C VAL B 407 -23.03 -8.88 52.68
N SER B 408 -23.91 -9.63 52.03
CA SER B 408 -24.52 -10.84 52.62
C SER B 408 -23.56 -12.01 52.80
N TYR B 409 -23.09 -12.54 51.67
CA TYR B 409 -22.24 -13.72 51.67
C TYR B 409 -20.73 -13.47 51.61
N ASP B 410 -20.32 -12.21 51.64
CA ASP B 410 -18.89 -11.84 51.69
C ASP B 410 -18.05 -12.27 50.46
N PHE B 411 -18.70 -12.55 49.34
CA PHE B 411 -18.01 -12.72 48.07
C PHE B 411 -17.18 -11.47 47.78
N THR B 412 -16.44 -11.46 46.68
CA THR B 412 -15.73 -10.24 46.34
C THR B 412 -16.41 -9.52 45.21
N GLU B 413 -15.69 -8.57 44.61
CA GLU B 413 -16.22 -7.87 43.45
C GLU B 413 -16.15 -8.83 42.28
N GLU B 414 -14.92 -9.18 41.94
CA GLU B 414 -14.65 -10.09 40.83
C GLU B 414 -15.44 -11.38 40.97
N GLN B 415 -15.65 -11.84 42.20
CA GLN B 415 -16.46 -13.02 42.48
C GLN B 415 -17.93 -12.75 42.19
N ALA B 416 -18.43 -11.64 42.67
CA ALA B 416 -19.83 -11.27 42.44
C ALA B 416 -20.11 -11.16 40.95
N GLU B 417 -19.25 -10.43 40.26
CA GLU B 417 -19.39 -10.21 38.83
C GLU B 417 -19.46 -11.51 38.03
N ALA B 418 -18.54 -12.44 38.27
CA ALA B 418 -18.55 -13.72 37.55
C ALA B 418 -19.84 -14.47 37.81
N ILE B 419 -20.29 -14.39 39.05
CA ILE B 419 -21.50 -15.06 39.46
C ILE B 419 -22.71 -14.52 38.72
N VAL B 420 -22.93 -13.22 38.83
CA VAL B 420 -24.10 -12.56 38.26
C VAL B 420 -24.24 -12.61 36.73
N THR B 421 -23.12 -12.59 36.01
CA THR B 421 -23.11 -12.78 34.55
C THR B 421 -23.36 -14.23 34.09
N LEU B 422 -23.27 -15.19 35.00
CA LEU B 422 -23.57 -16.57 34.66
C LEU B 422 -24.89 -16.65 33.90
N GLN B 423 -24.87 -17.29 32.73
CA GLN B 423 -26.11 -17.46 31.99
C GLN B 423 -26.93 -18.55 32.65
N LEU B 424 -28.10 -18.83 32.08
CA LEU B 424 -29.04 -19.73 32.76
C LEU B 424 -28.64 -21.17 32.60
N TYR B 425 -28.23 -21.54 31.38
CA TYR B 425 -27.83 -22.92 31.14
C TYR B 425 -26.71 -23.34 32.05
N ARG B 426 -25.83 -22.42 32.44
CA ARG B 426 -24.80 -22.82 33.38
C ARG B 426 -25.41 -23.48 34.64
N LEU B 427 -26.65 -23.11 34.97
CA LEU B 427 -27.36 -23.67 36.12
C LEU B 427 -27.64 -25.15 35.91
N THR B 428 -27.52 -25.57 34.67
CA THR B 428 -27.72 -26.97 34.27
C THR B 428 -26.74 -27.94 34.92
N ASN B 429 -25.55 -27.46 35.26
CA ASN B 429 -24.52 -28.31 35.89
C ASN B 429 -23.91 -27.67 37.14
N THR B 430 -24.28 -28.20 38.32
CA THR B 430 -23.81 -27.64 39.59
C THR B 430 -22.87 -28.59 40.33
N ASP B 431 -21.87 -29.07 39.63
CA ASP B 431 -20.97 -30.12 40.13
C ASP B 431 -19.70 -29.67 40.85
N VAL B 432 -19.79 -29.45 42.15
CA VAL B 432 -18.60 -29.25 42.96
C VAL B 432 -17.32 -30.00 42.47
N VAL B 433 -17.46 -31.23 41.95
CA VAL B 433 -16.29 -32.04 41.55
C VAL B 433 -15.44 -31.50 40.37
N VAL B 434 -16.07 -31.31 39.21
CA VAL B 434 -15.36 -30.82 38.04
C VAL B 434 -14.63 -29.52 38.38
N LEU B 435 -15.31 -28.64 39.11
CA LEU B 435 -14.73 -27.39 39.58
C LEU B 435 -13.45 -27.62 40.38
N GLN B 436 -13.54 -28.52 41.34
CA GLN B 436 -12.43 -28.79 42.23
C GLN B 436 -11.21 -29.33 41.48
N GLU B 437 -11.46 -30.07 40.41
CA GLU B 437 -10.38 -30.56 39.56
C GLU B 437 -9.63 -29.39 38.91
N GLU B 438 -10.37 -28.45 38.34
CA GLU B 438 -9.76 -27.27 37.74
C GLU B 438 -8.97 -26.52 38.81
N GLU B 439 -9.59 -26.29 39.95
CA GLU B 439 -8.92 -25.61 41.05
C GLU B 439 -7.58 -26.28 41.29
N ALA B 440 -7.57 -27.61 41.28
CA ALA B 440 -6.34 -28.36 41.52
C ALA B 440 -5.28 -28.06 40.48
N GLU B 441 -5.67 -28.07 39.22
CA GLU B 441 -4.74 -27.76 38.15
C GLU B 441 -4.19 -26.33 38.31
N LEU B 442 -5.08 -25.37 38.55
CA LEU B 442 -4.65 -23.99 38.65
C LEU B 442 -3.57 -23.88 39.71
N ARG B 443 -3.78 -24.56 40.83
CA ARG B 443 -2.88 -24.43 41.97
C ARG B 443 -1.51 -25.03 41.69
N GLU B 444 -1.46 -26.16 40.98
CA GLU B 444 -0.17 -26.71 40.52
C GLU B 444 0.51 -25.76 39.53
N LYS B 445 -0.27 -25.14 38.63
CA LYS B 445 0.28 -24.16 37.70
C LYS B 445 0.96 -23.02 38.43
N ILE B 446 0.26 -22.47 39.41
CA ILE B 446 0.77 -21.35 40.18
C ILE B 446 2.04 -21.69 40.94
N ALA B 447 2.06 -22.85 41.59
CA ALA B 447 3.26 -23.30 42.29
C ALA B 447 4.45 -23.32 41.34
N MET B 448 4.22 -23.92 40.17
CA MET B 448 5.24 -24.07 39.14
C MET B 448 5.75 -22.71 38.69
N LEU B 449 4.82 -21.81 38.37
CA LEU B 449 5.20 -20.48 37.94
C LEU B 449 6.02 -19.83 39.03
N ALA B 450 5.46 -19.80 40.23
CA ALA B 450 6.11 -19.13 41.35
C ALA B 450 7.52 -19.67 41.56
N ALA B 451 7.74 -20.92 41.19
CA ALA B 451 9.08 -21.50 41.16
C ALA B 451 10.00 -20.80 40.14
N ILE B 452 9.60 -20.77 38.88
CA ILE B 452 10.41 -20.10 37.85
C ILE B 452 10.68 -18.63 38.21
N ILE B 453 9.69 -17.96 38.79
CA ILE B 453 9.86 -16.55 39.18
C ILE B 453 10.96 -16.35 40.25
N GLY B 454 10.82 -17.00 41.40
CA GLY B 454 11.73 -16.78 42.51
C GLY B 454 12.83 -17.81 42.78
N ASP B 455 13.36 -18.43 41.72
CA ASP B 455 14.29 -19.55 41.83
C ASP B 455 15.28 -19.59 40.68
N GLU B 456 16.04 -18.51 40.50
CA GLU B 456 16.92 -18.32 39.35
C GLU B 456 17.40 -19.60 38.64
N ARG B 457 17.83 -20.61 39.39
CA ARG B 457 18.30 -21.85 38.76
C ARG B 457 17.27 -22.54 37.86
N THR B 458 16.11 -22.88 38.41
CA THR B 458 15.03 -23.43 37.60
C THR B 458 14.68 -22.54 36.40
N MET B 459 14.70 -21.21 36.60
CA MET B 459 14.42 -20.26 35.53
C MET B 459 15.40 -20.48 34.40
N TYR B 460 16.69 -20.38 34.72
CA TYR B 460 17.74 -20.64 33.74
C TYR B 460 17.60 -22.02 33.09
N ASN B 461 17.08 -22.97 33.85
CA ASN B 461 16.77 -24.30 33.32
C ASN B 461 15.74 -24.28 32.21
N LEU B 462 14.60 -23.65 32.48
CA LEU B 462 13.54 -23.51 31.47
C LEU B 462 14.11 -22.83 30.22
N MET B 463 14.86 -21.75 30.43
CA MET B 463 15.57 -21.05 29.36
C MET B 463 16.31 -22.00 28.43
N LYS B 464 17.11 -22.89 29.02
CA LYS B 464 17.88 -23.87 28.26
C LYS B 464 16.97 -24.88 27.55
N LYS B 465 15.95 -25.37 28.23
CA LYS B 465 15.05 -26.34 27.62
C LYS B 465 14.52 -25.76 26.32
N GLU B 466 13.88 -24.59 26.43
CA GLU B 466 13.30 -23.94 25.27
C GLU B 466 14.31 -23.74 24.16
N LEU B 467 15.50 -23.25 24.52
CA LEU B 467 16.54 -23.03 23.53
C LEU B 467 16.86 -24.31 22.76
N ARG B 468 16.99 -25.41 23.49
CA ARG B 468 17.25 -26.69 22.84
C ARG B 468 16.12 -27.10 21.90
N GLU B 469 14.88 -26.89 22.34
CA GLU B 469 13.72 -27.26 21.53
C GLU B 469 13.78 -26.52 20.19
N VAL B 470 14.04 -25.22 20.26
CA VAL B 470 14.18 -24.41 19.07
C VAL B 470 15.28 -24.93 18.17
N LYS B 471 16.38 -25.33 18.80
CA LYS B 471 17.51 -25.94 18.09
C LYS B 471 17.12 -27.13 17.23
N LYS B 472 16.52 -28.14 17.83
CA LYS B 472 16.08 -29.32 17.07
C LYS B 472 15.16 -28.94 15.91
N LYS B 473 14.11 -28.18 16.19
CA LYS B 473 13.14 -27.80 15.15
C LYS B 473 13.87 -27.17 13.96
N PHE B 474 14.61 -26.12 14.25
CA PHE B 474 15.17 -25.27 13.19
C PHE B 474 16.60 -25.54 12.72
N ALA B 475 17.32 -26.45 13.36
CA ALA B 475 18.75 -26.62 13.03
C ALA B 475 18.99 -27.07 11.59
N THR B 476 20.14 -26.69 11.02
CA THR B 476 20.57 -27.25 9.74
C THR B 476 22.10 -27.28 9.68
N PRO B 477 22.66 -28.13 8.78
CA PRO B 477 24.10 -28.34 8.78
C PRO B 477 24.80 -27.09 8.26
N ARG B 478 26.09 -26.95 8.54
CA ARG B 478 26.88 -25.80 8.07
C ARG B 478 26.97 -25.73 6.56
N LEU B 479 27.13 -24.51 6.05
CA LEU B 479 27.29 -24.28 4.62
C LEU B 479 28.68 -23.71 4.37
N SER B 480 29.24 -23.08 5.38
CA SER B 480 30.58 -22.53 5.30
C SER B 480 31.55 -23.47 5.97
N SER B 481 32.74 -23.60 5.40
CA SER B 481 33.77 -24.51 5.90
C SER B 481 34.94 -23.71 6.41
N LEU B 482 35.61 -24.20 7.45
CA LEU B 482 36.63 -23.43 8.13
C LEU B 482 38.02 -24.04 7.99
N GLU B 483 38.98 -23.20 7.62
CA GLU B 483 40.35 -23.65 7.38
C GLU B 483 41.36 -22.71 8.04
N LYS C 36 15.89 -4.35 -24.55
CA LYS C 36 16.96 -5.24 -24.09
C LYS C 36 16.45 -6.68 -23.90
N LEU C 37 17.25 -7.65 -24.32
CA LEU C 37 16.83 -9.05 -24.35
C LEU C 37 17.75 -9.95 -23.52
N THR C 38 17.20 -10.96 -22.88
CA THR C 38 18.00 -11.93 -22.15
C THR C 38 18.17 -13.19 -23.00
N PRO C 39 19.37 -13.34 -23.57
CA PRO C 39 19.73 -14.29 -24.64
C PRO C 39 19.89 -15.71 -24.16
N ALA C 40 20.23 -16.60 -25.10
CA ALA C 40 20.55 -17.98 -24.78
C ALA C 40 22.01 -18.26 -25.07
N GLN C 41 22.67 -18.96 -24.15
CA GLN C 41 24.10 -19.22 -24.24
C GLN C 41 24.55 -19.69 -25.63
N SER C 42 23.78 -20.60 -26.23
CA SER C 42 24.13 -21.20 -27.51
C SER C 42 23.24 -20.74 -28.67
N LYS C 43 23.74 -20.88 -29.89
CA LYS C 43 22.99 -20.49 -31.07
C LYS C 43 22.56 -21.74 -31.80
N ASN C 44 21.27 -22.02 -31.74
CA ASN C 44 20.71 -23.19 -32.40
C ASN C 44 19.27 -22.93 -32.82
N PRO C 45 19.03 -22.75 -34.13
CA PRO C 45 17.66 -22.54 -34.62
C PRO C 45 16.84 -23.83 -34.65
N ALA C 46 17.45 -24.94 -34.24
CA ALA C 46 16.79 -26.24 -34.27
C ALA C 46 15.86 -26.41 -33.08
N LYS C 47 16.25 -25.81 -31.96
CA LYS C 47 15.49 -25.91 -30.72
C LYS C 47 15.92 -24.79 -29.81
N ASN C 48 15.44 -23.59 -30.10
CA ASN C 48 15.73 -22.42 -29.29
C ASN C 48 14.44 -21.66 -29.10
N GLU C 49 14.17 -21.28 -27.88
CA GLU C 49 12.87 -20.74 -27.55
C GLU C 49 12.97 -19.27 -27.22
N LEU C 50 11.99 -18.51 -27.71
CA LEU C 50 11.92 -17.10 -27.45
C LEU C 50 10.63 -16.84 -26.70
N TYR C 51 10.76 -16.37 -25.47
CA TYR C 51 9.61 -16.17 -24.61
C TYR C 51 9.28 -14.69 -24.62
N LEU C 52 8.04 -14.37 -24.94
CA LEU C 52 7.59 -12.99 -24.89
C LEU C 52 6.69 -12.88 -23.68
N VAL C 53 7.13 -12.11 -22.69
CA VAL C 53 6.51 -12.14 -21.39
C VAL C 53 5.82 -10.83 -21.14
N GLU C 54 4.79 -10.86 -20.31
CA GLU C 54 4.01 -9.68 -20.06
C GLU C 54 4.62 -9.04 -18.83
N GLY C 55 5.41 -8.01 -19.08
CA GLY C 55 5.94 -7.19 -18.01
C GLY C 55 7.37 -7.53 -17.60
N ASP C 56 8.12 -6.49 -17.24
CA ASP C 56 9.51 -6.65 -16.84
C ASP C 56 9.64 -7.62 -15.68
N SER C 57 8.76 -7.47 -14.69
CA SER C 57 8.85 -8.22 -13.44
C SER C 57 8.70 -9.72 -13.64
N ALA C 58 7.67 -10.13 -14.37
CA ALA C 58 7.46 -11.55 -14.71
C ALA C 58 8.63 -12.10 -15.53
N GLY C 59 9.11 -11.32 -16.49
CA GLY C 59 10.28 -11.67 -17.27
C GLY C 59 11.47 -11.97 -16.37
N GLY C 60 11.70 -11.12 -15.38
CA GLY C 60 12.70 -11.44 -14.38
C GLY C 60 12.54 -12.86 -13.86
N SER C 61 11.37 -13.19 -13.33
CA SER C 61 11.12 -14.54 -12.85
C SER C 61 11.39 -15.55 -13.94
N ALA C 62 11.07 -15.18 -15.17
CA ALA C 62 11.30 -16.03 -16.30
C ALA C 62 12.79 -16.32 -16.47
N LYS C 63 13.61 -15.27 -16.49
CA LYS C 63 15.06 -15.43 -16.62
C LYS C 63 15.63 -16.33 -15.53
N GLN C 64 15.09 -16.19 -14.32
CA GLN C 64 15.58 -16.99 -13.19
C GLN C 64 15.42 -18.49 -13.43
N GLY C 65 14.20 -18.98 -13.43
CA GLY C 65 13.97 -20.39 -13.69
C GLY C 65 13.91 -20.67 -15.18
N ARG C 66 14.84 -21.46 -15.69
CA ARG C 66 14.84 -21.72 -17.12
C ARG C 66 16.15 -22.39 -17.51
N ASP C 67 16.11 -23.13 -18.60
CA ASP C 67 17.31 -23.70 -19.19
C ASP C 67 17.91 -22.67 -20.12
N ARG C 68 18.94 -21.98 -19.65
CA ARG C 68 19.54 -20.89 -20.42
C ARG C 68 20.35 -21.42 -21.60
N LYS C 69 20.53 -22.73 -21.64
CA LYS C 69 21.26 -23.38 -22.72
C LYS C 69 20.51 -23.26 -24.06
N PHE C 70 19.23 -22.92 -24.00
CA PHE C 70 18.44 -22.78 -25.22
C PHE C 70 17.08 -22.09 -25.08
N GLN C 71 16.91 -21.20 -24.11
CA GLN C 71 15.68 -20.42 -24.08
C GLN C 71 15.90 -19.00 -23.60
N ALA C 72 15.19 -18.08 -24.25
CA ALA C 72 15.44 -16.66 -24.10
C ALA C 72 14.21 -16.00 -23.49
N ILE C 73 14.42 -15.02 -22.63
CA ILE C 73 13.31 -14.22 -22.15
C ILE C 73 13.42 -12.86 -22.83
N LEU C 74 12.29 -12.37 -23.35
CA LEU C 74 12.17 -11.03 -23.91
C LEU C 74 10.87 -10.40 -23.42
N PRO C 75 10.97 -9.42 -22.52
CA PRO C 75 9.78 -8.89 -21.86
C PRO C 75 9.11 -7.79 -22.65
N LEU C 76 7.81 -7.63 -22.45
CA LEU C 76 7.01 -6.62 -23.13
C LEU C 76 6.52 -5.65 -22.08
N ARG C 77 7.17 -4.49 -22.03
CA ARG C 77 6.97 -3.48 -21.00
C ARG C 77 5.65 -2.78 -21.17
N GLY C 78 4.56 -3.48 -20.86
CA GLY C 78 3.23 -2.91 -21.01
C GLY C 78 2.55 -3.17 -22.35
N LYS C 79 1.36 -2.59 -22.51
CA LYS C 79 0.47 -2.90 -23.64
C LYS C 79 1.10 -2.64 -25.04
N VAL C 80 1.16 -3.71 -25.84
CA VAL C 80 1.82 -3.76 -27.16
C VAL C 80 1.19 -2.92 -28.28
N ILE C 81 2.04 -2.34 -29.14
CA ILE C 81 1.57 -1.57 -30.29
C ILE C 81 0.52 -2.31 -31.07
N ASN C 82 -0.55 -1.62 -31.47
CA ASN C 82 -1.56 -2.22 -32.34
C ASN C 82 -1.14 -2.11 -33.80
N THR C 83 -0.43 -3.11 -34.29
CA THR C 83 0.11 -3.09 -35.66
C THR C 83 -0.96 -3.29 -36.72
N ALA C 84 -2.17 -2.85 -36.41
CA ALA C 84 -3.30 -2.94 -37.32
C ALA C 84 -4.07 -1.62 -37.28
N LYS C 85 -3.63 -0.74 -36.38
CA LYS C 85 -4.31 0.52 -36.09
C LYS C 85 -3.25 1.57 -35.83
N ALA C 86 -2.15 1.47 -36.56
CA ALA C 86 -1.01 2.36 -36.37
C ALA C 86 -0.22 2.42 -37.65
N LYS C 87 0.23 3.61 -38.03
CA LYS C 87 0.91 3.73 -39.31
C LYS C 87 2.23 2.95 -39.24
N MET C 88 2.91 2.87 -40.38
CA MET C 88 4.08 2.03 -40.48
C MET C 88 5.24 2.71 -39.77
N ALA C 89 5.24 4.03 -39.81
CA ALA C 89 6.26 4.82 -39.16
C ALA C 89 6.33 4.48 -37.67
N ASP C 90 5.17 4.48 -37.02
CA ASP C 90 5.08 4.19 -35.60
C ASP C 90 5.55 2.78 -35.28
N ILE C 91 5.10 1.82 -36.08
CA ILE C 91 5.40 0.42 -35.82
C ILE C 91 6.90 0.17 -35.75
N LEU C 92 7.63 0.62 -36.77
CA LEU C 92 9.08 0.42 -36.82
C LEU C 92 9.79 1.12 -35.65
N LYS C 93 9.28 2.29 -35.26
CA LYS C 93 9.82 3.05 -34.12
C LYS C 93 9.53 2.45 -32.73
N ASN C 94 8.61 1.48 -32.65
CA ASN C 94 8.23 0.89 -31.36
C ASN C 94 9.29 -0.06 -30.78
N GLU C 95 9.73 0.21 -29.55
CA GLU C 95 10.86 -0.52 -28.97
C GLU C 95 10.69 -2.04 -28.93
N GLU C 96 9.53 -2.49 -28.46
CA GLU C 96 9.23 -3.91 -28.38
C GLU C 96 9.35 -4.59 -29.74
N ILE C 97 8.63 -4.04 -30.73
CA ILE C 97 8.58 -4.60 -32.09
C ILE C 97 9.96 -4.70 -32.75
N ASN C 98 10.71 -3.61 -32.72
CA ASN C 98 12.05 -3.62 -33.28
C ASN C 98 12.87 -4.69 -32.60
N THR C 99 12.86 -4.69 -31.27
CA THR C 99 13.68 -5.67 -30.55
C THR C 99 13.27 -7.09 -30.97
N MET C 100 11.97 -7.31 -31.11
CA MET C 100 11.46 -8.59 -31.59
C MET C 100 12.01 -8.93 -32.97
N ILE C 101 11.93 -7.98 -33.88
CA ILE C 101 12.38 -8.18 -35.25
C ILE C 101 13.87 -8.55 -35.30
N TYR C 102 14.72 -7.66 -34.81
CA TYR C 102 16.17 -7.91 -34.81
C TYR C 102 16.60 -9.16 -34.03
N THR C 103 15.89 -9.51 -32.97
CA THR C 103 16.20 -10.73 -32.22
C THR C 103 15.86 -12.04 -32.94
N ILE C 104 14.80 -12.06 -33.74
CA ILE C 104 14.41 -13.27 -34.49
C ILE C 104 15.17 -13.37 -35.82
N GLY C 105 15.44 -12.22 -36.43
CA GLY C 105 16.34 -12.16 -37.57
C GLY C 105 15.67 -11.93 -38.92
N ALA C 106 14.87 -12.89 -39.34
CA ALA C 106 14.30 -12.92 -40.68
C ALA C 106 14.07 -11.54 -41.34
N GLY C 107 13.35 -10.66 -40.66
CA GLY C 107 12.93 -9.41 -41.25
C GLY C 107 11.43 -9.25 -41.09
N VAL C 108 10.76 -8.63 -42.05
CA VAL C 108 9.31 -8.46 -41.95
C VAL C 108 8.62 -8.40 -43.31
N ASP C 111 10.96 -8.60 -48.01
CA ASP C 111 10.02 -8.92 -46.95
C ASP C 111 10.63 -9.86 -45.91
N PHE C 112 9.78 -10.69 -45.31
CA PHE C 112 10.10 -11.42 -44.09
C PHE C 112 11.29 -12.40 -44.16
N SER C 113 11.43 -13.14 -45.26
CA SER C 113 12.43 -14.21 -45.34
C SER C 113 12.07 -15.24 -44.28
N ILE C 114 12.99 -16.14 -43.94
CA ILE C 114 12.75 -17.07 -42.83
C ILE C 114 14.04 -17.69 -42.31
N GLU C 115 13.86 -18.82 -41.62
CA GLU C 115 14.95 -19.59 -41.04
C GLU C 115 16.09 -19.74 -42.05
N ALA C 117 17.14 -18.19 -39.54
CA ALA C 117 17.11 -17.64 -38.19
C ALA C 117 15.69 -17.64 -37.63
N ASN C 118 15.52 -17.70 -36.30
CA ASN C 118 16.62 -17.81 -35.34
C ASN C 118 16.24 -18.62 -34.09
N TYR C 119 14.94 -18.77 -33.84
CA TYR C 119 14.43 -19.68 -32.81
C TYR C 119 13.48 -20.67 -33.49
N ASP C 120 13.30 -21.87 -32.93
CA ASP C 120 12.32 -22.79 -33.52
C ASP C 120 11.12 -22.93 -32.62
N LYS C 121 10.89 -21.88 -31.83
CA LYS C 121 9.67 -21.68 -31.04
C LYS C 121 9.61 -20.24 -30.55
N ILE C 122 8.52 -19.57 -30.86
CA ILE C 122 8.22 -18.29 -30.27
C ILE C 122 7.00 -18.48 -29.38
N ILE C 123 7.20 -18.33 -28.09
CA ILE C 123 6.21 -18.70 -27.09
C ILE C 123 5.77 -17.49 -26.28
N ILE C 124 4.46 -17.32 -26.18
CA ILE C 124 3.91 -16.12 -25.55
C ILE C 124 3.42 -16.49 -24.16
N MET C 125 3.94 -15.79 -23.16
CA MET C 125 3.65 -16.12 -21.79
C MET C 125 3.10 -14.88 -21.12
N THR C 126 1.82 -14.91 -20.79
CA THR C 126 1.17 -13.77 -20.17
C THR C 126 0.36 -14.26 -18.99
N ASP C 127 -0.09 -13.32 -18.18
CA ASP C 127 -1.04 -13.60 -17.13
C ASP C 127 -2.24 -14.27 -17.79
N ALA C 128 -2.96 -15.07 -17.01
CA ALA C 128 -4.25 -15.59 -17.44
C ALA C 128 -5.32 -14.65 -16.95
N ASP C 129 -5.31 -13.43 -17.47
CA ASP C 129 -6.39 -12.53 -17.14
C ASP C 129 -6.82 -11.78 -18.40
N THR C 130 -7.76 -10.86 -18.27
CA THR C 130 -8.31 -10.19 -19.44
C THR C 130 -7.21 -9.38 -20.12
N ASP C 131 -6.43 -8.67 -19.33
CA ASP C 131 -5.33 -7.87 -19.86
C ASP C 131 -4.28 -8.74 -20.52
N GLY C 132 -4.11 -9.96 -20.01
CA GLY C 132 -3.18 -10.91 -20.60
C GLY C 132 -3.68 -11.31 -21.98
N ALA C 133 -4.94 -11.69 -22.01
CA ALA C 133 -5.59 -12.03 -23.25
C ALA C 133 -5.44 -10.88 -24.24
N HIS C 134 -5.62 -9.65 -23.78
CA HIS C 134 -5.45 -8.50 -24.66
C HIS C 134 -4.06 -8.47 -25.35
N ILE C 135 -2.99 -8.70 -24.59
CA ILE C 135 -1.64 -8.74 -25.18
C ILE C 135 -1.43 -9.88 -26.20
N GLN C 136 -2.08 -11.02 -25.97
CA GLN C 136 -2.09 -12.13 -26.95
C GLN C 136 -2.73 -11.71 -28.28
N THR C 137 -3.88 -11.05 -28.18
CA THR C 137 -4.51 -10.40 -29.31
C THR C 137 -3.51 -9.56 -30.11
N LEU C 138 -2.88 -8.61 -29.42
CA LEU C 138 -1.95 -7.64 -29.99
C LEU C 138 -0.70 -8.28 -30.60
N LEU C 139 -0.22 -9.35 -29.98
CA LEU C 139 0.95 -10.04 -30.48
C LEU C 139 0.66 -10.84 -31.74
N LEU C 140 -0.36 -11.69 -31.69
CA LEU C 140 -0.72 -12.46 -32.89
C LEU C 140 -1.14 -11.54 -34.03
N THR C 141 -1.74 -10.39 -33.72
CA THR C 141 -2.07 -9.47 -34.79
C THR C 141 -0.79 -9.11 -35.53
N PHE C 142 0.21 -8.69 -34.78
CA PHE C 142 1.48 -8.32 -35.38
C PHE C 142 2.05 -9.49 -36.15
N PHE C 143 2.17 -10.64 -35.50
CA PHE C 143 2.76 -11.79 -36.14
C PHE C 143 1.99 -12.17 -37.39
N TYR C 144 0.67 -12.17 -37.26
CA TYR C 144 -0.20 -12.51 -38.37
C TYR C 144 0.07 -11.60 -39.55
N ARG C 145 0.08 -10.31 -39.30
CA ARG C 145 0.25 -9.32 -40.37
C ARG C 145 1.65 -9.33 -41.01
N TYR C 146 2.70 -9.17 -40.21
CA TYR C 146 4.07 -9.10 -40.73
C TYR C 146 4.84 -10.43 -40.85
N MET C 147 5.21 -11.03 -39.72
CA MET C 147 5.86 -12.36 -39.72
C MET C 147 4.99 -13.58 -40.16
N ARG C 148 4.00 -13.37 -41.03
CA ARG C 148 2.99 -14.39 -41.33
C ARG C 148 3.45 -15.85 -41.59
N PRO C 149 4.62 -16.04 -42.22
CA PRO C 149 5.03 -17.43 -42.39
C PRO C 149 5.25 -18.16 -41.06
N LEU C 150 5.78 -17.44 -40.08
CA LEU C 150 6.13 -18.02 -38.78
C LEU C 150 5.00 -18.85 -38.21
N VAL C 151 3.81 -18.27 -38.18
CA VAL C 151 2.63 -18.95 -37.70
C VAL C 151 2.27 -20.15 -38.57
N GLU C 152 2.25 -19.96 -39.88
CA GLU C 152 1.90 -21.03 -40.82
C GLU C 152 2.78 -22.26 -40.63
N ALA C 153 4.09 -22.03 -40.50
CA ALA C 153 5.03 -23.09 -40.15
C ALA C 153 4.81 -23.60 -38.73
N GLY C 154 3.82 -23.03 -38.04
CA GLY C 154 3.50 -23.42 -36.67
C GLY C 154 4.64 -23.21 -35.70
N HIS C 155 5.16 -21.99 -35.63
CA HIS C 155 6.27 -21.68 -34.74
C HIS C 155 5.84 -20.82 -33.56
N VAL C 156 4.64 -20.24 -33.69
CA VAL C 156 4.11 -19.38 -32.65
C VAL C 156 3.23 -20.18 -31.68
N TYR C 157 3.55 -20.06 -30.39
CA TYR C 157 2.82 -20.75 -29.36
C TYR C 157 2.33 -19.75 -28.30
N ILE C 158 1.32 -20.17 -27.55
CA ILE C 158 0.87 -19.44 -26.39
C ILE C 158 1.00 -20.42 -25.24
N ALA C 159 1.50 -19.97 -24.10
CA ALA C 159 1.77 -20.90 -22.99
C ALA C 159 0.74 -20.76 -21.90
N LEU C 160 0.37 -21.88 -21.31
CA LEU C 160 -0.77 -21.91 -20.41
C LEU C 160 -0.31 -22.05 -18.97
N PRO C 161 -0.15 -20.91 -18.30
CA PRO C 161 0.23 -20.92 -16.89
C PRO C 161 -0.93 -21.55 -16.19
N PRO C 162 -0.71 -22.09 -15.00
CA PRO C 162 -1.79 -22.74 -14.26
C PRO C 162 -2.76 -21.70 -13.73
N LEU C 163 -4.02 -22.08 -13.54
CA LEU C 163 -5.00 -21.16 -12.99
C LEU C 163 -5.15 -21.36 -11.49
N TYR C 164 -4.73 -22.53 -11.01
CA TYR C 164 -4.93 -22.88 -9.61
C TYR C 164 -3.77 -23.67 -9.02
N LYS C 165 -3.49 -23.40 -7.75
CA LYS C 165 -2.56 -24.20 -6.95
C LYS C 165 -3.29 -24.72 -5.72
N MET C 166 -3.12 -26.00 -5.43
CA MET C 166 -3.80 -26.63 -4.31
C MET C 166 -2.74 -27.13 -3.32
N SER C 167 -2.84 -26.71 -2.06
CA SER C 167 -1.85 -27.08 -1.06
C SER C 167 -2.50 -27.58 0.22
N LYS C 168 -1.94 -28.63 0.81
CA LYS C 168 -2.49 -29.20 2.03
C LYS C 168 -1.40 -29.29 3.10
N LYS C 170 0.98 -27.79 6.27
CA LYS C 170 1.39 -26.50 6.85
C LYS C 170 2.90 -26.38 7.16
N GLY C 171 3.54 -25.38 6.57
CA GLY C 171 4.93 -25.09 6.87
C GLY C 171 5.91 -26.06 6.26
N LYS C 172 6.74 -26.67 7.10
CA LYS C 172 7.86 -27.51 6.64
C LYS C 172 7.37 -28.70 5.83
N LYS C 173 6.20 -29.23 6.18
CA LYS C 173 5.56 -30.24 5.35
C LYS C 173 4.33 -29.64 4.68
N GLU C 174 4.51 -29.22 3.42
CA GLU C 174 3.41 -28.63 2.67
C GLU C 174 3.42 -29.24 1.27
N GLU C 175 2.23 -29.50 0.74
CA GLU C 175 2.10 -30.15 -0.55
C GLU C 175 1.28 -29.28 -1.48
N VAL C 176 1.81 -29.04 -2.68
CA VAL C 176 1.11 -28.25 -3.69
C VAL C 176 1.01 -28.97 -5.04
N ALA C 177 -0.18 -28.95 -5.65
CA ALA C 177 -0.40 -29.48 -6.99
C ALA C 177 -1.07 -28.41 -7.87
N TYR C 178 -1.05 -28.60 -9.18
CA TYR C 178 -1.53 -27.55 -10.08
C TYR C 178 -2.69 -27.99 -10.95
N ALA C 179 -3.59 -27.06 -11.25
CA ALA C 179 -4.68 -27.31 -12.17
C ALA C 179 -4.84 -26.18 -13.20
N TRP C 180 -5.35 -26.52 -14.39
CA TRP C 180 -5.49 -25.55 -15.48
C TRP C 180 -6.92 -25.34 -15.93
N THR C 181 -7.88 -26.00 -15.27
CA THR C 181 -9.25 -25.96 -15.75
C THR C 181 -10.29 -26.28 -14.68
N ASP C 182 -11.51 -25.85 -14.97
CA ASP C 182 -12.71 -26.25 -14.23
C ASP C 182 -12.65 -27.67 -13.68
N GLY C 183 -12.46 -28.64 -14.58
CA GLY C 183 -12.51 -30.04 -14.23
C GLY C 183 -11.30 -30.58 -13.48
N GLU C 184 -10.10 -30.24 -13.98
CA GLU C 184 -8.85 -30.60 -13.29
C GLU C 184 -8.85 -30.29 -11.79
N LEU C 185 -9.34 -29.11 -11.42
CA LEU C 185 -9.45 -28.72 -10.01
C LEU C 185 -10.36 -29.68 -9.26
N GLU C 186 -11.45 -30.10 -9.89
CA GLU C 186 -12.34 -31.06 -9.25
C GLU C 186 -11.55 -32.30 -8.85
N GLU C 187 -10.82 -32.87 -9.79
CA GLU C 187 -10.02 -34.05 -9.52
C GLU C 187 -9.05 -33.79 -8.36
N LEU C 188 -8.37 -32.65 -8.43
CA LEU C 188 -7.42 -32.24 -7.40
C LEU C 188 -8.02 -32.09 -6.01
N ARG C 189 -9.15 -31.41 -5.91
CA ARG C 189 -9.82 -31.17 -4.63
C ARG C 189 -10.21 -32.47 -3.95
N LYS C 190 -10.67 -33.44 -4.73
CA LYS C 190 -10.98 -34.77 -4.20
C LYS C 190 -9.71 -35.43 -3.67
N GLN C 191 -8.63 -35.37 -4.45
CA GLN C 191 -7.34 -35.94 -4.06
C GLN C 191 -6.83 -35.34 -2.75
N PHE C 192 -6.65 -34.02 -2.75
CA PHE C 192 -6.24 -33.26 -1.58
C PHE C 192 -7.27 -33.25 -0.43
N GLY C 193 -8.46 -33.74 -0.72
CA GLY C 193 -9.67 -33.48 0.06
C GLY C 193 -9.67 -32.42 1.15
N LYS C 194 -10.75 -32.40 1.92
CA LYS C 194 -11.04 -31.31 2.85
C LYS C 194 -9.86 -30.93 3.71
N GLY C 195 -9.69 -29.63 3.93
CA GLY C 195 -8.56 -29.11 4.68
C GLY C 195 -7.55 -28.42 3.79
N ALA C 196 -7.52 -28.80 2.53
CA ALA C 196 -6.57 -28.21 1.60
C ALA C 196 -7.07 -26.89 1.04
N THR C 197 -6.20 -25.88 1.04
CA THR C 197 -6.53 -24.56 0.53
C THR C 197 -6.24 -24.42 -0.97
N LEU C 198 -7.10 -23.67 -1.66
CA LEU C 198 -6.92 -23.42 -3.08
C LEU C 198 -6.45 -21.98 -3.30
N GLN C 199 -5.54 -21.80 -4.27
CA GLN C 199 -5.15 -20.47 -4.69
C GLN C 199 -5.51 -20.27 -6.15
N ARG C 200 -6.06 -19.09 -6.45
CA ARG C 200 -6.58 -18.79 -7.76
C ARG C 200 -5.65 -17.74 -8.35
N TYR C 201 -4.60 -18.20 -8.99
CA TYR C 201 -3.52 -17.30 -9.48
C TYR C 201 -4.09 -16.11 -10.23
N LYS C 202 -3.73 -14.90 -9.79
CA LYS C 202 -4.20 -13.66 -10.42
C LYS C 202 -3.19 -13.15 -11.46
N GLY C 203 -1.99 -13.70 -11.45
CA GLY C 203 -0.99 -13.38 -12.45
C GLY C 203 0.32 -14.14 -12.31
N LEU C 204 1.20 -13.97 -13.29
CA LEU C 204 2.49 -14.65 -13.27
C LEU C 204 3.37 -14.18 -12.12
N GLY C 205 3.16 -12.95 -11.68
CA GLY C 205 3.96 -12.42 -10.59
C GLY C 205 3.77 -13.19 -9.28
N GLU C 206 2.64 -13.86 -9.15
CA GLU C 206 2.31 -14.52 -7.89
C GLU C 206 3.07 -15.82 -7.66
N MET C 207 3.85 -16.25 -8.66
CA MET C 207 4.58 -17.52 -8.55
C MET C 207 6.09 -17.41 -8.80
N ASN C 208 6.86 -18.29 -8.16
CA ASN C 208 8.31 -18.17 -8.22
C ASN C 208 8.89 -18.72 -9.52
N ALA C 209 10.21 -18.86 -9.54
CA ALA C 209 10.93 -19.27 -10.75
C ALA C 209 10.91 -20.78 -10.87
N ASP C 210 11.15 -21.47 -9.77
CA ASP C 210 11.01 -22.92 -9.71
C ASP C 210 9.59 -23.30 -10.14
N GLN C 211 8.60 -22.62 -9.57
CA GLN C 211 7.20 -22.86 -9.91
C GLN C 211 6.91 -22.59 -11.38
N LEU C 212 7.42 -21.48 -11.90
CA LEU C 212 7.28 -21.14 -13.32
C LEU C 212 7.89 -22.25 -14.20
N TRP C 213 9.05 -22.75 -13.80
CA TRP C 213 9.73 -23.82 -14.52
C TRP C 213 8.83 -25.04 -14.58
N GLU C 214 8.46 -25.54 -13.41
CA GLU C 214 7.69 -26.77 -13.31
C GLU C 214 6.44 -26.74 -14.18
N THR C 215 5.70 -25.64 -14.14
CA THR C 215 4.38 -25.56 -14.78
C THR C 215 4.31 -25.08 -16.24
N THR C 216 5.14 -24.11 -16.62
CA THR C 216 4.93 -23.47 -17.92
C THR C 216 6.17 -23.30 -18.79
N MET C 217 7.32 -23.75 -18.30
CA MET C 217 8.57 -23.57 -19.04
C MET C 217 9.31 -24.88 -19.36
N ASN C 218 9.33 -25.79 -18.40
CA ASN C 218 10.04 -27.04 -18.56
C ASN C 218 9.40 -27.91 -19.62
N PRO C 219 10.08 -28.09 -20.75
CA PRO C 219 9.56 -28.79 -21.93
C PRO C 219 8.78 -30.07 -21.63
N GLU C 220 9.24 -30.85 -20.67
CA GLU C 220 8.61 -32.14 -20.38
C GLU C 220 7.31 -32.04 -19.57
N THR C 221 7.10 -30.93 -18.86
CA THR C 221 5.88 -30.74 -18.08
C THR C 221 4.97 -29.65 -18.63
N ARG C 222 5.51 -28.75 -19.45
CA ARG C 222 4.74 -27.63 -19.92
C ARG C 222 3.62 -28.06 -20.83
N THR C 223 2.54 -27.29 -20.83
CA THR C 223 1.49 -27.48 -21.80
C THR C 223 1.34 -26.19 -22.63
N LEU C 224 1.59 -26.32 -23.92
CA LEU C 224 1.61 -25.18 -24.82
C LEU C 224 0.44 -25.25 -25.79
N ILE C 225 0.03 -24.09 -26.26
CA ILE C 225 -0.92 -24.00 -27.34
C ILE C 225 -0.13 -23.60 -28.56
N ARG C 226 -0.59 -24.07 -29.71
CA ARG C 226 0.14 -23.87 -30.93
C ARG C 226 -0.85 -23.23 -31.87
N VAL C 227 -0.51 -22.05 -32.35
CA VAL C 227 -1.44 -21.34 -33.17
C VAL C 227 -1.22 -21.83 -34.58
N THR C 228 -2.30 -22.31 -35.17
CA THR C 228 -2.28 -22.66 -36.57
C THR C 228 -3.22 -21.64 -37.14
N ILE C 229 -3.32 -21.58 -38.46
CA ILE C 229 -4.42 -20.84 -39.05
C ILE C 229 -5.15 -21.75 -40.04
N GLU C 230 -6.47 -21.78 -39.93
CA GLU C 230 -7.30 -22.76 -40.63
C GLU C 230 -8.05 -22.12 -41.78
N ASP C 231 -7.38 -21.21 -42.47
CA ASP C 231 -7.92 -20.52 -43.62
C ASP C 231 -6.93 -19.42 -43.87
N LEU C 232 -7.31 -18.37 -44.60
CA LEU C 232 -6.60 -17.12 -44.51
C LEU C 232 -7.61 -16.01 -44.32
N ALA C 233 -8.55 -15.94 -45.25
CA ALA C 233 -9.51 -14.84 -45.31
C ALA C 233 -10.36 -14.76 -44.06
N ARG C 234 -10.84 -15.89 -43.57
CA ARG C 234 -11.63 -15.90 -42.34
C ARG C 234 -10.83 -15.13 -41.30
N ALA C 235 -9.55 -15.46 -41.21
CA ALA C 235 -8.61 -14.81 -40.30
C ALA C 235 -8.48 -13.31 -40.52
N GLU C 236 -8.14 -12.92 -41.75
CA GLU C 236 -7.92 -11.52 -42.08
C GLU C 236 -9.15 -10.64 -41.74
N ARG C 237 -10.35 -11.17 -41.96
CA ARG C 237 -11.57 -10.48 -41.56
C ARG C 237 -11.72 -10.35 -40.05
N ARG C 238 -11.49 -11.45 -39.34
CA ARG C 238 -11.58 -11.43 -37.88
C ARG C 238 -10.57 -10.46 -37.28
N VAL C 239 -9.31 -10.64 -37.67
CA VAL C 239 -8.23 -9.78 -37.21
C VAL C 239 -8.49 -8.32 -37.51
N ASN C 240 -8.98 -8.01 -38.71
CA ASN C 240 -9.31 -6.62 -39.04
C ASN C 240 -10.55 -6.06 -38.29
N VAL C 241 -11.64 -6.80 -38.25
CA VAL C 241 -12.81 -6.30 -37.50
C VAL C 241 -12.40 -6.00 -36.08
N LEU C 242 -11.78 -6.97 -35.40
CA LEU C 242 -11.39 -6.81 -34.00
C LEU C 242 -10.31 -5.73 -33.80
N MET C 243 -9.11 -6.00 -34.31
CA MET C 243 -7.95 -5.15 -34.14
C MET C 243 -7.92 -3.92 -35.03
N GLY C 244 -9.05 -3.53 -35.61
CA GLY C 244 -9.04 -2.55 -36.68
C GLY C 244 -9.38 -1.11 -36.36
N ASP C 245 -9.14 -0.24 -37.33
CA ASP C 245 -9.35 1.20 -37.16
C ASP C 245 -10.81 1.66 -37.34
N LYS C 246 -11.76 0.74 -37.25
CA LYS C 246 -13.15 1.06 -37.64
C LYS C 246 -14.09 1.41 -36.47
N VAL C 247 -14.24 0.48 -35.55
CA VAL C 247 -15.17 0.60 -34.41
C VAL C 247 -16.59 0.13 -34.77
N GLU C 248 -17.32 0.86 -35.61
CA GLU C 248 -18.73 0.49 -35.82
C GLU C 248 -18.95 -1.02 -35.95
N PRO C 249 -18.06 -1.71 -36.71
CA PRO C 249 -18.07 -3.16 -36.94
C PRO C 249 -17.71 -3.93 -35.68
N ARG C 250 -16.68 -3.48 -34.99
CA ARG C 250 -16.31 -4.05 -33.69
C ARG C 250 -17.49 -4.06 -32.75
N ARG C 251 -18.15 -2.91 -32.60
CA ARG C 251 -19.36 -2.82 -31.82
C ARG C 251 -20.39 -3.91 -32.21
N LYS C 252 -20.72 -4.03 -33.50
CA LYS C 252 -21.68 -5.09 -33.88
C LYS C 252 -21.11 -6.44 -33.46
N TRP C 253 -19.85 -6.71 -33.78
CA TRP C 253 -19.26 -7.99 -33.44
C TRP C 253 -19.56 -8.30 -31.97
N ILE C 254 -19.34 -7.30 -31.13
CA ILE C 254 -19.56 -7.39 -29.70
C ILE C 254 -21.02 -7.58 -29.32
N GLU C 255 -21.91 -6.85 -30.00
CA GLU C 255 -23.35 -7.01 -29.79
C GLU C 255 -23.77 -8.45 -30.11
N ASP C 256 -23.43 -8.90 -31.32
CA ASP C 256 -23.81 -10.20 -31.82
C ASP C 256 -23.13 -11.34 -31.07
N ASN C 257 -21.90 -11.11 -30.63
CA ASN C 257 -21.06 -12.19 -30.12
C ASN C 257 -20.77 -12.23 -28.62
N VAL C 258 -20.29 -11.12 -28.06
CA VAL C 258 -20.05 -11.03 -26.62
C VAL C 258 -21.34 -11.22 -25.84
N LYS C 259 -21.51 -12.37 -25.21
CA LYS C 259 -22.77 -12.59 -24.49
C LYS C 259 -22.73 -11.97 -23.09
N PHE C 260 -23.49 -10.90 -22.89
CA PHE C 260 -23.50 -10.19 -21.61
C PHE C 260 -24.52 -10.77 -20.65
N THR C 261 -24.87 -12.03 -20.84
CA THR C 261 -25.89 -12.71 -20.03
C THR C 261 -27.06 -11.79 -19.67
N LYS D 36 14.90 22.39 -12.30
CA LYS D 36 13.83 23.28 -12.74
C LYS D 36 13.20 24.04 -11.58
N LEU D 37 12.93 25.33 -11.80
CA LEU D 37 12.48 26.22 -10.73
C LEU D 37 11.14 26.86 -11.05
N THR D 38 10.30 27.05 -10.02
CA THR D 38 9.04 27.77 -10.21
C THR D 38 9.19 29.21 -9.75
N PRO D 39 9.29 30.13 -10.72
CA PRO D 39 9.71 31.53 -10.59
C PRO D 39 8.65 32.44 -10.01
N ALA D 40 8.99 33.71 -9.87
CA ALA D 40 8.04 34.72 -9.44
C ALA D 40 7.76 35.70 -10.57
N GLN D 41 6.49 36.04 -10.74
CA GLN D 41 6.05 36.88 -11.85
C GLN D 41 6.93 38.12 -12.05
N SER D 42 7.27 38.79 -10.94
CA SER D 42 8.03 40.04 -10.99
C SER D 42 9.48 39.89 -10.50
N LYS D 43 10.32 40.84 -10.90
CA LYS D 43 11.72 40.82 -10.48
C LYS D 43 11.93 41.96 -9.49
N ASN D 44 12.14 41.59 -8.24
CA ASN D 44 12.37 42.56 -7.19
C ASN D 44 13.25 41.98 -6.09
N PRO D 45 14.52 42.40 -6.01
CA PRO D 45 15.42 41.91 -4.96
C PRO D 45 15.12 42.55 -3.60
N ALA D 46 14.13 43.43 -3.55
CA ALA D 46 13.80 44.14 -2.33
C ALA D 46 12.95 43.28 -1.40
N LYS D 47 12.13 42.43 -2.00
CA LYS D 47 11.23 41.56 -1.25
C LYS D 47 10.80 40.44 -2.16
N ASN D 48 11.70 39.48 -2.37
CA ASN D 48 11.41 38.31 -3.18
C ASN D 48 11.93 37.11 -2.44
N GLU D 49 11.10 36.08 -2.36
CA GLU D 49 11.41 34.95 -1.50
C GLU D 49 11.72 33.73 -2.32
N LEU D 50 12.73 33.00 -1.88
CA LEU D 50 13.14 31.77 -2.52
C LEU D 50 12.95 30.65 -1.52
N TYR D 51 12.04 29.73 -1.82
CA TYR D 51 11.72 28.65 -0.91
C TYR D 51 12.44 27.41 -1.38
N LEU D 52 13.20 26.80 -0.48
CA LEU D 52 13.87 25.55 -0.79
C LEU D 52 13.11 24.46 -0.03
N VAL D 53 12.46 23.59 -0.78
CA VAL D 53 11.50 22.69 -0.19
C VAL D 53 12.02 21.29 -0.25
N GLU D 54 11.58 20.44 0.68
CA GLU D 54 12.10 19.11 0.78
C GLU D 54 11.14 18.27 -0.02
N GLY D 55 11.56 17.96 -1.24
CA GLY D 55 10.83 17.03 -2.08
C GLY D 55 9.93 17.66 -3.12
N ASP D 56 9.86 17.04 -4.29
CA ASP D 56 9.07 17.53 -5.39
C ASP D 56 7.61 17.72 -4.98
N SER D 57 7.07 16.74 -4.27
CA SER D 57 5.66 16.72 -3.93
C SER D 57 5.25 17.89 -3.04
N ALA D 58 6.00 18.13 -1.96
CA ALA D 58 5.74 19.27 -1.08
C ALA D 58 5.87 20.58 -1.82
N GLY D 59 6.90 20.68 -2.66
CA GLY D 59 7.09 21.83 -3.52
C GLY D 59 5.86 22.12 -4.36
N GLY D 60 5.31 21.09 -4.99
CA GLY D 60 4.03 21.24 -5.64
C GLY D 60 3.03 21.98 -4.77
N SER D 61 2.77 21.47 -3.56
CA SER D 61 1.84 22.13 -2.66
C SER D 61 2.28 23.55 -2.41
N ALA D 62 3.59 23.76 -2.37
CA ALA D 62 4.13 25.08 -2.16
C ALA D 62 3.74 26.01 -3.31
N LYS D 63 3.98 25.58 -4.55
CA LYS D 63 3.63 26.38 -5.72
C LYS D 63 2.14 26.73 -5.72
N GLN D 64 1.30 25.78 -5.30
CA GLN D 64 -0.15 26.01 -5.28
C GLN D 64 -0.53 27.21 -4.39
N GLY D 65 -0.39 27.06 -3.08
CA GLY D 65 -0.70 28.16 -2.19
C GLY D 65 0.48 29.09 -2.04
N ARG D 66 0.33 30.35 -2.46
CA ARG D 66 1.45 31.27 -2.38
C ARG D 66 1.14 32.51 -3.19
N ASP D 67 1.79 33.61 -2.80
CA ASP D 67 1.70 34.84 -3.57
C ASP D 67 2.78 34.78 -4.65
N ARG D 68 2.38 34.45 -5.87
CA ARG D 68 3.34 34.27 -6.96
C ARG D 68 3.91 35.61 -7.42
N LYS D 69 3.33 36.69 -6.91
CA LYS D 69 3.79 38.04 -7.24
C LYS D 69 5.20 38.31 -6.71
N PHE D 70 5.66 37.48 -5.78
CA PHE D 70 6.99 37.66 -5.21
C PHE D 70 7.53 36.50 -4.37
N GLN D 71 7.13 35.28 -4.65
CA GLN D 71 7.77 34.15 -3.99
C GLN D 71 7.90 32.93 -4.88
N ALA D 72 9.03 32.27 -4.76
CA ALA D 72 9.44 31.23 -5.67
C ALA D 72 9.54 29.91 -4.94
N ILE D 73 9.16 28.82 -5.60
CA ILE D 73 9.39 27.52 -5.02
C ILE D 73 10.52 26.87 -5.82
N LEU D 74 11.48 26.29 -5.11
CA LEU D 74 12.57 25.52 -5.70
C LEU D 74 12.78 24.26 -4.88
N PRO D 75 12.38 23.10 -5.42
CA PRO D 75 12.35 21.86 -4.63
C PRO D 75 13.70 21.15 -4.64
N LEU D 76 13.96 20.39 -3.60
CA LEU D 76 15.20 19.63 -3.45
C LEU D 76 14.84 18.16 -3.48
N ARG D 77 15.10 17.55 -4.63
CA ARG D 77 14.69 16.18 -4.93
C ARG D 77 15.51 15.17 -4.14
N GLY D 78 15.26 15.09 -2.84
CA GLY D 78 15.98 14.17 -1.98
C GLY D 78 17.22 14.75 -1.32
N LYS D 79 17.95 13.89 -0.60
CA LYS D 79 19.03 14.32 0.28
C LYS D 79 20.17 15.10 -0.42
N VAL D 80 20.40 16.34 0.04
CA VAL D 80 21.33 17.32 -0.54
C VAL D 80 22.82 16.98 -0.47
N ILE D 81 23.57 17.34 -1.51
CA ILE D 81 25.02 17.16 -1.54
C ILE D 81 25.68 17.66 -0.27
N ASN D 82 26.61 16.88 0.29
CA ASN D 82 27.40 17.34 1.43
C ASN D 82 28.59 18.17 0.96
N THR D 83 28.39 19.48 0.84
CA THR D 83 29.42 20.39 0.32
C THR D 83 30.55 20.62 1.31
N ALA D 84 30.81 19.63 2.15
CA ALA D 84 31.87 19.69 3.14
C ALA D 84 32.60 18.34 3.13
N LYS D 85 32.08 17.41 2.33
CA LYS D 85 32.55 16.03 2.29
C LYS D 85 32.47 15.54 0.86
N ALA D 86 32.74 16.45 -0.07
CA ALA D 86 32.64 16.16 -1.49
C ALA D 86 33.55 17.10 -2.25
N LYS D 87 34.26 16.59 -3.26
CA LYS D 87 35.22 17.44 -3.93
C LYS D 87 34.48 18.55 -4.67
N MET D 88 35.23 19.47 -5.26
CA MET D 88 34.63 20.65 -5.85
C MET D 88 33.98 20.27 -7.16
N ALA D 89 34.58 19.30 -7.84
CA ALA D 89 34.06 18.80 -9.10
C ALA D 89 32.62 18.34 -8.93
N ASP D 90 32.38 17.51 -7.91
CA ASP D 90 31.06 16.98 -7.64
C ASP D 90 30.05 18.08 -7.33
N ILE D 91 30.47 19.01 -6.48
CA ILE D 91 29.57 20.06 -6.02
C ILE D 91 28.99 20.85 -7.20
N LEU D 92 29.84 21.34 -8.08
CA LEU D 92 29.39 22.11 -9.23
C LEU D 92 28.49 21.29 -10.17
N LYS D 93 28.79 20.00 -10.30
CA LYS D 93 27.97 19.08 -11.11
C LYS D 93 26.60 18.71 -10.52
N ASN D 94 26.38 19.01 -9.23
CA ASN D 94 25.12 18.65 -8.55
C ASN D 94 23.93 19.52 -8.97
N GLU D 95 22.86 18.89 -9.46
CA GLU D 95 21.73 19.62 -10.04
C GLU D 95 21.11 20.68 -9.12
N GLU D 96 20.85 20.27 -7.89
CA GLU D 96 20.26 21.17 -6.90
C GLU D 96 21.11 22.42 -6.72
N ILE D 97 22.39 22.21 -6.39
CA ILE D 97 23.33 23.30 -6.13
C ILE D 97 23.47 24.29 -7.28
N ASN D 98 23.70 23.77 -8.49
CA ASN D 98 23.81 24.62 -9.65
C ASN D 98 22.53 25.44 -9.77
N THR D 99 21.40 24.75 -9.74
CA THR D 99 20.13 25.46 -9.91
C THR D 99 20.00 26.56 -8.87
N MET D 100 20.39 26.26 -7.63
CA MET D 100 20.42 27.26 -6.56
C MET D 100 21.31 28.45 -6.90
N ILE D 101 22.52 28.15 -7.35
CA ILE D 101 23.49 29.20 -7.67
C ILE D 101 22.97 30.12 -8.77
N TYR D 102 22.68 29.57 -9.95
CA TYR D 102 22.18 30.36 -11.06
C TYR D 102 20.85 31.09 -10.78
N THR D 103 19.98 30.52 -9.95
CA THR D 103 18.73 31.19 -9.58
C THR D 103 18.90 32.40 -8.66
N ILE D 104 19.88 32.38 -7.76
CA ILE D 104 20.12 33.51 -6.83
C ILE D 104 21.00 34.56 -7.48
N GLY D 105 21.94 34.12 -8.30
CA GLY D 105 22.70 35.03 -9.16
C GLY D 105 24.15 35.26 -8.74
N ALA D 106 24.33 35.84 -7.57
CA ALA D 106 25.64 36.30 -7.11
C ALA D 106 26.84 35.50 -7.62
N GLY D 107 26.82 34.20 -7.43
CA GLY D 107 27.99 33.37 -7.72
C GLY D 107 28.34 32.55 -6.50
N VAL D 108 29.62 32.29 -6.26
CA VAL D 108 30.00 31.49 -5.09
C VAL D 108 31.40 31.84 -4.57
N ASP D 111 34.72 35.36 -6.64
CA ASP D 111 33.92 34.66 -5.64
C ASP D 111 32.45 35.10 -5.67
N PHE D 112 31.83 35.06 -4.49
CA PHE D 112 30.38 35.14 -4.36
C PHE D 112 29.70 36.41 -4.89
N SER D 113 30.30 37.58 -4.67
CA SER D 113 29.63 38.84 -4.99
C SER D 113 28.38 38.94 -4.12
N ILE D 114 27.46 39.84 -4.46
CA ILE D 114 26.18 39.88 -3.75
C ILE D 114 25.10 40.63 -4.52
N GLU D 115 24.08 41.04 -3.78
CA GLU D 115 22.96 41.79 -4.32
C GLU D 115 23.45 42.88 -5.25
N ALA D 117 21.64 40.90 -6.87
CA ALA D 117 20.71 39.78 -7.08
C ALA D 117 20.63 38.91 -5.83
N ASN D 118 19.50 38.22 -5.61
CA ASN D 118 18.31 38.28 -6.48
C ASN D 118 17.00 38.11 -5.69
N TYR D 119 17.09 37.54 -4.49
CA TYR D 119 15.96 37.48 -3.56
C TYR D 119 16.40 38.17 -2.26
N ASP D 120 15.47 38.72 -1.49
CA ASP D 120 15.85 39.28 -0.19
C ASP D 120 15.34 38.43 0.94
N LYS D 121 15.18 37.15 0.64
CA LYS D 121 14.91 36.09 1.61
C LYS D 121 15.12 34.74 0.95
N ILE D 122 15.98 33.92 1.55
CA ILE D 122 16.09 32.53 1.18
C ILE D 122 15.58 31.71 2.35
N ILE D 123 14.48 31.02 2.14
CA ILE D 123 13.73 30.39 3.20
C ILE D 123 13.67 28.88 3.01
N ILE D 124 14.02 28.14 4.06
CA ILE D 124 14.14 26.70 3.95
C ILE D 124 12.93 26.07 4.60
N MET D 125 12.21 25.25 3.82
CA MET D 125 10.97 24.68 4.29
C MET D 125 11.06 23.18 4.16
N THR D 126 11.14 22.51 5.30
CA THR D 126 11.25 21.05 5.31
C THR D 126 10.27 20.48 6.30
N ASP D 127 10.08 19.18 6.23
CA ASP D 127 9.32 18.46 7.22
C ASP D 127 9.94 18.79 8.56
N ALA D 128 9.13 18.69 9.62
CA ALA D 128 9.64 18.75 10.98
C ALA D 128 9.93 17.35 11.44
N ASP D 129 10.88 16.68 10.80
CA ASP D 129 11.30 15.39 11.29
C ASP D 129 12.82 15.28 11.24
N THR D 130 13.35 14.12 11.59
CA THR D 130 14.79 13.98 11.68
C THR D 130 15.41 14.19 10.31
N ASP D 131 14.80 13.59 9.30
CA ASP D 131 15.29 13.71 7.94
C ASP D 131 15.19 15.15 7.44
N GLY D 132 14.19 15.88 7.93
CA GLY D 132 14.04 17.29 7.58
C GLY D 132 15.21 18.06 8.17
N ALA D 133 15.43 17.84 9.46
CA ALA D 133 16.55 18.44 10.14
C ALA D 133 17.84 18.14 9.39
N HIS D 134 18.03 16.91 8.97
CA HIS D 134 19.22 16.56 8.21
C HIS D 134 19.43 17.46 6.98
N ILE D 135 18.38 17.71 6.18
CA ILE D 135 18.49 18.60 5.02
C ILE D 135 18.83 20.06 5.39
N GLN D 136 18.33 20.53 6.53
CA GLN D 136 18.71 21.86 7.06
C GLN D 136 20.20 21.94 7.36
N THR D 137 20.72 20.89 8.01
CA THR D 137 22.15 20.72 8.21
C THR D 137 22.92 20.91 6.89
N LEU D 138 22.54 20.12 5.89
CA LEU D 138 23.18 20.09 4.57
C LEU D 138 23.10 21.40 3.78
N LEU D 139 21.98 22.09 3.94
CA LEU D 139 21.78 23.36 3.27
C LEU D 139 22.62 24.48 3.89
N LEU D 140 22.51 24.67 5.20
CA LEU D 140 23.30 25.69 5.86
C LEU D 140 24.79 25.40 5.72
N THR D 141 25.18 24.12 5.67
CA THR D 141 26.58 23.82 5.44
C THR D 141 27.02 24.47 4.15
N PHE D 142 26.27 24.19 3.10
CA PHE D 142 26.58 24.76 1.80
C PHE D 142 26.59 26.26 1.86
N PHE D 143 25.51 26.85 2.36
CA PHE D 143 25.41 28.30 2.42
C PHE D 143 26.55 28.89 3.23
N TYR D 144 26.81 28.28 4.38
CA TYR D 144 27.87 28.72 5.26
C TYR D 144 29.20 28.74 4.53
N ARG D 145 29.53 27.63 3.88
CA ARG D 145 30.81 27.51 3.19
C ARG D 145 30.97 28.43 1.97
N TYR D 146 30.05 28.35 1.01
CA TYR D 146 30.15 29.14 -0.22
C TYR D 146 29.48 30.53 -0.22
N MET D 147 28.14 30.56 -0.19
CA MET D 147 27.40 31.83 -0.07
C MET D 147 27.50 32.61 1.27
N ARG D 148 28.62 32.48 1.99
CA ARG D 148 28.74 32.97 3.37
C ARG D 148 28.21 34.39 3.69
N PRO D 149 28.36 35.35 2.77
CA PRO D 149 27.80 36.65 3.11
C PRO D 149 26.29 36.62 3.31
N LEU D 150 25.59 35.81 2.53
CA LEU D 150 24.13 35.74 2.56
C LEU D 150 23.60 35.61 3.98
N VAL D 151 24.15 34.64 4.71
CA VAL D 151 23.78 34.42 6.10
C VAL D 151 24.13 35.62 6.99
N GLU D 152 25.35 36.12 6.87
CA GLU D 152 25.80 37.26 7.69
C GLU D 152 24.86 38.45 7.54
N ALA D 153 24.49 38.77 6.31
CA ALA D 153 23.47 39.78 6.03
C ALA D 153 22.09 39.35 6.52
N GLY D 154 22.02 38.17 7.12
CA GLY D 154 20.76 37.64 7.63
C GLY D 154 19.69 37.47 6.57
N HIS D 155 20.01 36.74 5.52
CA HIS D 155 19.07 36.52 4.43
C HIS D 155 18.54 35.08 4.41
N VAL D 156 19.22 34.21 5.13
CA VAL D 156 18.84 32.81 5.20
C VAL D 156 17.91 32.54 6.39
N TYR D 157 16.76 31.95 6.10
CA TYR D 157 15.78 31.64 7.12
C TYR D 157 15.41 30.15 7.06
N ILE D 158 14.89 29.66 8.17
CA ILE D 158 14.31 28.33 8.24
C ILE D 158 12.87 28.56 8.65
N ALA D 159 11.94 27.86 8.03
CA ALA D 159 10.53 28.11 8.30
C ALA D 159 9.92 27.00 9.15
N LEU D 160 9.03 27.39 10.06
CA LEU D 160 8.56 26.47 11.07
C LEU D 160 7.14 26.05 10.79
N PRO D 161 6.99 24.91 10.10
CA PRO D 161 5.67 24.38 9.83
C PRO D 161 5.12 24.01 11.16
N PRO D 162 3.80 23.91 11.28
CA PRO D 162 3.18 23.57 12.56
C PRO D 162 3.46 22.10 12.90
N LEU D 163 3.49 21.77 14.18
CA LEU D 163 3.67 20.38 14.59
C LEU D 163 2.33 19.71 14.87
N TYR D 164 1.31 20.52 15.11
CA TYR D 164 0.00 19.99 15.50
C TYR D 164 -1.16 20.77 14.90
N LYS D 165 -2.24 20.06 14.59
CA LYS D 165 -3.50 20.66 14.21
C LYS D 165 -4.58 20.13 15.14
N MET D 166 -5.43 21.01 15.64
CA MET D 166 -6.47 20.64 16.59
C MET D 166 -7.82 20.95 15.95
N SER D 167 -8.70 19.96 15.88
CA SER D 167 -10.00 20.15 15.25
C SER D 167 -11.13 19.60 16.09
N LYS D 168 -12.24 20.33 16.16
CA LYS D 168 -13.38 19.90 16.94
C LYS D 168 -14.65 19.89 16.11
N LYS D 170 -17.37 18.16 13.38
CA LYS D 170 -17.46 17.08 12.40
C LYS D 170 -18.10 17.46 11.05
N GLY D 171 -17.36 17.27 9.97
CA GLY D 171 -17.89 17.49 8.64
C GLY D 171 -18.05 18.95 8.26
N LYS D 172 -19.27 19.33 7.90
CA LYS D 172 -19.53 20.66 7.33
C LYS D 172 -19.19 21.77 8.34
N LYS D 173 -19.39 21.49 9.62
CA LYS D 173 -18.92 22.41 10.66
C LYS D 173 -17.75 21.78 11.38
N GLU D 174 -16.55 22.17 10.98
CA GLU D 174 -15.34 21.65 11.61
C GLU D 174 -14.40 22.81 11.86
N GLU D 175 -13.72 22.77 13.00
CA GLU D 175 -12.84 23.85 13.40
C GLU D 175 -11.44 23.33 13.63
N VAL D 176 -10.45 23.98 13.02
CA VAL D 176 -9.06 23.59 13.20
C VAL D 176 -8.16 24.79 13.61
N ALA D 177 -7.30 24.57 14.59
CA ALA D 177 -6.30 25.55 15.01
C ALA D 177 -4.90 24.91 15.02
N TYR D 178 -3.85 25.73 15.06
CA TYR D 178 -2.51 25.18 14.91
C TYR D 178 -1.61 25.46 16.11
N ALA D 179 -0.71 24.54 16.41
CA ALA D 179 0.28 24.74 17.45
C ALA D 179 1.70 24.34 16.99
N TRP D 180 2.72 24.98 17.55
CA TRP D 180 4.09 24.74 17.14
C TRP D 180 4.98 24.21 18.26
N THR D 181 4.40 23.96 19.44
CA THR D 181 5.21 23.59 20.58
C THR D 181 4.45 22.84 21.67
N ASP D 182 5.21 22.16 22.51
CA ASP D 182 4.76 21.58 23.76
C ASP D 182 3.65 22.40 24.44
N GLY D 183 3.97 23.66 24.73
CA GLY D 183 3.08 24.53 25.50
C GLY D 183 1.89 25.06 24.76
N GLU D 184 2.11 25.54 23.54
CA GLU D 184 1.02 26.02 22.67
C GLU D 184 -0.14 25.03 22.56
N LEU D 185 0.18 23.75 22.39
CA LEU D 185 -0.85 22.69 22.33
C LEU D 185 -1.65 22.64 23.64
N GLU D 186 -0.98 22.79 24.77
CA GLU D 186 -1.68 22.84 26.04
C GLU D 186 -2.77 23.91 26.00
N GLU D 187 -2.40 25.12 25.63
CA GLU D 187 -3.36 26.21 25.54
C GLU D 187 -4.50 25.84 24.61
N LEU D 188 -4.16 25.30 23.43
CA LEU D 188 -5.15 24.88 22.44
C LEU D 188 -6.13 23.80 22.94
N ARG D 189 -5.59 22.76 23.57
CA ARG D 189 -6.41 21.66 24.06
C ARG D 189 -7.45 22.13 25.08
N LYS D 190 -7.05 23.05 25.95
CA LYS D 190 -7.98 23.66 26.90
C LYS D 190 -9.08 24.42 26.14
N GLN D 191 -8.67 25.24 25.17
CA GLN D 191 -9.62 26.01 24.37
C GLN D 191 -10.64 25.11 23.65
N PHE D 192 -10.13 24.19 22.83
CA PHE D 192 -10.93 23.19 22.13
C PHE D 192 -11.63 22.17 23.05
N GLY D 193 -11.25 22.19 24.32
CA GLY D 193 -11.47 21.08 25.26
C GLY D 193 -11.96 19.74 24.75
N LYS D 194 -12.33 18.88 25.70
CA LYS D 194 -12.59 17.47 25.43
C LYS D 194 -13.50 17.25 24.24
N GLY D 195 -13.18 16.24 23.44
CA GLY D 195 -13.92 15.94 22.25
C GLY D 195 -13.15 16.29 20.99
N ALA D 196 -12.23 17.24 21.13
CA ALA D 196 -11.45 17.66 19.97
C ALA D 196 -10.27 16.72 19.71
N THR D 197 -10.09 16.34 18.45
CA THR D 197 -9.00 15.46 18.06
C THR D 197 -7.73 16.23 17.68
N LEU D 198 -6.58 15.66 18.02
CA LEU D 198 -5.29 16.26 17.69
C LEU D 198 -4.62 15.49 16.55
N GLN D 199 -3.97 16.21 15.66
CA GLN D 199 -3.14 15.60 14.62
C GLN D 199 -1.70 16.04 14.79
N ARG D 200 -0.80 15.08 14.66
CA ARG D 200 0.60 15.28 14.93
C ARG D 200 1.30 15.19 13.57
N TYR D 201 1.34 16.31 12.86
CA TYR D 201 1.85 16.32 11.48
C TYR D 201 3.17 15.55 11.34
N LYS D 202 3.21 14.59 10.43
CA LYS D 202 4.40 13.78 10.19
C LYS D 202 5.23 14.34 9.02
N GLY D 203 4.64 15.25 8.26
CA GLY D 203 5.36 15.93 7.21
C GLY D 203 4.55 17.00 6.47
N LEU D 204 5.23 17.73 5.58
CA LEU D 204 4.57 18.79 4.82
C LEU D 204 3.54 18.23 3.87
N GLY D 205 3.73 16.99 3.43
CA GLY D 205 2.80 16.37 2.52
C GLY D 205 1.40 16.20 3.11
N GLU D 206 1.30 16.17 4.44
CA GLU D 206 0.04 15.90 5.10
C GLU D 206 -0.93 17.07 5.09
N MET D 207 -0.47 18.23 4.62
CA MET D 207 -1.30 19.44 4.62
C MET D 207 -1.46 20.11 3.26
N ASN D 208 -2.59 20.79 3.06
CA ASN D 208 -2.91 21.34 1.76
C ASN D 208 -2.18 22.65 1.49
N ALA D 209 -2.58 23.33 0.42
CA ALA D 209 -1.91 24.55 -0.03
C ALA D 209 -2.43 25.73 0.76
N ASP D 210 -3.74 25.78 0.94
CA ASP D 210 -4.37 26.79 1.77
C ASP D 210 -3.78 26.71 3.18
N GLN D 211 -3.70 25.49 3.70
CA GLN D 211 -3.12 25.25 5.02
C GLN D 211 -1.65 25.67 5.08
N LEU D 212 -0.87 25.30 4.06
CA LEU D 212 0.53 25.73 3.97
C LEU D 212 0.65 27.25 3.98
N TRP D 213 -0.23 27.92 3.23
CA TRP D 213 -0.26 29.37 3.17
C TRP D 213 -0.46 29.94 4.56
N GLU D 214 -1.59 29.58 5.16
CA GLU D 214 -1.97 30.12 6.45
C GLU D 214 -0.87 30.01 7.51
N THR D 215 -0.23 28.84 7.59
CA THR D 215 0.73 28.55 8.66
C THR D 215 2.22 28.89 8.43
N THR D 216 2.72 28.71 7.20
CA THR D 216 4.17 28.79 7.03
C THR D 216 4.64 29.63 5.85
N MET D 217 3.71 30.21 5.10
CA MET D 217 4.08 30.97 3.90
C MET D 217 3.60 32.43 3.91
N ASN D 218 2.37 32.64 4.38
CA ASN D 218 1.79 33.97 4.40
C ASN D 218 2.51 34.90 5.36
N PRO D 219 3.23 35.88 4.83
CA PRO D 219 4.10 36.78 5.59
C PRO D 219 3.51 37.26 6.92
N GLU D 220 2.22 37.55 6.95
CA GLU D 220 1.61 38.12 8.16
C GLU D 220 1.31 37.09 9.26
N THR D 221 1.24 35.81 8.89
CA THR D 221 0.98 34.75 9.87
C THR D 221 2.17 33.82 10.09
N ARG D 222 3.09 33.80 9.14
CA ARG D 222 4.20 32.85 9.23
C ARG D 222 5.10 33.17 10.39
N THR D 223 5.73 32.14 10.93
CA THR D 223 6.79 32.32 11.89
C THR D 223 8.07 31.70 11.34
N LEU D 224 9.07 32.55 11.16
CA LEU D 224 10.32 32.16 10.54
C LEU D 224 11.45 32.21 11.55
N ILE D 225 12.48 31.41 11.29
CA ILE D 225 13.72 31.48 12.03
C ILE D 225 14.71 32.13 11.11
N ARG D 226 15.62 32.88 11.71
CA ARG D 226 16.56 33.65 10.94
C ARG D 226 17.91 33.22 11.43
N VAL D 227 18.74 32.72 10.52
CA VAL D 227 20.01 32.22 10.94
C VAL D 227 20.95 33.39 10.96
N THR D 228 21.57 33.59 12.11
CA THR D 228 22.63 34.57 12.24
C THR D 228 23.81 33.69 12.50
N ILE D 229 25.00 34.27 12.53
CA ILE D 229 26.12 33.55 13.08
C ILE D 229 26.78 34.43 14.13
N GLU D 230 27.06 33.84 15.30
CA GLU D 230 27.47 34.58 16.49
C GLU D 230 28.95 34.36 16.77
N ASP D 231 29.74 34.31 15.71
CA ASP D 231 31.16 34.13 15.79
C ASP D 231 31.58 33.85 14.36
N LEU D 232 32.74 33.27 14.14
CA LEU D 232 33.00 32.58 12.90
C LEU D 232 33.59 31.23 13.21
N ALA D 233 34.69 31.24 13.96
CA ALA D 233 35.48 30.05 14.24
C ALA D 233 34.66 29.00 14.98
N ARG D 234 33.90 29.41 15.98
CA ARG D 234 33.05 28.46 16.70
C ARG D 234 32.27 27.69 15.65
N ALA D 235 31.68 28.44 14.72
CA ALA D 235 30.91 27.88 13.61
C ALA D 235 31.70 26.92 12.73
N GLU D 236 32.84 27.38 12.22
CA GLU D 236 33.65 26.58 11.29
C GLU D 236 34.07 25.24 11.92
N ARG D 237 34.37 25.24 13.22
CA ARG D 237 34.65 24.00 13.93
C ARG D 237 33.44 23.08 14.03
N ARG D 238 32.31 23.64 14.43
CA ARG D 238 31.09 22.86 14.54
C ARG D 238 30.69 22.25 13.21
N VAL D 239 30.61 23.11 12.19
CA VAL D 239 30.26 22.69 10.85
C VAL D 239 31.21 21.62 10.31
N ASN D 240 32.52 21.80 10.54
CA ASN D 240 33.48 20.78 10.13
C ASN D 240 33.43 19.45 10.92
N VAL D 241 33.37 19.52 12.26
CA VAL D 241 33.26 18.28 13.03
C VAL D 241 32.04 17.50 12.56
N LEU D 242 30.88 18.16 12.55
CA LEU D 242 29.63 17.49 12.17
C LEU D 242 29.62 17.02 10.70
N MET D 243 29.60 18.00 9.79
CA MET D 243 29.50 17.77 8.36
C MET D 243 30.78 17.29 7.68
N GLY D 244 31.75 16.82 8.44
CA GLY D 244 33.08 16.62 7.90
C GLY D 244 33.51 15.24 7.48
N ASP D 245 34.65 15.17 6.80
CA ASP D 245 35.17 13.92 6.26
C ASP D 245 35.92 13.05 7.28
N LYS D 246 35.74 13.30 8.58
CA LYS D 246 36.59 12.67 9.59
C LYS D 246 35.99 11.42 10.26
N VAL D 247 34.83 11.58 10.89
CA VAL D 247 34.18 10.52 11.66
C VAL D 247 34.68 10.47 13.11
N GLU D 248 35.92 10.04 13.36
CA GLU D 248 36.33 9.82 14.76
C GLU D 248 35.88 10.94 15.71
N PRO D 249 35.99 12.21 15.26
CA PRO D 249 35.57 13.41 15.99
C PRO D 249 34.07 13.52 16.12
N ARG D 250 33.37 13.26 15.02
CA ARG D 250 31.91 13.18 15.03
C ARG D 250 31.42 12.20 16.08
N ARG D 251 31.96 10.99 16.06
CA ARG D 251 31.66 10.03 17.09
C ARG D 251 31.82 10.61 18.52
N LYS D 252 32.98 11.21 18.83
CA LYS D 252 33.13 11.81 20.18
C LYS D 252 32.05 12.86 20.39
N TRP D 253 31.86 13.73 19.41
CA TRP D 253 30.85 14.78 19.57
C TRP D 253 29.54 14.15 20.02
N ILE D 254 29.18 13.06 19.36
CA ILE D 254 27.96 12.30 19.64
C ILE D 254 27.96 11.64 21.02
N GLU D 255 29.09 11.03 21.40
CA GLU D 255 29.25 10.46 22.74
C GLU D 255 29.05 11.53 23.81
N ASP D 256 29.81 12.61 23.69
CA ASP D 256 29.79 13.70 24.66
C ASP D 256 28.47 14.48 24.67
N ASN D 257 27.85 14.61 23.51
CA ASN D 257 26.72 15.52 23.35
C ASN D 257 25.32 14.92 23.17
N VAL D 258 25.16 14.01 22.22
CA VAL D 258 23.92 13.25 22.01
C VAL D 258 23.50 12.47 23.25
N LYS D 259 22.57 12.99 24.04
CA LYS D 259 22.17 12.24 25.23
C LYS D 259 21.22 11.09 24.90
N PHE D 260 21.71 9.85 25.02
CA PHE D 260 20.91 8.66 24.72
C PHE D 260 20.12 8.19 25.93
N THR D 261 19.84 9.10 26.86
CA THR D 261 19.14 8.76 28.10
C THR D 261 19.55 7.39 28.65
#